data_1J2P
#
_entry.id   1J2P
#
_cell.length_a   193.755
_cell.length_b   214.226
_cell.length_c   43.963
_cell.angle_alpha   90.00
_cell.angle_beta   90.00
_cell.angle_gamma   90.00
#
_symmetry.space_group_name_H-M   'P 21 21 2'
#
loop_
_entity.id
_entity.type
_entity.pdbx_description
1 polymer 'Proteasome alpha subunit'
2 water water
#
_entity_poly.entity_id   1
_entity_poly.type   'polypeptide(L)'
_entity_poly.pdbx_seq_one_letter_code
;MHLPQMGYDRAITVFSPDGRLFQVEYAREAVKRGATAIGIKCKEGVILIADKRVGSKLLEKDTIEKIYKIDEHICAATSG
LVADARVLIDRARIEAQINRLTYDIPITVKELAKKICDFKQQYTQYGGVRPFGVSLLIAGVNEVPKLYETDPSGALLEYK
ATAIGMGRMAVTEFFEKEYRDDLSFDDAMVLGLVAMGLSIESELVPENIEVGYVKVDDRTFKEVSPEELKPYVERANERI
RELLKK
;
_entity_poly.pdbx_strand_id   A,B,C,D,E,F,G
#
# COMPACT_ATOMS: atom_id res chain seq x y z
N PRO A 4 10.88 19.91 -16.51
CA PRO A 4 11.53 19.99 -15.19
C PRO A 4 10.70 20.89 -14.28
N GLN A 5 9.43 20.54 -14.11
CA GLN A 5 8.54 21.33 -13.28
C GLN A 5 8.10 20.60 -12.02
N MET A 6 8.39 21.21 -10.87
CA MET A 6 8.04 20.64 -9.57
C MET A 6 6.54 20.35 -9.59
N GLY A 7 6.11 19.38 -8.81
CA GLY A 7 4.69 19.05 -8.79
C GLY A 7 4.39 17.85 -9.66
N TYR A 8 5.19 17.62 -10.69
CA TYR A 8 4.99 16.48 -11.58
C TYR A 8 6.24 15.63 -11.75
N ASP A 9 7.32 15.97 -11.05
CA ASP A 9 8.57 15.24 -11.22
C ASP A 9 9.09 14.33 -10.11
N ARG A 10 8.25 13.95 -9.15
CA ARG A 10 8.77 13.07 -8.12
C ARG A 10 7.98 11.78 -7.91
N ALA A 11 7.33 11.32 -8.97
CA ALA A 11 6.56 10.08 -8.96
C ALA A 11 6.56 9.51 -10.39
N ILE A 12 7.27 8.40 -10.57
CA ILE A 12 7.39 7.76 -11.87
C ILE A 12 6.08 7.54 -12.64
N THR A 13 4.99 7.37 -11.90
CA THR A 13 3.71 7.12 -12.52
C THR A 13 2.92 8.35 -12.93
N VAL A 14 3.46 9.53 -12.67
CA VAL A 14 2.75 10.76 -13.02
C VAL A 14 3.26 11.41 -14.30
N PHE A 15 2.33 11.72 -15.20
CA PHE A 15 2.65 12.40 -16.44
C PHE A 15 2.61 13.90 -16.11
N SER A 16 3.44 14.69 -16.80
CA SER A 16 3.47 16.12 -16.60
C SER A 16 2.41 16.68 -17.55
N PRO A 17 2.07 17.97 -17.42
CA PRO A 17 1.06 18.53 -18.32
C PRO A 17 1.44 18.42 -19.80
N ASP A 18 2.73 18.39 -20.10
CA ASP A 18 3.13 18.25 -21.49
C ASP A 18 3.51 16.80 -21.87
N GLY A 19 2.91 15.84 -21.16
CA GLY A 19 3.13 14.43 -21.44
C GLY A 19 4.50 13.81 -21.27
N ARG A 20 5.14 14.08 -20.15
CA ARG A 20 6.46 13.53 -19.91
C ARG A 20 6.53 12.78 -18.59
N LEU A 21 7.58 11.97 -18.48
CA LEU A 21 7.86 11.18 -17.28
C LEU A 21 9.20 11.70 -16.76
N PHE A 22 9.15 12.81 -16.03
CA PHE A 22 10.37 13.41 -15.51
C PHE A 22 11.27 12.48 -14.71
N GLN A 23 10.70 11.52 -13.95
CA GLN A 23 11.56 10.62 -13.19
C GLN A 23 12.42 9.78 -14.13
N VAL A 24 11.92 9.54 -15.33
CA VAL A 24 12.68 8.78 -16.33
C VAL A 24 13.77 9.70 -16.88
N GLU A 25 13.43 10.96 -17.10
CA GLU A 25 14.41 11.90 -17.62
C GLU A 25 15.51 12.13 -16.59
N TYR A 26 15.12 12.14 -15.32
CA TYR A 26 16.08 12.31 -14.26
C TYR A 26 16.98 11.07 -14.18
N ALA A 27 16.39 9.90 -14.34
CA ALA A 27 17.17 8.67 -14.30
C ALA A 27 18.22 8.75 -15.40
N ARG A 28 17.85 9.31 -16.55
CA ARG A 28 18.79 9.44 -17.65
C ARG A 28 19.98 10.32 -17.25
N GLU A 29 19.78 11.23 -16.29
CA GLU A 29 20.87 12.08 -15.85
C GLU A 29 21.93 11.25 -15.15
N ALA A 30 21.52 10.10 -14.62
CA ALA A 30 22.46 9.24 -13.93
C ALA A 30 23.41 8.57 -14.93
N VAL A 31 22.89 8.12 -16.07
CA VAL A 31 23.78 7.47 -17.01
C VAL A 31 24.77 8.45 -17.65
N LYS A 32 24.40 9.73 -17.71
CA LYS A 32 25.29 10.75 -18.26
C LYS A 32 26.62 10.83 -17.51
N ARG A 33 26.57 10.57 -16.20
CA ARG A 33 27.75 10.64 -15.35
C ARG A 33 28.71 9.47 -15.46
N GLY A 34 28.32 8.41 -16.16
CA GLY A 34 29.19 7.26 -16.28
C GLY A 34 30.30 7.33 -17.30
N ALA A 35 31.32 6.50 -17.10
CA ALA A 35 32.44 6.45 -18.03
C ALA A 35 31.79 6.13 -19.39
N THR A 36 32.28 6.74 -20.45
CA THR A 36 31.69 6.52 -21.75
C THR A 36 32.01 5.17 -22.37
N ALA A 37 31.01 4.57 -22.99
CA ALA A 37 31.17 3.27 -23.65
C ALA A 37 30.74 3.48 -25.09
N ILE A 38 31.57 3.00 -26.00
CA ILE A 38 31.32 3.14 -27.42
C ILE A 38 31.00 1.81 -28.10
N GLY A 39 30.14 1.89 -29.11
CA GLY A 39 29.76 0.72 -29.86
C GLY A 39 29.85 1.05 -31.33
N ILE A 40 30.51 0.20 -32.09
CA ILE A 40 30.63 0.42 -33.52
C ILE A 40 30.52 -0.90 -34.27
N LYS A 41 29.68 -0.90 -35.29
CA LYS A 41 29.45 -2.09 -36.09
C LYS A 41 30.03 -1.91 -37.49
N CYS A 42 30.41 -3.02 -38.10
CA CYS A 42 30.96 -3.02 -39.45
C CYS A 42 30.55 -4.30 -40.14
N LYS A 43 31.05 -4.50 -41.34
CA LYS A 43 30.74 -5.68 -42.16
C LYS A 43 31.05 -7.01 -41.47
N GLU A 44 32.27 -7.13 -40.97
CA GLU A 44 32.72 -8.36 -40.34
C GLU A 44 32.46 -8.56 -38.84
N GLY A 45 31.84 -7.58 -38.19
CA GLY A 45 31.56 -7.75 -36.78
C GLY A 45 31.19 -6.49 -36.04
N VAL A 46 31.08 -6.61 -34.72
CA VAL A 46 30.73 -5.49 -33.86
C VAL A 46 31.76 -5.31 -32.75
N ILE A 47 32.03 -4.05 -32.42
CA ILE A 47 33.04 -3.74 -31.41
C ILE A 47 32.49 -2.87 -30.28
N LEU A 48 33.00 -3.09 -29.07
CA LEU A 48 32.59 -2.34 -27.90
C LEU A 48 33.86 -1.81 -27.22
N ILE A 49 33.91 -0.49 -27.02
CA ILE A 49 35.06 0.12 -26.39
C ILE A 49 34.62 0.90 -25.17
N ALA A 50 35.26 0.65 -24.03
CA ALA A 50 34.90 1.35 -22.80
C ALA A 50 36.10 1.97 -22.12
N ASP A 51 35.88 3.11 -21.49
CA ASP A 51 36.91 3.82 -20.76
C ASP A 51 36.98 3.26 -19.34
N LYS A 52 38.15 2.78 -18.94
CA LYS A 52 38.29 2.21 -17.61
C LYS A 52 39.29 2.94 -16.73
N ARG A 53 39.55 4.20 -17.04
CA ARG A 53 40.46 5.00 -16.23
C ARG A 53 39.90 5.13 -14.82
N VAL A 54 40.73 4.91 -13.82
CA VAL A 54 40.30 5.02 -12.43
C VAL A 54 40.99 6.18 -11.76
N GLY A 55 40.35 6.74 -10.73
CA GLY A 55 40.93 7.87 -10.03
C GLY A 55 41.91 7.48 -8.94
N SER A 56 42.04 6.18 -8.68
CA SER A 56 42.94 5.72 -7.63
C SER A 56 43.69 4.46 -8.01
N LYS A 57 44.91 4.34 -7.50
CA LYS A 57 45.76 3.19 -7.76
C LYS A 57 45.44 2.05 -6.79
N LEU A 58 44.60 2.34 -5.80
CA LEU A 58 44.23 1.33 -4.82
C LEU A 58 43.20 0.37 -5.36
N LEU A 59 42.52 0.76 -6.45
CA LEU A 59 41.53 -0.11 -7.07
C LEU A 59 42.24 -1.20 -7.84
N GLU A 60 41.78 -2.43 -7.67
CA GLU A 60 42.35 -3.56 -8.37
C GLU A 60 41.84 -3.47 -9.81
N LYS A 61 42.34 -2.48 -10.55
CA LYS A 61 41.91 -2.28 -11.93
C LYS A 61 42.23 -3.48 -12.82
N ASP A 62 43.15 -4.33 -12.36
CA ASP A 62 43.53 -5.51 -13.12
C ASP A 62 42.36 -6.48 -13.20
N THR A 63 41.28 -6.15 -12.48
CA THR A 63 40.10 -6.99 -12.45
C THR A 63 38.83 -6.18 -12.74
N ILE A 64 39.01 -4.94 -13.19
CA ILE A 64 37.86 -4.10 -13.51
C ILE A 64 37.31 -4.53 -14.86
N GLU A 65 35.99 -4.66 -14.95
CA GLU A 65 35.36 -5.08 -16.20
C GLU A 65 34.30 -4.07 -16.63
N LYS A 66 34.46 -3.53 -17.83
CA LYS A 66 33.50 -2.57 -18.37
C LYS A 66 32.69 -3.19 -19.50
N ILE A 67 33.21 -4.25 -20.09
CA ILE A 67 32.53 -4.94 -21.17
C ILE A 67 32.23 -6.35 -20.66
N TYR A 68 30.96 -6.75 -20.68
CA TYR A 68 30.59 -8.05 -20.15
C TYR A 68 30.05 -9.04 -21.16
N LYS A 69 30.52 -10.28 -21.04
CA LYS A 69 30.07 -11.35 -21.90
C LYS A 69 28.73 -11.83 -21.35
N ILE A 70 27.73 -11.91 -22.23
CA ILE A 70 26.40 -12.33 -21.83
C ILE A 70 26.23 -13.79 -22.22
N ASP A 71 26.73 -14.12 -23.41
CA ASP A 71 26.68 -15.46 -23.94
C ASP A 71 27.85 -15.54 -24.91
N GLU A 72 28.05 -16.69 -25.54
CA GLU A 72 29.17 -16.84 -26.46
C GLU A 72 29.20 -15.80 -27.57
N HIS A 73 28.04 -15.38 -28.05
CA HIS A 73 27.94 -14.42 -29.14
C HIS A 73 27.38 -13.05 -28.73
N ILE A 74 26.96 -12.90 -27.48
CA ILE A 74 26.41 -11.63 -27.05
C ILE A 74 27.35 -10.89 -26.10
N CYS A 75 27.42 -9.58 -26.31
CA CYS A 75 28.31 -8.68 -25.61
C CYS A 75 27.54 -7.50 -25.00
N ALA A 76 28.10 -6.84 -23.99
CA ALA A 76 27.39 -5.70 -23.37
C ALA A 76 28.23 -4.71 -22.56
N ALA A 77 27.90 -3.42 -22.68
CA ALA A 77 28.57 -2.36 -21.95
C ALA A 77 27.52 -1.65 -21.06
N THR A 78 28.01 -0.86 -20.11
CA THR A 78 27.11 -0.23 -19.14
C THR A 78 27.44 1.24 -18.82
N SER A 79 26.42 1.96 -18.36
CA SER A 79 26.59 3.35 -17.93
C SER A 79 25.44 3.76 -17.02
N GLY A 80 25.76 4.37 -15.89
CA GLY A 80 24.76 4.78 -14.92
C GLY A 80 25.02 4.22 -13.53
N LEU A 81 23.99 4.09 -12.70
CA LEU A 81 24.14 3.54 -11.35
C LEU A 81 24.81 2.16 -11.39
N VAL A 82 25.91 2.01 -10.65
CA VAL A 82 26.69 0.79 -10.62
C VAL A 82 25.95 -0.49 -10.25
N ALA A 83 25.37 -0.51 -9.05
CA ALA A 83 24.63 -1.66 -8.59
C ALA A 83 23.49 -2.02 -9.56
N ASP A 84 22.76 -1.02 -10.03
CA ASP A 84 21.67 -1.25 -10.98
C ASP A 84 22.20 -1.96 -12.22
N ALA A 85 23.34 -1.50 -12.72
CA ALA A 85 23.93 -2.09 -13.92
C ALA A 85 24.27 -3.56 -13.76
N ARG A 86 24.95 -3.91 -12.67
CA ARG A 86 25.33 -5.29 -12.40
C ARG A 86 24.11 -6.19 -12.41
N VAL A 87 23.03 -5.74 -11.76
CA VAL A 87 21.80 -6.51 -11.69
C VAL A 87 21.22 -6.77 -13.06
N LEU A 88 21.28 -5.76 -13.92
CA LEU A 88 20.78 -5.87 -15.29
C LEU A 88 21.59 -6.88 -16.10
N ILE A 89 22.91 -6.88 -15.92
CA ILE A 89 23.75 -7.83 -16.64
C ILE A 89 23.53 -9.28 -16.20
N ASP A 90 23.34 -9.50 -14.90
CA ASP A 90 23.10 -10.85 -14.42
C ASP A 90 21.75 -11.28 -15.01
N ARG A 91 20.82 -10.34 -15.07
CA ARG A 91 19.50 -10.61 -15.62
C ARG A 91 19.60 -11.06 -17.08
N ALA A 92 20.48 -10.41 -17.83
CA ALA A 92 20.67 -10.75 -19.23
C ALA A 92 21.24 -12.17 -19.36
N ARG A 93 22.23 -12.47 -18.54
CA ARG A 93 22.84 -13.79 -18.55
C ARG A 93 21.80 -14.86 -18.23
N ILE A 94 21.04 -14.65 -17.16
CA ILE A 94 20.01 -15.61 -16.78
C ILE A 94 19.07 -15.79 -17.98
N GLU A 95 18.72 -14.66 -18.58
CA GLU A 95 17.81 -14.67 -19.72
C GLU A 95 18.40 -15.47 -20.88
N ALA A 96 19.71 -15.40 -21.05
CA ALA A 96 20.39 -16.13 -22.12
C ALA A 96 20.35 -17.64 -21.86
N GLN A 97 20.42 -18.02 -20.58
CA GLN A 97 20.38 -19.42 -20.21
C GLN A 97 18.97 -19.97 -20.36
N ILE A 98 17.98 -19.21 -19.91
CA ILE A 98 16.60 -19.64 -20.01
C ILE A 98 16.27 -20.00 -21.45
N ASN A 99 16.77 -19.19 -22.38
CA ASN A 99 16.50 -19.40 -23.79
C ASN A 99 17.00 -20.76 -24.32
N ARG A 100 18.24 -21.10 -23.96
CA ARG A 100 18.83 -22.37 -24.39
C ARG A 100 18.07 -23.56 -23.80
N LEU A 101 17.38 -23.34 -22.70
CA LEU A 101 16.60 -24.37 -22.03
C LEU A 101 15.23 -24.55 -22.69
N THR A 102 14.53 -23.44 -22.85
CA THR A 102 13.20 -23.40 -23.43
C THR A 102 13.13 -23.72 -24.92
N TYR A 103 14.02 -23.11 -25.69
CA TYR A 103 14.04 -23.32 -27.14
C TYR A 103 15.23 -24.15 -27.56
N ASP A 104 16.00 -24.58 -26.56
CA ASP A 104 17.17 -25.41 -26.81
C ASP A 104 18.07 -24.82 -27.89
N ILE A 105 18.13 -23.50 -27.95
CA ILE A 105 18.99 -22.79 -28.91
C ILE A 105 19.39 -21.44 -28.32
N PRO A 106 20.52 -20.87 -28.77
CA PRO A 106 20.97 -19.57 -28.24
C PRO A 106 19.99 -18.44 -28.59
N ILE A 107 19.86 -17.49 -27.69
CA ILE A 107 18.98 -16.35 -27.89
C ILE A 107 19.67 -15.38 -28.84
N THR A 108 18.89 -14.64 -29.61
CA THR A 108 19.46 -13.67 -30.53
C THR A 108 19.77 -12.38 -29.76
N VAL A 109 20.57 -11.50 -30.34
CA VAL A 109 20.91 -10.24 -29.70
C VAL A 109 19.63 -9.42 -29.54
N LYS A 110 18.83 -9.37 -30.60
CA LYS A 110 17.57 -8.63 -30.60
C LYS A 110 16.64 -9.09 -29.50
N GLU A 111 16.43 -10.40 -29.38
CA GLU A 111 15.54 -10.92 -28.35
C GLU A 111 16.05 -10.65 -26.94
N LEU A 112 17.36 -10.73 -26.74
CA LEU A 112 17.92 -10.46 -25.44
C LEU A 112 17.68 -8.99 -25.08
N ALA A 113 18.13 -8.09 -25.96
CA ALA A 113 17.96 -6.66 -25.71
C ALA A 113 16.48 -6.35 -25.45
N LYS A 114 15.63 -7.00 -26.23
CA LYS A 114 14.19 -6.81 -26.12
C LYS A 114 13.64 -7.26 -24.77
N LYS A 115 14.18 -8.35 -24.23
CA LYS A 115 13.71 -8.84 -22.95
C LYS A 115 14.20 -8.01 -21.77
N ILE A 116 15.42 -7.50 -21.86
CA ILE A 116 15.96 -6.66 -20.80
C ILE A 116 15.23 -5.31 -20.81
N CYS A 117 14.79 -4.87 -21.98
CA CYS A 117 14.08 -3.60 -22.09
C CYS A 117 12.63 -3.69 -21.65
N ASP A 118 12.01 -4.85 -21.81
CA ASP A 118 10.63 -5.01 -21.38
C ASP A 118 10.64 -5.02 -19.86
N PHE A 119 11.74 -5.54 -19.31
CA PHE A 119 11.89 -5.62 -17.88
C PHE A 119 12.04 -4.19 -17.34
N LYS A 120 12.86 -3.38 -18.00
CA LYS A 120 13.08 -2.03 -17.56
C LYS A 120 11.81 -1.21 -17.69
N GLN A 121 11.06 -1.47 -18.75
CA GLN A 121 9.81 -0.73 -18.99
C GLN A 121 8.84 -0.89 -17.82
N GLN A 122 8.79 -2.10 -17.26
CA GLN A 122 7.89 -2.36 -16.14
C GLN A 122 8.26 -1.58 -14.87
N TYR A 123 9.55 -1.28 -14.68
CA TYR A 123 9.97 -0.53 -13.50
C TYR A 123 9.73 0.93 -13.79
N THR A 124 8.79 1.16 -14.70
CA THR A 124 8.46 2.50 -15.12
C THR A 124 6.98 2.83 -14.97
N GLN A 125 6.14 1.82 -14.77
CA GLN A 125 4.73 2.16 -14.63
C GLN A 125 3.99 1.66 -13.39
N TYR A 126 4.73 1.39 -12.32
CA TYR A 126 4.16 0.96 -11.05
C TYR A 126 4.64 1.88 -9.94
N GLY A 127 3.71 2.26 -9.06
CA GLY A 127 3.98 3.18 -7.97
C GLY A 127 5.12 3.01 -6.96
N GLY A 128 5.34 1.82 -6.44
CA GLY A 128 6.41 1.71 -5.46
C GLY A 128 7.69 1.17 -6.06
N VAL A 129 7.96 1.58 -7.29
CA VAL A 129 9.12 1.09 -7.98
C VAL A 129 9.97 2.17 -8.61
N ARG A 130 11.28 2.00 -8.49
CA ARG A 130 12.23 2.95 -9.03
C ARG A 130 12.77 2.41 -10.36
N PRO A 131 12.92 3.27 -11.38
CA PRO A 131 13.45 2.84 -12.68
C PRO A 131 14.96 2.60 -12.57
N PHE A 132 15.50 1.74 -13.42
CA PHE A 132 16.94 1.48 -13.40
C PHE A 132 17.63 2.70 -13.96
N GLY A 133 18.64 3.20 -13.25
CA GLY A 133 19.38 4.36 -13.71
C GLY A 133 20.54 3.97 -14.59
N VAL A 134 20.25 3.27 -15.69
CA VAL A 134 21.33 2.84 -16.56
C VAL A 134 20.92 2.58 -17.99
N SER A 135 21.89 2.76 -18.89
CA SER A 135 21.70 2.47 -20.31
C SER A 135 22.68 1.36 -20.65
N LEU A 136 22.34 0.56 -21.65
CA LEU A 136 23.23 -0.54 -22.05
C LEU A 136 23.45 -0.55 -23.54
N LEU A 137 24.60 -1.11 -23.92
CA LEU A 137 24.96 -1.32 -25.30
C LEU A 137 25.02 -2.82 -25.39
N ILE A 138 24.07 -3.43 -26.10
CA ILE A 138 24.07 -4.88 -26.26
C ILE A 138 24.58 -5.15 -27.68
N ALA A 139 25.69 -5.88 -27.78
CA ALA A 139 26.28 -6.18 -29.08
C ALA A 139 26.51 -7.68 -29.29
N GLY A 140 26.45 -8.10 -30.55
CA GLY A 140 26.67 -9.50 -30.85
C GLY A 140 26.48 -9.81 -32.32
N VAL A 141 26.42 -11.09 -32.64
CA VAL A 141 26.24 -11.51 -34.02
C VAL A 141 25.25 -12.63 -34.12
N ASN A 142 24.15 -12.37 -34.82
CA ASN A 142 23.12 -13.38 -35.05
C ASN A 142 23.46 -13.88 -36.45
N GLU A 143 22.70 -13.44 -37.44
CA GLU A 143 22.96 -13.81 -38.82
C GLU A 143 23.84 -12.69 -39.35
N VAL A 144 23.69 -11.51 -38.74
CA VAL A 144 24.44 -10.31 -39.10
C VAL A 144 24.85 -9.62 -37.80
N PRO A 145 25.87 -8.74 -37.84
CA PRO A 145 26.26 -8.07 -36.60
C PRO A 145 25.13 -7.20 -36.02
N LYS A 146 25.12 -7.00 -34.72
CA LYS A 146 24.08 -6.21 -34.07
C LYS A 146 24.58 -5.29 -32.95
N LEU A 147 24.05 -4.07 -32.92
CA LEU A 147 24.40 -3.09 -31.90
C LEU A 147 23.14 -2.42 -31.38
N TYR A 148 22.83 -2.63 -30.10
CA TYR A 148 21.64 -2.03 -29.50
C TYR A 148 21.96 -1.08 -28.34
N GLU A 149 21.15 -0.06 -28.20
CA GLU A 149 21.32 0.91 -27.12
C GLU A 149 20.03 0.93 -26.33
N THR A 150 20.14 0.82 -25.02
CA THR A 150 18.95 0.83 -24.19
C THR A 150 18.83 2.14 -23.44
N ASP A 151 17.68 2.33 -22.83
CA ASP A 151 17.36 3.55 -22.10
C ASP A 151 16.70 3.18 -20.78
N PRO A 152 16.80 4.05 -19.75
CA PRO A 152 16.18 3.75 -18.46
C PRO A 152 14.67 3.46 -18.58
N SER A 153 14.02 4.07 -19.56
CA SER A 153 12.59 3.85 -19.77
C SER A 153 12.25 2.53 -20.44
N GLY A 154 13.25 1.87 -21.02
CA GLY A 154 13.01 0.61 -21.67
C GLY A 154 12.98 0.73 -23.20
N ALA A 155 13.25 1.93 -23.70
CA ALA A 155 13.27 2.15 -25.15
C ALA A 155 14.46 1.38 -25.68
N LEU A 156 14.35 0.93 -26.92
CA LEU A 156 15.38 0.15 -27.57
C LEU A 156 15.60 0.66 -28.98
N LEU A 157 16.87 0.89 -29.33
CA LEU A 157 17.22 1.37 -30.66
C LEU A 157 18.41 0.61 -31.21
N GLU A 158 18.41 0.38 -32.51
CA GLU A 158 19.52 -0.30 -33.15
C GLU A 158 20.36 0.74 -33.87
N TYR A 159 21.67 0.70 -33.67
CA TYR A 159 22.59 1.64 -34.29
C TYR A 159 23.66 0.95 -35.13
N LYS A 160 24.43 1.77 -35.86
CA LYS A 160 25.54 1.29 -36.66
C LYS A 160 26.76 1.64 -35.80
N ALA A 161 26.64 2.75 -35.09
CA ALA A 161 27.70 3.25 -34.22
C ALA A 161 27.04 4.22 -33.25
N THR A 162 27.48 4.21 -31.99
CA THR A 162 26.92 5.10 -30.99
C THR A 162 27.70 5.10 -29.67
N ALA A 163 27.14 5.69 -28.64
CA ALA A 163 27.82 5.74 -27.36
C ALA A 163 26.90 6.13 -26.20
N ILE A 164 27.35 5.86 -24.99
CA ILE A 164 26.59 6.20 -23.78
C ILE A 164 27.57 6.73 -22.76
N GLY A 165 27.06 7.50 -21.80
CA GLY A 165 27.92 8.07 -20.77
C GLY A 165 28.37 9.48 -21.13
N MET A 166 29.23 10.05 -20.29
CA MET A 166 29.76 11.40 -20.46
C MET A 166 30.00 11.88 -21.88
N GLY A 167 30.77 11.10 -22.64
CA GLY A 167 31.10 11.49 -24.00
C GLY A 167 30.16 11.15 -25.14
N ARG A 168 28.90 10.82 -24.84
CA ARG A 168 27.97 10.48 -25.89
C ARG A 168 27.93 11.57 -26.97
N MET A 169 27.75 12.82 -26.55
CA MET A 169 27.71 13.93 -27.51
C MET A 169 28.90 13.93 -28.45
N ALA A 170 30.09 14.09 -27.89
CA ALA A 170 31.31 14.12 -28.69
C ALA A 170 31.35 12.94 -29.65
N VAL A 171 31.40 11.72 -29.09
CA VAL A 171 31.47 10.52 -29.91
C VAL A 171 30.40 10.48 -31.00
N THR A 172 29.18 10.83 -30.64
CA THR A 172 28.07 10.83 -31.57
C THR A 172 28.27 11.76 -32.75
N GLU A 173 28.68 13.00 -32.47
CA GLU A 173 28.91 13.98 -33.52
C GLU A 173 30.06 13.53 -34.40
N PHE A 174 31.11 12.99 -33.79
CA PHE A 174 32.25 12.53 -34.56
C PHE A 174 31.81 11.42 -35.52
N PHE A 175 31.17 10.39 -35.01
CA PHE A 175 30.71 9.30 -35.87
C PHE A 175 29.73 9.83 -36.90
N GLU A 176 28.95 10.81 -36.48
CA GLU A 176 27.95 11.44 -37.34
C GLU A 176 28.60 12.10 -38.55
N LYS A 177 29.88 12.45 -38.43
CA LYS A 177 30.58 13.10 -39.53
C LYS A 177 31.57 12.21 -40.26
N GLU A 178 32.01 11.12 -39.65
CA GLU A 178 32.97 10.26 -40.31
C GLU A 178 32.78 8.75 -40.25
N TYR A 179 31.59 8.30 -39.93
CA TYR A 179 31.34 6.86 -39.89
C TYR A 179 31.01 6.40 -41.31
N ARG A 180 31.57 5.26 -41.71
CA ARG A 180 31.31 4.73 -43.04
C ARG A 180 30.59 3.40 -42.98
N ASP A 181 29.51 3.30 -43.75
CA ASP A 181 28.70 2.10 -43.79
C ASP A 181 29.48 0.89 -44.32
N ASP A 182 30.69 1.13 -44.83
CA ASP A 182 31.51 0.06 -45.40
C ASP A 182 32.89 -0.10 -44.77
N LEU A 183 33.13 0.51 -43.62
CA LEU A 183 34.43 0.40 -42.96
C LEU A 183 34.82 -1.05 -42.72
N SER A 184 36.11 -1.27 -42.45
CA SER A 184 36.62 -2.60 -42.18
C SER A 184 36.76 -2.76 -40.67
N PHE A 185 36.85 -4.00 -40.21
CA PHE A 185 36.99 -4.25 -38.79
C PHE A 185 38.05 -3.34 -38.18
N ASP A 186 39.26 -3.38 -38.73
CA ASP A 186 40.36 -2.57 -38.22
C ASP A 186 40.10 -1.07 -38.33
N ASP A 187 39.35 -0.67 -39.36
CA ASP A 187 39.03 0.73 -39.52
C ASP A 187 38.03 1.11 -38.44
N ALA A 188 37.01 0.28 -38.29
CA ALA A 188 35.99 0.48 -37.27
C ALA A 188 36.67 0.58 -35.90
N MET A 189 37.63 -0.29 -35.67
CA MET A 189 38.37 -0.32 -34.42
C MET A 189 39.06 1.03 -34.19
N VAL A 190 39.85 1.46 -35.17
CA VAL A 190 40.57 2.71 -35.04
C VAL A 190 39.62 3.89 -34.88
N LEU A 191 38.61 3.94 -35.75
CA LEU A 191 37.62 5.02 -35.70
C LEU A 191 37.03 5.08 -34.29
N GLY A 192 36.77 3.91 -33.71
CA GLY A 192 36.24 3.84 -32.38
C GLY A 192 37.18 4.43 -31.34
N LEU A 193 38.47 4.05 -31.41
CA LEU A 193 39.45 4.58 -30.46
C LEU A 193 39.61 6.08 -30.63
N VAL A 194 39.57 6.55 -31.87
CA VAL A 194 39.71 7.98 -32.10
C VAL A 194 38.58 8.69 -31.35
N ALA A 195 37.35 8.20 -31.55
CA ALA A 195 36.18 8.77 -30.90
C ALA A 195 36.43 8.89 -29.40
N MET A 196 36.83 7.79 -28.78
CA MET A 196 37.11 7.78 -27.35
C MET A 196 38.11 8.90 -27.06
N GLY A 197 39.09 9.04 -27.95
CA GLY A 197 40.10 10.08 -27.80
C GLY A 197 39.52 11.48 -27.72
N LEU A 198 38.74 11.87 -28.73
CA LEU A 198 38.12 13.19 -28.72
C LEU A 198 37.33 13.31 -27.43
N SER A 199 36.57 12.27 -27.13
CA SER A 199 35.74 12.20 -25.94
C SER A 199 36.49 12.63 -24.69
N ILE A 200 37.69 12.07 -24.52
CA ILE A 200 38.53 12.35 -23.37
C ILE A 200 39.42 13.58 -23.59
N GLU A 201 39.59 13.98 -24.84
CA GLU A 201 40.45 15.11 -25.17
C GLU A 201 41.88 14.79 -24.77
N SER A 202 42.34 13.60 -25.16
CA SER A 202 43.68 13.15 -24.84
C SER A 202 44.03 11.89 -25.61
N GLU A 203 45.30 11.71 -25.91
CA GLU A 203 45.72 10.51 -26.62
C GLU A 203 45.41 9.34 -25.70
N LEU A 204 45.13 8.18 -26.28
CA LEU A 204 44.78 7.01 -25.48
C LEU A 204 45.96 6.24 -24.91
N VAL A 205 45.68 5.48 -23.87
CA VAL A 205 46.65 4.64 -23.21
C VAL A 205 46.00 3.25 -23.18
N PRO A 206 46.38 2.38 -24.11
CA PRO A 206 45.86 1.02 -24.25
C PRO A 206 45.47 0.30 -22.97
N GLU A 207 46.14 0.63 -21.88
CA GLU A 207 45.86 -0.03 -20.61
C GLU A 207 44.71 0.58 -19.83
N ASN A 208 44.22 1.74 -20.26
CA ASN A 208 43.09 2.36 -19.57
C ASN A 208 41.84 2.46 -20.44
N ILE A 209 41.65 1.45 -21.28
CA ILE A 209 40.49 1.34 -22.16
C ILE A 209 40.29 -0.15 -22.41
N GLU A 210 39.05 -0.60 -22.39
CA GLU A 210 38.76 -2.02 -22.62
C GLU A 210 38.00 -2.23 -23.93
N VAL A 211 38.43 -3.22 -24.70
CA VAL A 211 37.79 -3.50 -25.97
C VAL A 211 37.41 -4.96 -26.13
N GLY A 212 36.18 -5.19 -26.58
CA GLY A 212 35.70 -6.54 -26.79
C GLY A 212 34.99 -6.53 -28.13
N TYR A 213 34.81 -7.69 -28.74
CA TYR A 213 34.15 -7.74 -30.04
C TYR A 213 33.60 -9.11 -30.38
N VAL A 214 32.81 -9.15 -31.45
CA VAL A 214 32.23 -10.39 -31.93
C VAL A 214 32.20 -10.32 -33.46
N LYS A 215 32.95 -11.19 -34.10
CA LYS A 215 33.01 -11.20 -35.57
C LYS A 215 32.06 -12.24 -36.16
N VAL A 216 31.67 -12.00 -37.40
CA VAL A 216 30.76 -12.87 -38.13
C VAL A 216 31.26 -14.29 -38.31
N ASP A 217 32.58 -14.44 -38.43
CA ASP A 217 33.15 -15.77 -38.63
C ASP A 217 33.06 -16.67 -37.39
N ASP A 218 33.62 -16.22 -36.27
CA ASP A 218 33.61 -17.00 -35.04
C ASP A 218 32.28 -16.95 -34.28
N ARG A 219 31.63 -15.79 -34.29
CA ARG A 219 30.39 -15.62 -33.54
C ARG A 219 30.75 -15.89 -32.08
N THR A 220 32.00 -15.62 -31.75
CA THR A 220 32.52 -15.85 -30.40
C THR A 220 33.10 -14.57 -29.82
N PHE A 221 32.56 -14.13 -28.69
CA PHE A 221 33.04 -12.94 -28.06
C PHE A 221 34.45 -13.14 -27.50
N LYS A 222 35.24 -12.08 -27.56
CA LYS A 222 36.59 -12.10 -27.02
C LYS A 222 37.13 -10.69 -26.80
N GLU A 223 37.88 -10.54 -25.72
CA GLU A 223 38.45 -9.27 -25.33
C GLU A 223 39.82 -9.13 -25.99
N VAL A 224 40.23 -7.91 -26.29
CA VAL A 224 41.54 -7.70 -26.92
C VAL A 224 42.58 -7.32 -25.86
N SER A 225 43.72 -8.00 -25.90
CA SER A 225 44.80 -7.73 -24.95
C SER A 225 45.43 -6.38 -25.26
N PRO A 226 45.94 -5.69 -24.23
CA PRO A 226 46.56 -4.38 -24.46
C PRO A 226 47.70 -4.45 -25.46
N GLU A 227 48.24 -5.66 -25.64
CA GLU A 227 49.32 -5.87 -26.59
C GLU A 227 48.77 -5.90 -28.01
N GLU A 228 47.69 -6.64 -28.21
CA GLU A 228 47.06 -6.73 -29.53
C GLU A 228 46.40 -5.39 -29.82
N LEU A 229 46.16 -4.65 -28.75
CA LEU A 229 45.49 -3.35 -28.84
C LEU A 229 46.45 -2.17 -29.03
N LYS A 230 47.70 -2.32 -28.59
CA LYS A 230 48.68 -1.24 -28.72
C LYS A 230 48.83 -0.68 -30.13
N PRO A 231 48.95 -1.56 -31.14
CA PRO A 231 49.10 -1.03 -32.51
C PRO A 231 47.94 -0.13 -32.92
N TYR A 232 46.72 -0.51 -32.55
CA TYR A 232 45.53 0.27 -32.89
C TYR A 232 45.52 1.64 -32.19
N VAL A 233 45.98 1.67 -30.95
CA VAL A 233 46.03 2.91 -30.19
C VAL A 233 47.02 3.87 -30.84
N GLU A 234 48.18 3.33 -31.21
CA GLU A 234 49.22 4.13 -31.83
C GLU A 234 48.66 4.84 -33.06
N ARG A 235 47.99 4.09 -33.92
CA ARG A 235 47.41 4.68 -35.11
C ARG A 235 46.32 5.67 -34.72
N ALA A 236 45.51 5.29 -33.74
CA ALA A 236 44.42 6.14 -33.27
C ALA A 236 44.96 7.46 -32.71
N ASN A 237 45.98 7.37 -31.86
CA ASN A 237 46.56 8.56 -31.25
C ASN A 237 47.10 9.52 -32.30
N GLU A 238 47.50 8.98 -33.45
CA GLU A 238 48.03 9.82 -34.52
C GLU A 238 46.96 10.83 -34.93
N ARG A 239 45.79 10.33 -35.32
CA ARG A 239 44.68 11.19 -35.75
C ARG A 239 44.12 12.01 -34.60
N ILE A 240 44.06 11.43 -33.41
CA ILE A 240 43.55 12.15 -32.25
C ILE A 240 44.44 13.36 -32.05
N ARG A 241 45.74 13.14 -32.15
CA ARG A 241 46.73 14.20 -32.00
C ARG A 241 46.50 15.23 -33.09
N GLU A 242 46.32 14.75 -34.32
CA GLU A 242 46.09 15.60 -35.48
C GLU A 242 44.82 16.44 -35.36
N LEU A 243 43.78 15.88 -34.75
CA LEU A 243 42.51 16.59 -34.60
C LEU A 243 42.43 17.43 -33.33
N LEU A 244 42.96 16.91 -32.24
CA LEU A 244 42.93 17.63 -30.98
C LEU A 244 43.76 18.90 -31.11
N LYS A 245 43.10 20.05 -31.08
CA LYS A 245 43.77 21.34 -31.21
C LYS A 245 44.76 21.35 -32.37
N LYS A 246 44.31 21.83 -33.52
CA LYS A 246 45.15 21.90 -34.71
C LYS A 246 46.24 22.95 -34.55
N PRO B 4 -7.26 21.37 -16.64
CA PRO B 4 -5.82 21.51 -16.32
C PRO B 4 -5.68 22.28 -15.01
N GLN B 5 -6.30 21.77 -13.96
CA GLN B 5 -6.25 22.44 -12.65
C GLN B 5 -5.49 21.63 -11.62
N MET B 6 -4.44 22.26 -11.06
CA MET B 6 -3.61 21.62 -10.05
C MET B 6 -4.54 21.14 -8.92
N GLY B 7 -4.11 20.12 -8.20
CA GLY B 7 -4.95 19.61 -7.13
C GLY B 7 -5.75 18.40 -7.56
N TYR B 8 -6.04 18.29 -8.86
CA TYR B 8 -6.82 17.15 -9.37
C TYR B 8 -6.12 16.46 -10.54
N ASP B 9 -4.93 16.92 -10.91
CA ASP B 9 -4.25 16.36 -12.06
C ASP B 9 -3.00 15.50 -11.87
N ARG B 10 -2.74 15.01 -10.66
CA ARG B 10 -1.56 14.18 -10.51
C ARG B 10 -1.80 12.80 -9.91
N ALA B 11 -3.00 12.28 -10.13
CA ALA B 11 -3.38 10.94 -9.66
C ALA B 11 -4.46 10.42 -10.59
N ILE B 12 -4.12 9.40 -11.38
CA ILE B 12 -5.02 8.81 -12.36
C ILE B 12 -6.40 8.45 -11.83
N THR B 13 -6.49 8.14 -10.54
CA THR B 13 -7.76 7.73 -9.97
C THR B 13 -8.66 8.86 -9.50
N VAL B 14 -8.20 10.09 -9.61
CA VAL B 14 -8.98 11.23 -9.15
C VAL B 14 -9.71 11.96 -10.27
N PHE B 15 -11.00 12.18 -10.06
CA PHE B 15 -11.81 12.92 -11.00
C PHE B 15 -11.68 14.39 -10.62
N SER B 16 -11.75 15.28 -11.60
CA SER B 16 -11.68 16.71 -11.34
C SER B 16 -13.10 17.16 -11.06
N PRO B 17 -13.29 18.39 -10.57
CA PRO B 17 -14.65 18.84 -10.27
C PRO B 17 -15.56 18.80 -11.50
N ASP B 18 -15.00 18.93 -12.69
CA ASP B 18 -15.85 18.87 -13.88
C ASP B 18 -15.81 17.49 -14.56
N GLY B 19 -15.57 16.44 -13.77
CA GLY B 19 -15.57 15.07 -14.26
C GLY B 19 -14.56 14.64 -15.30
N ARG B 20 -13.30 14.96 -15.07
CA ARG B 20 -12.26 14.57 -16.00
C ARG B 20 -11.12 13.81 -15.32
N LEU B 21 -10.35 13.13 -16.14
CA LEU B 21 -9.20 12.36 -15.71
C LEU B 21 -8.00 13.03 -16.36
N PHE B 22 -7.52 14.10 -15.75
CA PHE B 22 -6.39 14.82 -16.30
C PHE B 22 -5.14 14.00 -16.61
N GLN B 23 -4.84 12.98 -15.81
CA GLN B 23 -3.66 12.17 -16.11
C GLN B 23 -3.81 11.45 -17.44
N VAL B 24 -5.06 11.17 -17.82
CA VAL B 24 -5.31 10.53 -19.10
C VAL B 24 -5.12 11.59 -20.19
N GLU B 25 -5.59 12.80 -19.92
CA GLU B 25 -5.46 13.87 -20.92
C GLU B 25 -3.98 14.21 -21.11
N TYR B 26 -3.23 14.15 -20.02
CA TYR B 26 -1.80 14.42 -20.10
C TYR B 26 -1.11 13.29 -20.86
N ALA B 27 -1.55 12.05 -20.63
CA ALA B 27 -0.97 10.94 -21.36
C ALA B 27 -1.19 11.16 -22.85
N ARG B 28 -2.35 11.69 -23.22
CA ARG B 28 -2.63 11.97 -24.62
C ARG B 28 -1.63 12.98 -25.19
N GLU B 29 -1.07 13.83 -24.34
CA GLU B 29 -0.10 14.82 -24.82
C GLU B 29 1.16 14.09 -25.28
N ALA B 30 1.37 12.88 -24.78
CA ALA B 30 2.55 12.14 -25.18
C ALA B 30 2.40 11.61 -26.60
N VAL B 31 1.23 11.13 -26.96
CA VAL B 31 1.07 10.60 -28.31
C VAL B 31 1.12 11.72 -29.38
N LYS B 32 0.76 12.94 -28.98
CA LYS B 32 0.80 14.08 -29.91
C LYS B 32 2.20 14.29 -30.45
N ARG B 33 3.21 14.02 -29.63
CA ARG B 33 4.61 14.20 -30.01
C ARG B 33 5.19 13.17 -30.98
N GLY B 34 4.47 12.08 -31.20
CA GLY B 34 4.99 11.05 -32.08
C GLY B 34 4.87 11.27 -33.57
N ALA B 35 5.68 10.56 -34.34
CA ALA B 35 5.64 10.66 -35.78
C ALA B 35 4.21 10.30 -36.15
N THR B 36 3.63 10.99 -37.13
CA THR B 36 2.25 10.72 -37.49
C THR B 36 2.05 9.44 -38.28
N ALA B 37 1.00 8.72 -37.94
CA ALA B 37 0.66 7.47 -38.61
C ALA B 37 -0.75 7.66 -39.16
N ILE B 38 -0.94 7.30 -40.42
CA ILE B 38 -2.21 7.44 -41.09
C ILE B 38 -2.85 6.10 -41.40
N GLY B 39 -4.18 6.09 -41.37
CA GLY B 39 -4.93 4.90 -41.65
C GLY B 39 -6.06 5.26 -42.60
N ILE B 40 -6.19 4.51 -43.67
CA ILE B 40 -7.26 4.75 -44.63
C ILE B 40 -7.83 3.44 -45.13
N LYS B 41 -9.14 3.37 -45.13
CA LYS B 41 -9.84 2.17 -45.57
C LYS B 41 -10.61 2.44 -46.85
N CYS B 42 -10.76 1.40 -47.66
CA CYS B 42 -11.49 1.51 -48.91
C CYS B 42 -12.22 0.18 -49.15
N LYS B 43 -12.84 0.08 -50.32
CA LYS B 43 -13.60 -1.11 -50.70
C LYS B 43 -12.79 -2.42 -50.66
N GLU B 44 -11.64 -2.40 -51.32
CA GLU B 44 -10.80 -3.59 -51.41
C GLU B 44 -9.79 -3.84 -50.30
N GLY B 45 -9.71 -2.96 -49.31
CA GLY B 45 -8.76 -3.18 -48.23
C GLY B 45 -8.46 -1.98 -47.35
N VAL B 46 -7.50 -2.15 -46.46
CA VAL B 46 -7.11 -1.09 -45.53
C VAL B 46 -5.62 -0.80 -45.63
N ILE B 47 -5.26 0.48 -45.51
CA ILE B 47 -3.87 0.90 -45.62
C ILE B 47 -3.38 1.67 -44.41
N LEU B 48 -2.11 1.48 -44.08
CA LEU B 48 -1.47 2.16 -42.96
C LEU B 48 -0.19 2.82 -43.45
N ILE B 49 -0.08 4.13 -43.24
CA ILE B 49 1.09 4.87 -43.69
C ILE B 49 1.73 5.57 -42.50
N ALA B 50 3.03 5.38 -42.33
CA ALA B 50 3.73 6.00 -41.21
C ALA B 50 4.97 6.76 -41.65
N ASP B 51 5.25 7.84 -40.94
CA ASP B 51 6.42 8.66 -41.23
C ASP B 51 7.60 8.08 -40.46
N LYS B 52 8.66 7.73 -41.18
CA LYS B 52 9.84 7.17 -40.54
C LYS B 52 11.10 8.00 -40.69
N ARG B 53 10.94 9.30 -40.95
CA ARG B 53 12.09 10.18 -41.07
C ARG B 53 12.84 10.21 -39.73
N VAL B 54 14.16 10.07 -39.79
CA VAL B 54 14.97 10.10 -38.58
C VAL B 54 15.87 11.33 -38.57
N GLY B 55 16.23 11.79 -37.38
CA GLY B 55 17.07 12.97 -37.27
C GLY B 55 18.56 12.68 -37.39
N SER B 56 18.92 11.40 -37.48
CA SER B 56 20.33 11.02 -37.58
C SER B 56 20.57 9.87 -38.54
N LYS B 57 21.73 9.89 -39.19
CA LYS B 57 22.12 8.86 -40.14
C LYS B 57 22.75 7.67 -39.42
N LEU B 58 23.00 7.84 -38.12
CA LEU B 58 23.60 6.78 -37.33
C LEU B 58 22.59 5.71 -36.96
N LEU B 59 21.30 6.03 -37.06
CA LEU B 59 20.27 5.06 -36.76
C LEU B 59 20.16 4.07 -37.92
N GLU B 60 20.07 2.80 -37.59
CA GLU B 60 19.94 1.76 -38.58
C GLU B 60 18.50 1.81 -39.07
N LYS B 61 18.16 2.88 -39.80
CA LYS B 61 16.81 3.04 -40.30
C LYS B 61 16.38 1.91 -41.24
N ASP B 62 17.36 1.18 -41.75
CA ASP B 62 17.08 0.06 -42.65
C ASP B 62 16.35 -1.04 -41.89
N THR B 63 16.23 -0.85 -40.58
CA THR B 63 15.58 -1.84 -39.73
C THR B 63 14.52 -1.18 -38.84
N ILE B 64 14.20 0.08 -39.12
CA ILE B 64 13.19 0.77 -38.34
C ILE B 64 11.80 0.30 -38.80
N GLU B 65 10.93 0.03 -37.83
CA GLU B 65 9.59 -0.43 -38.16
C GLU B 65 8.54 0.44 -37.50
N LYS B 66 7.66 1.01 -38.31
CA LYS B 66 6.59 1.86 -37.81
C LYS B 66 5.23 1.17 -37.93
N ILE B 67 5.15 0.20 -38.82
CA ILE B 67 3.93 -0.56 -39.01
C ILE B 67 4.23 -2.00 -38.63
N TYR B 68 3.48 -2.54 -37.69
CA TYR B 68 3.74 -3.90 -37.22
C TYR B 68 2.68 -4.93 -37.52
N LYS B 69 3.13 -6.11 -37.94
CA LYS B 69 2.25 -7.22 -38.25
C LYS B 69 1.87 -7.86 -36.91
N ILE B 70 0.58 -8.05 -36.70
CA ILE B 70 0.09 -8.64 -35.46
C ILE B 70 -0.22 -10.10 -35.73
N ASP B 71 -0.82 -10.34 -36.88
CA ASP B 71 -1.19 -11.67 -37.31
C ASP B 71 -1.22 -11.58 -38.83
N GLU B 72 -1.52 -12.69 -39.50
CA GLU B 72 -1.55 -12.69 -40.96
C GLU B 72 -2.46 -11.62 -41.56
N HIS B 73 -3.60 -11.37 -40.91
CA HIS B 73 -4.56 -10.39 -41.40
C HIS B 73 -4.66 -9.11 -40.57
N ILE B 74 -3.95 -9.03 -39.45
CA ILE B 74 -4.04 -7.84 -38.61
C ILE B 74 -2.76 -7.00 -38.67
N CYS B 75 -2.97 -5.70 -38.73
CA CYS B 75 -1.93 -4.70 -38.89
C CYS B 75 -2.00 -3.62 -37.78
N ALA B 76 -0.88 -2.94 -37.51
CA ALA B 76 -0.91 -1.90 -36.47
C ALA B 76 0.19 -0.83 -36.51
N ALA B 77 -0.20 0.40 -36.18
CA ALA B 77 0.72 1.54 -36.13
C ALA B 77 0.74 2.11 -34.71
N THR B 78 1.76 2.89 -34.40
CA THR B 78 1.92 3.41 -33.06
C THR B 78 2.29 4.88 -32.94
N SER B 79 1.98 5.47 -31.78
CA SER B 79 2.34 6.87 -31.50
C SER B 79 2.31 7.11 -29.99
N GLY B 80 3.37 7.75 -29.50
CA GLY B 80 3.50 8.02 -28.07
C GLY B 80 4.78 7.45 -27.47
N LEU B 81 4.79 7.18 -26.17
CA LEU B 81 5.98 6.64 -25.52
C LEU B 81 6.43 5.35 -26.19
N VAL B 82 7.69 5.32 -26.61
CA VAL B 82 8.27 4.21 -27.34
C VAL B 82 8.19 2.85 -26.66
N ALA B 83 8.76 2.74 -25.47
CA ALA B 83 8.75 1.49 -24.72
C ALA B 83 7.31 1.00 -24.47
N ASP B 84 6.43 1.93 -24.11
CA ASP B 84 5.02 1.59 -23.86
C ASP B 84 4.43 0.96 -25.12
N ALA B 85 4.72 1.57 -26.26
CA ALA B 85 4.18 1.09 -27.53
C ALA B 85 4.58 -0.35 -27.84
N ARG B 86 5.88 -0.63 -27.75
CA ARG B 86 6.42 -1.95 -28.02
C ARG B 86 5.69 -3.00 -27.17
N VAL B 87 5.55 -2.70 -25.87
CA VAL B 87 4.87 -3.61 -24.95
C VAL B 87 3.46 -3.91 -25.40
N LEU B 88 2.76 -2.87 -25.87
CA LEU B 88 1.39 -3.02 -26.33
C LEU B 88 1.31 -3.92 -27.58
N ILE B 89 2.25 -3.75 -28.50
CA ILE B 89 2.27 -4.57 -29.70
C ILE B 89 2.57 -6.05 -29.42
N ASP B 90 3.48 -6.31 -28.47
CA ASP B 90 3.78 -7.69 -28.13
C ASP B 90 2.53 -8.29 -27.49
N ARG B 91 1.84 -7.46 -26.71
CA ARG B 91 0.61 -7.89 -26.05
C ARG B 91 -0.43 -8.29 -27.09
N ALA B 92 -0.52 -7.51 -28.18
CA ALA B 92 -1.48 -7.80 -29.23
C ALA B 92 -1.17 -9.13 -29.90
N ARG B 93 0.12 -9.35 -30.17
CA ARG B 93 0.56 -10.57 -30.80
C ARG B 93 0.26 -11.76 -29.91
N ILE B 94 0.60 -11.66 -28.63
CA ILE B 94 0.32 -12.75 -27.70
C ILE B 94 -1.17 -13.02 -27.73
N GLU B 95 -1.95 -11.94 -27.72
CA GLU B 95 -3.41 -12.04 -27.71
C GLU B 95 -3.90 -12.74 -28.99
N ALA B 96 -3.22 -12.50 -30.10
CA ALA B 96 -3.59 -13.13 -31.37
C ALA B 96 -3.32 -14.65 -31.33
N GLN B 97 -2.26 -15.03 -30.65
CA GLN B 97 -1.89 -16.43 -30.53
C GLN B 97 -2.86 -17.15 -29.59
N ILE B 98 -3.16 -16.52 -28.45
CA ILE B 98 -4.07 -17.12 -27.49
C ILE B 98 -5.39 -17.49 -28.16
N ASN B 99 -5.85 -16.61 -29.05
CA ASN B 99 -7.12 -16.82 -29.73
C ASN B 99 -7.13 -18.08 -30.59
N ARG B 100 -6.07 -18.29 -31.36
CA ARG B 100 -5.97 -19.45 -32.23
C ARG B 100 -5.90 -20.75 -31.40
N LEU B 101 -5.48 -20.63 -30.15
CA LEU B 101 -5.35 -21.77 -29.24
C LEU B 101 -6.70 -22.11 -28.61
N THR B 102 -7.34 -21.10 -28.03
CA THR B 102 -8.61 -21.20 -27.36
C THR B 102 -9.80 -21.50 -28.26
N TYR B 103 -9.90 -20.77 -29.37
CA TYR B 103 -11.01 -20.95 -30.30
C TYR B 103 -10.54 -21.62 -31.58
N ASP B 104 -9.27 -21.99 -31.60
CA ASP B 104 -8.70 -22.65 -32.76
C ASP B 104 -9.03 -21.93 -34.06
N ILE B 105 -9.12 -20.61 -34.01
CA ILE B 105 -9.39 -19.78 -35.19
C ILE B 105 -8.77 -18.41 -34.99
N PRO B 106 -8.44 -17.71 -36.09
CA PRO B 106 -7.84 -16.37 -35.97
C PRO B 106 -8.78 -15.35 -35.31
N ILE B 107 -8.20 -14.46 -34.53
CA ILE B 107 -8.98 -13.41 -33.86
C ILE B 107 -9.35 -12.35 -34.89
N THR B 108 -10.50 -11.71 -34.69
CA THR B 108 -10.93 -10.65 -35.60
C THR B 108 -10.21 -9.35 -35.22
N VAL B 109 -10.24 -8.37 -36.10
CA VAL B 109 -9.60 -7.08 -35.83
C VAL B 109 -10.31 -6.43 -34.66
N LYS B 110 -11.64 -6.46 -34.69
CA LYS B 110 -12.46 -5.88 -33.64
C LYS B 110 -12.13 -6.47 -32.27
N GLU B 111 -12.10 -7.78 -32.17
CA GLU B 111 -11.79 -8.43 -30.90
C GLU B 111 -10.39 -8.14 -30.40
N LEU B 112 -9.43 -8.03 -31.30
CA LEU B 112 -8.07 -7.74 -30.90
C LEU B 112 -8.03 -6.32 -30.35
N ALA B 113 -8.50 -5.36 -31.14
CA ALA B 113 -8.50 -3.96 -30.70
C ALA B 113 -9.21 -3.85 -29.35
N LYS B 114 -10.31 -4.59 -29.23
CA LYS B 114 -11.12 -4.57 -28.03
C LYS B 114 -10.37 -5.11 -26.81
N LYS B 115 -9.55 -6.14 -27.02
CA LYS B 115 -8.80 -6.71 -25.92
C LYS B 115 -7.63 -5.84 -25.47
N ILE B 116 -6.98 -5.17 -26.43
CA ILE B 116 -5.87 -4.29 -26.09
C ILE B 116 -6.41 -3.04 -25.38
N CYS B 117 -7.63 -2.63 -25.73
CA CYS B 117 -8.23 -1.45 -25.11
C CYS B 117 -8.78 -1.73 -23.72
N ASP B 118 -9.22 -2.96 -23.47
CA ASP B 118 -9.71 -3.30 -22.14
C ASP B 118 -8.52 -3.33 -21.21
N PHE B 119 -7.38 -3.73 -21.77
CA PHE B 119 -6.15 -3.81 -21.01
C PHE B 119 -5.72 -2.39 -20.63
N LYS B 120 -5.80 -1.48 -21.59
CA LYS B 120 -5.40 -0.11 -21.35
C LYS B 120 -6.34 0.57 -20.37
N GLN B 121 -7.62 0.22 -20.45
CA GLN B 121 -8.61 0.80 -19.56
C GLN B 121 -8.28 0.52 -18.10
N GLN B 122 -7.79 -0.69 -17.83
CA GLN B 122 -7.45 -1.08 -16.47
C GLN B 122 -6.27 -0.30 -15.89
N TYR B 123 -5.35 0.14 -16.74
CA TYR B 123 -4.21 0.92 -16.27
C TYR B 123 -4.68 2.35 -16.09
N THR B 124 -5.98 2.48 -15.91
CA THR B 124 -6.60 3.77 -15.78
C THR B 124 -7.40 3.92 -14.49
N GLN B 125 -7.71 2.82 -13.81
CA GLN B 125 -8.48 2.98 -12.60
C GLN B 125 -7.95 2.39 -11.30
N TYR B 126 -6.62 2.18 -11.24
CA TYR B 126 -5.97 1.65 -10.05
C TYR B 126 -4.84 2.60 -9.63
N GLY B 127 -4.75 2.86 -8.33
CA GLY B 127 -3.78 3.78 -7.78
C GLY B 127 -2.28 3.73 -8.05
N GLY B 128 -1.67 2.56 -8.02
CA GLY B 128 -0.23 2.57 -8.27
C GLY B 128 0.11 2.20 -9.68
N VAL B 129 -0.72 2.65 -10.61
CA VAL B 129 -0.52 2.31 -12.00
C VAL B 129 -0.56 3.50 -12.93
N ARG B 130 0.36 3.50 -13.89
CA ARG B 130 0.46 4.56 -14.88
C ARG B 130 -0.19 4.12 -16.17
N PRO B 131 -0.95 5.01 -16.82
CA PRO B 131 -1.62 4.68 -18.09
C PRO B 131 -0.59 4.61 -19.20
N PHE B 132 -0.85 3.81 -20.24
CA PHE B 132 0.06 3.74 -21.38
C PHE B 132 -0.04 5.06 -22.14
N GLY B 133 1.11 5.65 -22.45
CA GLY B 133 1.13 6.91 -23.17
C GLY B 133 1.19 6.68 -24.66
N VAL B 134 0.20 5.98 -25.19
CA VAL B 134 0.21 5.71 -26.62
C VAL B 134 -1.16 5.43 -27.22
N SER B 135 -1.29 5.74 -28.51
CA SER B 135 -2.49 5.47 -29.26
C SER B 135 -2.08 4.49 -30.35
N LEU B 136 -3.02 3.67 -30.80
CA LEU B 136 -2.74 2.70 -31.85
C LEU B 136 -3.80 2.74 -32.95
N LEU B 137 -3.35 2.32 -34.13
CA LEU B 137 -4.19 2.20 -35.30
C LEU B 137 -4.14 0.72 -35.56
N ILE B 138 -5.24 0.02 -35.34
CA ILE B 138 -5.29 -1.41 -35.59
C ILE B 138 -6.06 -1.59 -36.90
N ALA B 139 -5.41 -2.19 -37.90
CA ALA B 139 -6.05 -2.40 -39.20
C ALA B 139 -5.97 -3.85 -39.68
N GLY B 140 -6.97 -4.27 -40.44
CA GLY B 140 -6.98 -5.62 -40.94
C GLY B 140 -8.22 -5.91 -41.76
N VAL B 141 -8.45 -7.20 -42.04
CA VAL B 141 -9.60 -7.60 -42.80
C VAL B 141 -10.25 -8.85 -42.21
N ASN B 142 -11.49 -8.70 -41.75
CA ASN B 142 -12.22 -9.84 -41.21
C ASN B 142 -13.09 -10.26 -42.39
N GLU B 143 -14.37 -9.90 -42.35
CA GLU B 143 -15.27 -10.21 -43.46
C GLU B 143 -15.20 -8.98 -44.36
N VAL B 144 -14.90 -7.84 -43.73
CA VAL B 144 -14.80 -6.55 -44.40
C VAL B 144 -13.57 -5.83 -43.84
N PRO B 145 -13.01 -4.85 -44.58
CA PRO B 145 -11.83 -4.16 -44.03
C PRO B 145 -12.14 -3.45 -42.72
N LYS B 146 -11.12 -3.27 -41.88
CA LYS B 146 -11.32 -2.62 -40.59
C LYS B 146 -10.19 -1.66 -40.20
N LEU B 147 -10.56 -0.53 -39.62
CA LEU B 147 -9.59 0.47 -39.16
C LEU B 147 -10.02 1.00 -37.79
N TYR B 148 -9.18 0.73 -36.78
CA TYR B 148 -9.48 1.16 -35.41
C TYR B 148 -8.43 2.12 -34.84
N GLU B 149 -8.88 3.03 -34.01
CA GLU B 149 -7.98 3.98 -33.38
C GLU B 149 -8.16 3.84 -31.88
N THR B 150 -7.06 3.72 -31.15
CA THR B 150 -7.15 3.58 -29.72
C THR B 150 -6.71 4.85 -29.02
N ASP B 151 -6.96 4.88 -27.72
CA ASP B 151 -6.66 6.03 -26.90
C ASP B 151 -6.00 5.55 -25.60
N PRO B 152 -5.19 6.41 -24.96
CA PRO B 152 -4.54 6.01 -23.71
C PRO B 152 -5.54 5.53 -22.67
N SER B 153 -6.75 6.09 -22.68
CA SER B 153 -7.78 5.71 -21.71
C SER B 153 -8.42 4.35 -22.00
N GLY B 154 -8.23 3.84 -23.22
CA GLY B 154 -8.82 2.58 -23.57
C GLY B 154 -10.03 2.71 -24.47
N ALA B 155 -10.35 3.94 -24.85
CA ALA B 155 -11.47 4.19 -25.73
C ALA B 155 -11.11 3.57 -27.08
N LEU B 156 -12.14 3.14 -27.80
CA LEU B 156 -11.96 2.50 -29.10
C LEU B 156 -12.96 3.08 -30.10
N LEU B 157 -12.46 3.47 -31.27
CA LEU B 157 -13.33 4.01 -32.30
C LEU B 157 -12.97 3.42 -33.67
N GLU B 158 -14.00 3.20 -34.50
CA GLU B 158 -13.78 2.68 -35.83
C GLU B 158 -13.88 3.83 -36.82
N TYR B 159 -12.91 3.93 -37.72
CA TYR B 159 -12.89 4.99 -38.72
C TYR B 159 -12.83 4.47 -40.15
N LYS B 160 -12.98 5.38 -41.10
CA LYS B 160 -12.91 5.06 -42.52
C LYS B 160 -11.51 5.53 -42.90
N ALA B 161 -11.09 6.62 -42.26
CA ALA B 161 -9.78 7.22 -42.47
C ALA B 161 -9.48 8.09 -41.26
N THR B 162 -8.22 8.12 -40.83
CA THR B 162 -7.85 8.91 -39.66
C THR B 162 -6.34 8.96 -39.46
N ALA B 163 -5.90 9.47 -38.31
CA ALA B 163 -4.47 9.57 -38.04
C ALA B 163 -4.16 9.82 -36.55
N ILE B 164 -2.90 9.61 -36.18
CA ILE B 164 -2.45 9.82 -34.81
C ILE B 164 -1.07 10.44 -34.88
N GLY B 165 -0.67 11.12 -33.82
CA GLY B 165 0.62 11.76 -33.80
C GLY B 165 0.53 13.23 -34.20
N MET B 166 1.68 13.90 -34.31
CA MET B 166 1.79 15.31 -34.67
C MET B 166 0.79 15.83 -35.69
N GLY B 167 0.71 15.17 -36.83
CA GLY B 167 -0.18 15.61 -37.90
C GLY B 167 -1.62 15.17 -37.89
N ARG B 168 -2.13 14.70 -36.77
CA ARG B 168 -3.52 14.27 -36.74
C ARG B 168 -4.46 15.36 -37.26
N MET B 169 -4.33 16.58 -36.74
CA MET B 169 -5.17 17.70 -37.16
C MET B 169 -5.17 17.86 -38.68
N ALA B 170 -4.00 18.15 -39.23
CA ALA B 170 -3.88 18.35 -40.67
C ALA B 170 -4.55 17.20 -41.42
N VAL B 171 -4.00 16.00 -41.27
CA VAL B 171 -4.53 14.81 -41.95
C VAL B 171 -6.04 14.67 -41.80
N THR B 172 -6.52 14.86 -40.58
CA THR B 172 -7.94 14.74 -40.29
C THR B 172 -8.80 15.72 -41.08
N GLU B 173 -8.41 16.98 -41.10
CA GLU B 173 -9.15 18.01 -41.82
C GLU B 173 -9.11 17.72 -43.32
N PHE B 174 -7.95 17.31 -43.81
CA PHE B 174 -7.81 16.99 -45.22
C PHE B 174 -8.78 15.87 -45.59
N PHE B 175 -8.70 14.74 -44.89
CA PHE B 175 -9.59 13.63 -45.18
C PHE B 175 -11.04 14.06 -45.01
N GLU B 176 -11.25 14.94 -44.04
CA GLU B 176 -12.59 15.45 -43.72
C GLU B 176 -13.19 16.19 -44.91
N LYS B 177 -12.32 16.71 -45.77
CA LYS B 177 -12.77 17.46 -46.94
C LYS B 177 -12.69 16.71 -48.26
N GLU B 178 -11.88 15.66 -48.33
CA GLU B 178 -11.75 14.94 -49.59
C GLU B 178 -11.73 13.42 -49.56
N TYR B 179 -12.18 12.81 -48.48
CA TYR B 179 -12.21 11.35 -48.43
C TYR B 179 -13.50 10.88 -49.09
N ARG B 180 -13.40 9.83 -49.90
CA ARG B 180 -14.58 9.29 -50.57
C ARG B 180 -14.89 7.87 -50.12
N ASP B 181 -16.15 7.66 -49.77
CA ASP B 181 -16.63 6.38 -49.30
C ASP B 181 -16.48 5.28 -50.35
N ASP B 182 -16.14 5.69 -51.58
CA ASP B 182 -16.02 4.73 -52.68
C ASP B 182 -14.67 4.70 -53.38
N LEU B 183 -13.66 5.34 -52.80
CA LEU B 183 -12.34 5.37 -53.41
C LEU B 183 -11.82 3.97 -53.73
N SER B 184 -10.80 3.91 -54.58
CA SER B 184 -10.18 2.64 -54.97
C SER B 184 -8.91 2.48 -54.16
N PHE B 185 -8.41 1.25 -54.07
CA PHE B 185 -7.19 1.00 -53.33
C PHE B 185 -6.11 2.02 -53.67
N ASP B 186 -5.80 2.14 -54.96
CA ASP B 186 -4.77 3.07 -55.42
C ASP B 186 -5.12 4.52 -55.11
N ASP B 187 -6.41 4.85 -55.13
CA ASP B 187 -6.83 6.21 -54.83
C ASP B 187 -6.61 6.44 -53.34
N ALA B 188 -7.06 5.48 -52.55
CA ALA B 188 -6.92 5.54 -51.10
C ALA B 188 -5.43 5.70 -50.78
N MET B 189 -4.60 4.94 -51.48
CA MET B 189 -3.16 4.99 -51.27
C MET B 189 -2.64 6.41 -51.52
N VAL B 190 -2.93 6.94 -52.70
CA VAL B 190 -2.48 8.27 -53.05
C VAL B 190 -3.01 9.32 -52.09
N LEU B 191 -4.31 9.27 -51.83
CA LEU B 191 -4.93 10.22 -50.91
C LEU B 191 -4.19 10.18 -49.58
N GLY B 192 -3.83 8.97 -49.16
CA GLY B 192 -3.11 8.80 -47.92
C GLY B 192 -1.76 9.49 -47.94
N LEU B 193 -1.00 9.28 -49.02
CA LEU B 193 0.30 9.91 -49.14
C LEU B 193 0.19 11.42 -49.20
N VAL B 194 -0.84 11.90 -49.88
CA VAL B 194 -1.03 13.34 -49.98
C VAL B 194 -1.18 13.89 -48.57
N ALA B 195 -2.07 13.28 -47.80
CA ALA B 195 -2.30 13.69 -46.42
C ALA B 195 -0.97 13.80 -45.68
N MET B 196 -0.18 12.74 -45.72
CA MET B 196 1.12 12.74 -45.06
C MET B 196 1.89 13.96 -45.52
N GLY B 197 1.79 14.25 -46.82
CA GLY B 197 2.46 15.39 -47.41
C GLY B 197 2.08 16.70 -46.75
N LEU B 198 0.80 17.02 -46.74
CA LEU B 198 0.35 18.25 -46.11
C LEU B 198 0.87 18.26 -44.68
N SER B 199 0.68 17.13 -44.01
CA SER B 199 1.12 16.93 -42.63
C SER B 199 2.54 17.42 -42.41
N ILE B 200 3.44 17.01 -43.29
CA ILE B 200 4.85 17.38 -43.20
C ILE B 200 5.14 18.70 -43.89
N GLU B 201 4.25 19.14 -44.77
CA GLU B 201 4.45 20.38 -45.51
C GLU B 201 5.67 20.23 -46.41
N SER B 202 5.72 19.12 -47.14
CA SER B 202 6.82 18.82 -48.03
C SER B 202 6.51 17.63 -48.91
N GLU B 203 7.07 17.61 -50.11
CA GLU B 203 6.84 16.49 -51.01
C GLU B 203 7.43 15.27 -50.31
N LEU B 204 6.89 14.09 -50.58
CA LEU B 204 7.37 12.89 -49.94
C LEU B 204 8.59 12.25 -50.59
N VAL B 205 9.28 11.44 -49.81
CA VAL B 205 10.45 10.71 -50.25
C VAL B 205 10.15 9.27 -49.87
N PRO B 206 9.71 8.45 -50.84
CA PRO B 206 9.36 7.03 -50.67
C PRO B 206 10.17 6.25 -49.65
N GLU B 207 11.43 6.64 -49.46
CA GLU B 207 12.29 5.93 -48.53
C GLU B 207 12.15 6.38 -47.07
N ASN B 208 11.45 7.48 -46.84
CA ASN B 208 11.26 7.95 -45.46
C ASN B 208 9.79 7.91 -45.02
N ILE B 209 9.07 6.90 -45.51
CA ILE B 209 7.67 6.67 -45.16
C ILE B 209 7.44 5.18 -45.33
N GLU B 210 6.72 4.56 -44.39
CA GLU B 210 6.45 3.14 -44.45
C GLU B 210 4.99 2.86 -44.70
N VAL B 211 4.70 1.93 -45.61
CA VAL B 211 3.32 1.60 -45.92
C VAL B 211 3.05 0.10 -45.88
N GLY B 212 1.97 -0.27 -45.23
CA GLY B 212 1.59 -1.66 -45.15
C GLY B 212 0.10 -1.71 -45.43
N TYR B 213 -0.44 -2.88 -45.78
CA TYR B 213 -1.86 -2.97 -46.07
C TYR B 213 -2.37 -4.40 -46.00
N VAL B 214 -3.69 -4.52 -46.06
CA VAL B 214 -4.36 -5.81 -46.04
C VAL B 214 -5.59 -5.71 -46.94
N LYS B 215 -5.56 -6.46 -48.04
CA LYS B 215 -6.68 -6.45 -48.98
C LYS B 215 -7.66 -7.59 -48.72
N VAL B 216 -8.91 -7.36 -49.14
CA VAL B 216 -9.98 -8.33 -48.97
C VAL B 216 -9.73 -9.68 -49.65
N ASP B 217 -8.99 -9.67 -50.76
CA ASP B 217 -8.72 -10.91 -51.47
C ASP B 217 -7.76 -11.83 -50.74
N ASP B 218 -6.56 -11.34 -50.42
CA ASP B 218 -5.55 -12.12 -49.74
C ASP B 218 -5.75 -12.26 -48.23
N ARG B 219 -6.25 -11.20 -47.61
CA ARG B 219 -6.44 -11.18 -46.17
C ARG B 219 -5.06 -11.43 -45.57
N THR B 220 -4.03 -11.04 -46.31
CA THR B 220 -2.65 -11.22 -45.91
C THR B 220 -1.91 -9.89 -45.86
N PHE B 221 -1.38 -9.55 -44.69
CA PHE B 221 -0.65 -8.31 -44.55
C PHE B 221 0.65 -8.34 -45.32
N LYS B 222 1.04 -7.19 -45.85
CA LYS B 222 2.29 -7.07 -46.58
C LYS B 222 2.70 -5.61 -46.70
N GLU B 223 4.00 -5.39 -46.58
CA GLU B 223 4.58 -4.05 -46.66
C GLU B 223 4.89 -3.73 -48.12
N VAL B 224 4.84 -2.46 -48.50
CA VAL B 224 5.15 -2.09 -49.87
C VAL B 224 6.58 -1.60 -50.01
N SER B 225 7.31 -2.14 -50.97
CA SER B 225 8.70 -1.76 -51.19
C SER B 225 8.76 -0.33 -51.74
N PRO B 226 9.83 0.41 -51.41
CA PRO B 226 9.96 1.79 -51.89
C PRO B 226 9.89 1.86 -53.42
N GLU B 227 10.14 0.73 -54.08
CA GLU B 227 10.08 0.67 -55.54
C GLU B 227 8.63 0.61 -55.99
N GLU B 228 7.85 -0.26 -55.36
CA GLU B 228 6.44 -0.40 -55.70
C GLU B 228 5.72 0.86 -55.23
N LEU B 229 6.36 1.54 -54.30
CA LEU B 229 5.81 2.74 -53.68
C LEU B 229 6.17 4.03 -54.43
N LYS B 230 7.30 4.03 -55.13
CA LYS B 230 7.74 5.23 -55.85
C LYS B 230 6.69 5.83 -56.80
N PRO B 231 6.01 4.99 -57.60
CA PRO B 231 5.01 5.55 -58.51
C PRO B 231 3.91 6.31 -57.78
N TYR B 232 3.48 5.77 -56.64
CA TYR B 232 2.43 6.42 -55.85
C TYR B 232 2.88 7.75 -55.26
N VAL B 233 4.15 7.82 -54.84
CA VAL B 233 4.70 9.05 -54.27
C VAL B 233 4.74 10.13 -55.34
N GLU B 234 5.19 9.75 -56.52
CA GLU B 234 5.29 10.68 -57.65
C GLU B 234 3.95 11.35 -57.89
N ARG B 235 2.90 10.53 -57.98
CA ARG B 235 1.57 11.07 -58.21
C ARG B 235 1.14 11.91 -57.01
N ALA B 236 1.43 11.42 -55.81
CA ALA B 236 1.09 12.12 -54.58
C ALA B 236 1.77 13.48 -54.51
N ASN B 237 3.08 13.50 -54.77
CA ASN B 237 3.83 14.75 -54.72
C ASN B 237 3.29 15.78 -55.69
N GLU B 238 2.67 15.31 -56.77
CA GLU B 238 2.09 16.22 -57.76
C GLU B 238 1.06 17.11 -57.07
N ARG B 239 0.06 16.47 -56.47
CA ARG B 239 -1.00 17.19 -55.77
C ARG B 239 -0.50 17.92 -54.53
N ILE B 240 0.44 17.31 -53.81
CA ILE B 240 0.99 17.94 -52.63
C ILE B 240 1.61 19.25 -53.06
N ARG B 241 2.35 19.20 -54.17
CA ARG B 241 3.02 20.36 -54.72
C ARG B 241 1.95 21.39 -55.11
N GLU B 242 0.91 20.90 -55.77
CA GLU B 242 -0.20 21.74 -56.22
C GLU B 242 -0.94 22.41 -55.08
N LEU B 243 -1.06 21.73 -53.94
CA LEU B 243 -1.78 22.28 -52.79
C LEU B 243 -0.87 23.07 -51.85
N LEU B 244 0.35 22.60 -51.66
CA LEU B 244 1.28 23.29 -50.77
C LEU B 244 1.60 24.65 -51.37
N LYS B 245 1.15 25.71 -50.70
CA LYS B 245 1.38 27.08 -51.16
C LYS B 245 1.08 27.24 -52.65
N LYS B 246 -0.14 27.68 -52.95
CA LYS B 246 -0.56 27.87 -54.33
C LYS B 246 0.19 29.04 -54.98
N PRO C 4 -18.77 20.81 -2.92
CA PRO C 4 -17.62 21.11 -3.80
C PRO C 4 -16.57 21.88 -3.02
N GLN C 5 -16.11 21.30 -1.92
CA GLN C 5 -15.11 21.95 -1.09
C GLN C 5 -13.77 21.23 -1.09
N MET C 6 -12.73 21.96 -1.49
CA MET C 6 -11.39 21.41 -1.55
C MET C 6 -11.06 20.84 -0.18
N GLY C 7 -10.16 19.86 -0.14
CA GLY C 7 -9.82 19.24 1.13
C GLY C 7 -10.57 17.96 1.36
N TYR C 8 -11.75 17.83 0.76
CA TYR C 8 -12.55 16.61 0.93
C TYR C 8 -12.99 16.01 -0.40
N ASP C 9 -12.54 16.61 -1.50
CA ASP C 9 -12.98 16.13 -2.82
C ASP C 9 -12.00 15.42 -3.75
N ARG C 10 -10.88 14.95 -3.23
CA ARG C 10 -9.97 14.25 -4.12
C ARG C 10 -9.58 12.85 -3.68
N ALA C 11 -10.47 12.20 -2.93
CA ALA C 11 -10.25 10.83 -2.46
C ALA C 11 -11.63 10.19 -2.26
N ILE C 12 -11.96 9.24 -3.13
CA ILE C 12 -13.24 8.54 -3.09
C ILE C 12 -13.68 8.01 -1.73
N THR C 13 -12.72 7.70 -0.87
CA THR C 13 -13.04 7.15 0.43
C THR C 13 -13.29 8.17 1.53
N VAL C 14 -13.16 9.45 1.20
CA VAL C 14 -13.37 10.48 2.20
C VAL C 14 -14.73 11.14 2.14
N PHE C 15 -15.40 11.20 3.28
CA PHE C 15 -16.69 11.86 3.38
C PHE C 15 -16.40 13.34 3.64
N SER C 16 -17.28 14.22 3.17
CA SER C 16 -17.11 15.65 3.40
C SER C 16 -17.81 15.92 4.72
N PRO C 17 -17.63 17.13 5.29
CA PRO C 17 -18.29 17.42 6.58
C PRO C 17 -19.81 17.29 6.50
N ASP C 18 -20.39 17.50 5.33
CA ASP C 18 -21.84 17.36 5.20
C ASP C 18 -22.26 16.00 4.61
N GLY C 19 -21.42 14.99 4.83
CA GLY C 19 -21.73 13.62 4.40
C GLY C 19 -21.86 13.31 2.93
N ARG C 20 -20.91 13.78 2.13
CA ARG C 20 -20.96 13.50 0.72
C ARG C 20 -19.67 12.88 0.20
N LEU C 21 -19.76 12.30 -0.98
CA LEU C 21 -18.65 11.64 -1.67
C LEU C 21 -18.46 12.44 -2.95
N PHE C 22 -17.76 13.56 -2.82
CA PHE C 22 -17.53 14.42 -3.98
C PHE C 22 -16.94 13.73 -5.21
N GLN C 23 -16.08 12.73 -5.03
CA GLN C 23 -15.51 12.08 -6.19
C GLN C 23 -16.60 11.35 -6.98
N VAL C 24 -17.66 10.94 -6.29
CA VAL C 24 -18.77 10.28 -6.96
C VAL C 24 -19.57 11.36 -7.70
N GLU C 25 -19.74 12.52 -7.07
CA GLU C 25 -20.49 13.61 -7.69
C GLU C 25 -19.74 14.11 -8.91
N TYR C 26 -18.41 14.12 -8.82
CA TYR C 26 -17.59 14.55 -9.95
C TYR C 26 -17.69 13.51 -11.05
N ALA C 27 -17.71 12.23 -10.69
CA ALA C 27 -17.82 11.20 -11.70
C ALA C 27 -19.13 11.42 -12.46
N ARG C 28 -20.17 11.81 -11.73
CA ARG C 28 -21.46 12.06 -12.36
C ARG C 28 -21.34 13.18 -13.40
N GLU C 29 -20.37 14.07 -13.22
CA GLU C 29 -20.20 15.16 -14.18
C GLU C 29 -19.75 14.59 -15.52
N ALA C 30 -19.12 13.42 -15.48
CA ALA C 30 -18.65 12.80 -16.73
C ALA C 30 -19.83 12.27 -17.54
N VAL C 31 -20.81 11.65 -16.90
CA VAL C 31 -21.92 11.13 -17.67
C VAL C 31 -22.77 12.25 -18.29
N LYS C 32 -22.78 13.42 -17.64
CA LYS C 32 -23.54 14.57 -18.16
C LYS C 32 -23.09 14.95 -19.58
N ARG C 33 -21.81 14.76 -19.87
CA ARG C 33 -21.25 15.11 -21.17
C ARG C 33 -21.56 14.15 -22.31
N GLY C 34 -22.14 13.00 -22.00
CA GLY C 34 -22.42 12.02 -23.03
C GLY C 34 -23.66 12.25 -23.85
N ALA C 35 -23.70 11.66 -25.05
CA ALA C 35 -24.85 11.78 -25.92
C ALA C 35 -26.00 11.27 -25.08
N THR C 36 -27.17 11.88 -25.20
CA THR C 36 -28.29 11.47 -24.39
C THR C 36 -28.95 10.15 -24.85
N ALA C 37 -29.32 9.33 -23.89
CA ALA C 37 -29.96 8.06 -24.16
C ALA C 37 -31.28 8.10 -23.41
N ILE C 38 -32.35 7.72 -24.10
CA ILE C 38 -33.68 7.72 -23.53
C ILE C 38 -34.25 6.32 -23.35
N GLY C 39 -35.03 6.17 -22.29
CA GLY C 39 -35.66 4.90 -22.01
C GLY C 39 -37.12 5.14 -21.69
N ILE C 40 -37.99 4.38 -22.35
CA ILE C 40 -39.42 4.52 -22.11
C ILE C 40 -40.09 3.16 -22.10
N LYS C 41 -40.91 2.94 -21.08
CA LYS C 41 -41.60 1.68 -20.93
C LYS C 41 -43.11 1.87 -21.15
N CYS C 42 -43.76 0.81 -21.62
CA CYS C 42 -45.20 0.85 -21.85
C CYS C 42 -45.74 -0.54 -21.56
N LYS C 43 -47.05 -0.71 -21.83
CA LYS C 43 -47.74 -1.97 -21.58
C LYS C 43 -47.11 -3.17 -22.30
N GLU C 44 -46.89 -3.02 -23.59
CA GLU C 44 -46.36 -4.10 -24.42
C GLU C 44 -44.85 -4.24 -24.53
N GLY C 45 -44.10 -3.37 -23.88
CA GLY C 45 -42.65 -3.49 -23.96
C GLY C 45 -41.86 -2.28 -23.52
N VAL C 46 -40.54 -2.36 -23.71
CA VAL C 46 -39.65 -1.26 -23.33
C VAL C 46 -38.82 -0.81 -24.51
N ILE C 47 -38.58 0.50 -24.60
CA ILE C 47 -37.82 1.07 -25.70
C ILE C 47 -36.61 1.87 -25.24
N LEU C 48 -35.55 1.85 -26.04
CA LEU C 48 -34.33 2.58 -25.75
C LEU C 48 -33.95 3.39 -26.99
N ILE C 49 -33.80 4.70 -26.82
CA ILE C 49 -33.46 5.56 -27.93
C ILE C 49 -32.19 6.32 -27.60
N ALA C 50 -31.22 6.27 -28.51
CA ALA C 50 -29.94 6.95 -28.29
C ALA C 50 -29.56 7.85 -29.45
N ASP C 51 -28.91 8.96 -29.13
CA ASP C 51 -28.46 9.91 -30.14
C ASP C 51 -27.08 9.45 -30.63
N LYS C 52 -26.95 9.23 -31.93
CA LYS C 52 -25.67 8.80 -32.47
C LYS C 52 -25.05 9.77 -33.46
N ARG C 53 -25.44 11.04 -33.37
CA ARG C 53 -24.87 12.06 -34.26
C ARG C 53 -23.37 12.17 -34.00
N VAL C 54 -22.58 12.18 -35.07
CA VAL C 54 -21.13 12.28 -34.94
C VAL C 54 -20.65 13.61 -35.50
N GLY C 55 -19.51 14.08 -34.99
CA GLY C 55 -18.98 15.35 -35.47
C GLY C 55 -18.13 15.23 -36.71
N SER C 56 -17.88 14.01 -37.16
CA SER C 56 -17.06 13.79 -38.35
C SER C 56 -17.58 12.68 -39.25
N LYS C 57 -17.34 12.84 -40.55
CA LYS C 57 -17.77 11.86 -41.53
C LYS C 57 -16.74 10.75 -41.67
N LEU C 58 -15.59 10.92 -41.02
CA LEU C 58 -14.54 9.93 -41.09
C LEU C 58 -14.81 8.75 -40.17
N LEU C 59 -15.72 8.93 -39.22
CA LEU C 59 -16.08 7.85 -38.32
C LEU C 59 -16.98 6.86 -39.05
N GLU C 60 -16.68 5.58 -38.89
CA GLU C 60 -17.49 4.54 -39.52
C GLU C 60 -18.76 4.44 -38.71
N LYS C 61 -19.62 5.45 -38.83
CA LYS C 61 -20.86 5.48 -38.07
C LYS C 61 -21.78 4.32 -38.44
N ASP C 62 -21.53 3.71 -39.59
CA ASP C 62 -22.33 2.57 -40.04
C ASP C 62 -22.12 1.39 -39.10
N THR C 63 -21.18 1.54 -38.17
CA THR C 63 -20.87 0.49 -37.21
C THR C 63 -20.88 1.02 -35.78
N ILE C 64 -21.38 2.24 -35.59
CA ILE C 64 -21.46 2.82 -34.25
C ILE C 64 -22.65 2.20 -33.51
N GLU C 65 -22.43 1.82 -32.26
CA GLU C 65 -23.49 1.20 -31.48
C GLU C 65 -23.70 1.94 -30.17
N LYS C 66 -24.92 2.42 -29.95
CA LYS C 66 -25.25 3.15 -28.74
C LYS C 66 -26.15 2.30 -27.83
N ILE C 67 -26.83 1.33 -28.43
CA ILE C 67 -27.70 0.45 -27.67
C ILE C 67 -27.10 -0.94 -27.78
N TYR C 68 -26.84 -1.59 -26.65
CA TYR C 68 -26.22 -2.91 -26.68
C TYR C 68 -27.04 -4.05 -26.14
N LYS C 69 -27.02 -5.16 -26.89
CA LYS C 69 -27.74 -6.36 -26.50
C LYS C 69 -26.89 -7.04 -25.43
N ILE C 70 -27.53 -7.39 -24.32
CA ILE C 70 -26.83 -8.04 -23.21
C ILE C 70 -27.14 -9.52 -23.28
N ASP C 71 -28.41 -9.82 -23.56
CA ASP C 71 -28.89 -11.18 -23.67
C ASP C 71 -30.09 -11.09 -24.59
N GLU C 72 -30.73 -12.21 -24.88
CA GLU C 72 -31.88 -12.20 -25.79
C GLU C 72 -32.99 -11.24 -25.36
N HIS C 73 -33.19 -11.10 -24.05
CA HIS C 73 -34.25 -10.23 -23.54
C HIS C 73 -33.75 -8.98 -22.82
N ILE C 74 -32.45 -8.84 -22.64
CA ILE C 74 -31.91 -7.67 -21.95
C ILE C 74 -31.22 -6.70 -22.89
N CYS C 75 -31.48 -5.43 -22.65
CA CYS C 75 -31.01 -4.32 -23.47
C CYS C 75 -30.27 -3.27 -22.62
N ALA C 76 -29.41 -2.45 -23.24
CA ALA C 76 -28.68 -1.43 -22.45
C ALA C 76 -28.10 -0.25 -23.22
N ALA C 77 -28.17 0.93 -22.61
CA ALA C 77 -27.63 2.16 -23.19
C ALA C 77 -26.55 2.71 -22.25
N THR C 78 -25.71 3.60 -22.78
CA THR C 78 -24.59 4.13 -22.00
C THR C 78 -24.36 5.64 -22.07
N SER C 79 -23.70 6.17 -21.05
CA SER C 79 -23.34 7.60 -21.01
C SER C 79 -22.21 7.83 -20.01
N GLY C 80 -21.20 8.57 -20.45
CA GLY C 80 -20.04 8.85 -19.61
C GLY C 80 -18.73 8.43 -20.29
N LEU C 81 -17.71 8.14 -19.49
CA LEU C 81 -16.42 7.72 -20.06
C LEU C 81 -16.56 6.50 -20.95
N VAL C 82 -16.10 6.62 -22.20
CA VAL C 82 -16.22 5.58 -23.21
C VAL C 82 -15.66 4.22 -22.84
N ALA C 83 -14.37 4.17 -22.54
CA ALA C 83 -13.72 2.92 -22.17
C ALA C 83 -14.39 2.29 -20.95
N ASP C 84 -14.71 3.10 -19.95
CA ASP C 84 -15.38 2.59 -18.75
C ASP C 84 -16.72 1.92 -19.14
N ALA C 85 -17.47 2.54 -20.04
CA ALA C 85 -18.75 2.02 -20.46
C ALA C 85 -18.63 0.65 -21.11
N ARG C 86 -17.74 0.53 -22.08
CA ARG C 86 -17.54 -0.74 -22.78
C ARG C 86 -17.26 -1.85 -21.77
N VAL C 87 -16.36 -1.59 -20.83
CA VAL C 87 -16.01 -2.58 -19.82
C VAL C 87 -17.23 -3.03 -19.04
N LEU C 88 -18.10 -2.07 -18.71
CA LEU C 88 -19.31 -2.36 -17.94
C LEU C 88 -20.27 -3.25 -18.74
N ILE C 89 -20.38 -3.00 -20.04
CA ILE C 89 -21.26 -3.80 -20.87
C ILE C 89 -20.76 -5.25 -21.06
N ASP C 90 -19.44 -5.41 -21.20
CA ASP C 90 -18.89 -6.75 -21.34
C ASP C 90 -19.15 -7.47 -20.02
N ARG C 91 -19.03 -6.74 -18.92
CA ARG C 91 -19.26 -7.30 -17.61
C ARG C 91 -20.69 -7.81 -17.49
N ALA C 92 -21.64 -7.05 -18.04
CA ALA C 92 -23.04 -7.44 -17.97
C ALA C 92 -23.26 -8.72 -18.77
N ARG C 93 -22.67 -8.78 -19.96
CA ARG C 93 -22.80 -9.94 -20.82
C ARG C 93 -22.24 -11.17 -20.11
N ILE C 94 -21.02 -11.06 -19.59
CA ILE C 94 -20.41 -12.18 -18.87
C ILE C 94 -21.36 -12.60 -17.76
N GLU C 95 -21.89 -11.61 -17.04
CA GLU C 95 -22.80 -11.87 -15.94
C GLU C 95 -24.05 -12.61 -16.42
N ALA C 96 -24.50 -12.30 -17.63
CA ALA C 96 -25.68 -12.95 -18.19
C ALA C 96 -25.38 -14.42 -18.51
N GLN C 97 -24.16 -14.69 -18.95
CA GLN C 97 -23.76 -16.04 -19.28
C GLN C 97 -23.58 -16.87 -18.01
N ILE C 98 -22.92 -16.29 -17.01
CA ILE C 98 -22.71 -16.99 -15.75
C ILE C 98 -24.05 -17.49 -15.20
N ASN C 99 -25.07 -16.66 -15.30
CA ASN C 99 -26.39 -17.01 -14.78
C ASN C 99 -26.97 -18.27 -15.43
N ARG C 100 -26.90 -18.35 -16.75
CA ARG C 100 -27.43 -19.48 -17.49
C ARG C 100 -26.68 -20.77 -17.15
N LEU C 101 -25.45 -20.61 -16.68
CA LEU C 101 -24.59 -21.74 -16.30
C LEU C 101 -24.93 -22.22 -14.89
N THR C 102 -24.95 -21.29 -13.95
CA THR C 102 -25.21 -21.56 -12.55
C THR C 102 -26.64 -21.99 -12.22
N TYR C 103 -27.60 -21.27 -12.78
CA TYR C 103 -29.01 -21.55 -12.53
C TYR C 103 -29.67 -22.15 -13.76
N ASP C 104 -28.87 -22.37 -14.78
CA ASP C 104 -29.35 -22.95 -16.02
C ASP C 104 -30.62 -22.28 -16.52
N ILE C 105 -30.72 -20.96 -16.30
CA ILE C 105 -31.86 -20.17 -16.75
C ILE C 105 -31.40 -18.73 -16.99
N PRO C 106 -32.11 -17.99 -17.85
CA PRO C 106 -31.72 -16.60 -18.12
C PRO C 106 -31.86 -15.69 -16.90
N ILE C 107 -30.94 -14.75 -16.76
CA ILE C 107 -30.98 -13.81 -15.64
C ILE C 107 -32.09 -12.79 -15.90
N THR C 108 -32.68 -12.27 -14.84
CA THR C 108 -33.73 -11.26 -14.99
C THR C 108 -33.07 -9.90 -15.18
N VAL C 109 -33.83 -8.92 -15.64
CA VAL C 109 -33.32 -7.57 -15.83
C VAL C 109 -32.88 -7.00 -14.48
N LYS C 110 -33.74 -7.18 -13.47
CA LYS C 110 -33.48 -6.70 -12.12
C LYS C 110 -32.16 -7.26 -11.57
N GLU C 111 -31.98 -8.58 -11.66
CA GLU C 111 -30.76 -9.20 -11.15
C GLU C 111 -29.51 -8.75 -11.90
N LEU C 112 -29.63 -8.54 -13.20
CA LEU C 112 -28.49 -8.09 -13.96
C LEU C 112 -28.11 -6.67 -13.51
N ALA C 113 -29.08 -5.76 -13.55
CA ALA C 113 -28.84 -4.38 -13.15
C ALA C 113 -28.26 -4.35 -11.74
N LYS C 114 -28.79 -5.21 -10.89
CA LYS C 114 -28.37 -5.30 -9.51
C LYS C 114 -26.92 -5.74 -9.37
N LYS C 115 -26.50 -6.67 -10.22
CA LYS C 115 -25.13 -7.18 -10.15
C LYS C 115 -24.11 -6.17 -10.70
N ILE C 116 -24.48 -5.44 -11.74
CA ILE C 116 -23.58 -4.46 -12.30
C ILE C 116 -23.46 -3.28 -11.34
N CYS C 117 -24.52 -3.02 -10.57
CA CYS C 117 -24.49 -1.92 -9.61
C CYS C 117 -23.74 -2.27 -8.33
N ASP C 118 -23.72 -3.54 -7.96
CA ASP C 118 -22.99 -3.94 -6.77
C ASP C 118 -21.52 -3.84 -7.10
N PHE C 119 -21.22 -4.10 -8.37
CA PHE C 119 -19.84 -4.05 -8.84
C PHE C 119 -19.38 -2.59 -8.81
N LYS C 120 -20.22 -1.68 -9.29
CA LYS C 120 -19.87 -0.27 -9.29
C LYS C 120 -19.74 0.28 -7.88
N GLN C 121 -20.60 -0.20 -6.98
CA GLN C 121 -20.57 0.26 -5.62
C GLN C 121 -19.21 -0.03 -4.97
N GLN C 122 -18.61 -1.17 -5.29
CA GLN C 122 -17.32 -1.54 -4.74
C GLN C 122 -16.18 -0.63 -5.20
N TYR C 123 -16.28 -0.07 -6.40
CA TYR C 123 -15.25 0.82 -6.91
C TYR C 123 -15.51 2.19 -6.31
N THR C 124 -16.21 2.17 -5.18
CA THR C 124 -16.57 3.39 -4.49
C THR C 124 -16.09 3.44 -3.05
N GLN C 125 -15.66 2.30 -2.49
CA GLN C 125 -15.22 2.36 -1.12
C GLN C 125 -13.84 1.81 -0.77
N TYR C 126 -12.95 1.77 -1.75
CA TYR C 126 -11.59 1.32 -1.58
C TYR C 126 -10.62 2.39 -2.08
N GLY C 127 -9.56 2.62 -1.31
CA GLY C 127 -8.56 3.64 -1.62
C GLY C 127 -7.84 3.77 -2.96
N GLY C 128 -7.36 2.67 -3.53
CA GLY C 128 -6.65 2.84 -4.78
C GLY C 128 -7.51 2.52 -5.98
N VAL C 129 -8.78 2.88 -5.88
CA VAL C 129 -9.71 2.57 -6.93
C VAL C 129 -10.54 3.77 -7.40
N ARG C 130 -10.70 3.89 -8.71
CA ARG C 130 -11.47 4.97 -9.31
C ARG C 130 -12.86 4.46 -9.66
N PRO C 131 -13.90 5.27 -9.40
CA PRO C 131 -15.29 4.87 -9.71
C PRO C 131 -15.51 4.92 -11.21
N PHE C 132 -16.43 4.12 -11.73
CA PHE C 132 -16.75 4.14 -13.15
C PHE C 132 -17.48 5.45 -13.46
N GLY C 133 -17.02 6.18 -14.48
CA GLY C 133 -17.65 7.43 -14.82
C GLY C 133 -18.76 7.23 -15.84
N VAL C 134 -19.75 6.43 -15.47
CA VAL C 134 -20.84 6.18 -16.40
C VAL C 134 -22.14 5.75 -15.75
N SER C 135 -23.23 6.06 -16.43
CA SER C 135 -24.57 5.65 -16.01
C SER C 135 -25.09 4.70 -17.10
N LEU C 136 -25.98 3.80 -16.73
CA LEU C 136 -26.55 2.88 -17.70
C LEU C 136 -28.05 2.82 -17.59
N LEU C 137 -28.67 2.47 -18.72
CA LEU C 137 -30.10 2.25 -18.83
C LEU C 137 -30.16 0.77 -19.17
N ILE C 138 -30.65 -0.05 -18.24
CA ILE C 138 -30.78 -1.47 -18.49
C ILE C 138 -32.26 -1.75 -18.73
N ALA C 139 -32.59 -2.23 -19.92
CA ALA C 139 -33.99 -2.50 -20.27
C ALA C 139 -34.23 -3.92 -20.76
N GLY C 140 -35.41 -4.45 -20.49
CA GLY C 140 -35.72 -5.80 -20.93
C GLY C 140 -37.10 -6.21 -20.52
N VAL C 141 -37.38 -7.51 -20.64
CA VAL C 141 -38.67 -8.04 -20.26
C VAL C 141 -38.53 -9.35 -19.52
N ASN C 142 -38.96 -9.36 -18.26
CA ASN C 142 -38.94 -10.56 -17.45
C ASN C 142 -40.38 -11.06 -17.57
N GLU C 143 -41.19 -10.86 -16.53
CA GLU C 143 -42.58 -11.25 -16.57
C GLU C 143 -43.32 -10.02 -17.06
N VAL C 144 -42.72 -8.86 -16.80
CA VAL C 144 -43.25 -7.56 -17.19
C VAL C 144 -42.08 -6.71 -17.72
N PRO C 145 -42.36 -5.66 -18.52
CA PRO C 145 -41.26 -4.84 -19.02
C PRO C 145 -40.47 -4.18 -17.87
N LYS C 146 -39.20 -3.89 -18.11
CA LYS C 146 -38.36 -3.28 -17.10
C LYS C 146 -37.41 -2.20 -17.63
N LEU C 147 -37.27 -1.12 -16.88
CA LEU C 147 -36.38 -0.02 -17.24
C LEU C 147 -35.60 0.42 -16.00
N TYR C 148 -34.27 0.25 -16.04
CA TYR C 148 -33.43 0.63 -14.91
C TYR C 148 -32.40 1.69 -15.26
N GLU C 149 -32.09 2.53 -14.30
CA GLU C 149 -31.10 3.58 -14.50
C GLU C 149 -30.04 3.40 -13.42
N THR C 150 -28.78 3.41 -13.83
CA THR C 150 -27.71 3.24 -12.87
C THR C 150 -26.96 4.54 -12.67
N ASP C 151 -26.14 4.56 -11.63
CA ASP C 151 -25.37 5.72 -11.24
C ASP C 151 -23.91 5.32 -10.99
N PRO C 152 -22.96 6.25 -11.14
CA PRO C 152 -21.56 5.91 -10.88
C PRO C 152 -21.35 5.33 -9.49
N SER C 153 -22.17 5.73 -8.52
CA SER C 153 -22.02 5.23 -7.15
C SER C 153 -22.57 3.83 -6.96
N GLY C 154 -23.35 3.34 -7.91
CA GLY C 154 -23.92 2.01 -7.81
C GLY C 154 -25.39 2.03 -7.44
N ALA C 155 -25.97 3.22 -7.32
CA ALA C 155 -27.38 3.35 -6.99
C ALA C 155 -28.16 2.77 -8.16
N LEU C 156 -29.32 2.23 -7.86
CA LEU C 156 -30.17 1.63 -8.88
C LEU C 156 -31.61 2.10 -8.70
N LEU C 157 -32.23 2.55 -9.77
CA LEU C 157 -33.62 3.02 -9.72
C LEU C 157 -34.42 2.47 -10.91
N GLU C 158 -35.68 2.15 -10.66
CA GLU C 158 -36.55 1.66 -11.72
C GLU C 158 -37.47 2.80 -12.16
N TYR C 159 -37.55 3.02 -13.46
CA TYR C 159 -38.38 4.09 -14.01
C TYR C 159 -39.43 3.57 -15.00
N LYS C 160 -40.32 4.48 -15.40
CA LYS C 160 -41.34 4.17 -16.38
C LYS C 160 -40.80 4.81 -17.65
N ALA C 161 -40.10 5.93 -17.47
CA ALA C 161 -39.50 6.68 -18.56
C ALA C 161 -38.43 7.57 -17.95
N THR C 162 -37.29 7.71 -18.64
CA THR C 162 -36.21 8.54 -18.12
C THR C 162 -35.12 8.76 -19.16
N ALA C 163 -33.98 9.31 -18.72
CA ALA C 163 -32.87 9.57 -19.64
C ALA C 163 -31.55 9.83 -18.93
N ILE C 164 -30.46 9.77 -19.68
CA ILE C 164 -29.13 10.02 -19.15
C ILE C 164 -28.36 10.79 -20.20
N GLY C 165 -27.33 11.50 -19.77
CA GLY C 165 -26.54 12.29 -20.70
C GLY C 165 -27.00 13.75 -20.74
N MET C 166 -26.40 14.53 -21.64
CA MET C 166 -26.70 15.94 -21.82
C MET C 166 -28.16 16.37 -21.64
N GLY C 167 -29.05 15.70 -22.37
CA GLY C 167 -30.46 16.06 -22.31
C GLY C 167 -31.34 15.45 -21.24
N ARG C 168 -30.75 14.93 -20.18
CA ARG C 168 -31.57 14.33 -19.14
C ARG C 168 -32.63 15.31 -18.63
N MET C 169 -32.21 16.54 -18.30
CA MET C 169 -33.15 17.55 -17.81
C MET C 169 -34.34 17.73 -18.75
N ALA C 170 -34.06 18.16 -19.98
CA ALA C 170 -35.10 18.36 -20.96
C ALA C 170 -36.03 17.16 -21.03
N VAL C 171 -35.50 16.03 -21.47
CA VAL C 171 -36.27 14.80 -21.60
C VAL C 171 -37.10 14.49 -20.36
N THR C 172 -36.47 14.62 -19.20
CA THR C 172 -37.13 14.33 -17.93
C THR C 172 -38.34 15.22 -17.67
N GLU C 173 -38.19 16.52 -17.87
CA GLU C 173 -39.29 17.45 -17.65
C GLU C 173 -40.40 17.18 -18.65
N PHE C 174 -40.03 16.90 -19.90
CA PHE C 174 -41.02 16.62 -20.92
C PHE C 174 -41.84 15.40 -20.52
N PHE C 175 -41.18 14.29 -20.23
CA PHE C 175 -41.89 13.08 -19.83
C PHE C 175 -42.69 13.36 -18.56
N GLU C 176 -42.12 14.19 -17.71
CA GLU C 176 -42.75 14.54 -16.43
C GLU C 176 -44.10 15.22 -16.66
N LYS C 177 -44.26 15.85 -17.82
CA LYS C 177 -45.49 16.55 -18.14
C LYS C 177 -46.43 15.82 -19.10
N GLU C 178 -45.90 14.87 -19.87
CA GLU C 178 -46.74 14.18 -20.84
C GLU C 178 -46.61 12.67 -20.99
N TYR C 179 -46.03 12.00 -20.00
CA TYR C 179 -45.91 10.56 -20.08
C TYR C 179 -47.20 9.94 -19.55
N ARG C 180 -47.69 8.92 -20.23
CA ARG C 180 -48.92 8.26 -19.81
C ARG C 180 -48.68 6.81 -19.41
N ASP C 181 -49.18 6.47 -18.23
CA ASP C 181 -49.04 5.13 -17.69
C ASP C 181 -49.69 4.07 -18.57
N ASP C 182 -50.46 4.51 -19.56
CA ASP C 182 -51.16 3.60 -20.44
C ASP C 182 -50.87 3.74 -21.93
N LEU C 183 -49.82 4.46 -22.28
CA LEU C 183 -49.46 4.64 -23.69
C LEU C 183 -49.29 3.32 -24.41
N SER C 184 -49.31 3.38 -25.74
CA SER C 184 -49.14 2.19 -26.56
C SER C 184 -47.71 2.15 -27.06
N PHE C 185 -47.26 0.99 -27.51
CA PHE C 185 -45.89 0.86 -28.00
C PHE C 185 -45.54 2.00 -28.95
N ASP C 186 -46.36 2.17 -29.99
CA ASP C 186 -46.12 3.20 -30.98
C ASP C 186 -46.20 4.62 -30.39
N ASP C 187 -47.04 4.79 -29.38
CA ASP C 187 -47.16 6.10 -28.74
C ASP C 187 -45.88 6.34 -27.96
N ALA C 188 -45.50 5.33 -27.18
CA ALA C 188 -44.29 5.41 -26.38
C ALA C 188 -43.11 5.72 -27.30
N MET C 189 -43.08 5.07 -28.46
CA MET C 189 -42.02 5.27 -29.43
C MET C 189 -41.97 6.73 -29.87
N VAL C 190 -43.11 7.25 -30.32
CA VAL C 190 -43.19 8.63 -30.78
C VAL C 190 -42.84 9.60 -29.67
N LEU C 191 -43.44 9.39 -28.51
CA LEU C 191 -43.19 10.25 -27.35
C LEU C 191 -41.69 10.29 -27.09
N GLY C 192 -41.06 9.13 -27.22
CA GLY C 192 -39.63 9.04 -27.01
C GLY C 192 -38.84 9.87 -28.00
N LEU C 193 -39.19 9.76 -29.28
CA LEU C 193 -38.50 10.52 -30.31
C LEU C 193 -38.73 12.02 -30.11
N VAL C 194 -39.93 12.38 -29.70
CA VAL C 194 -40.22 13.80 -29.48
C VAL C 194 -39.26 14.31 -28.43
N ALA C 195 -39.17 13.59 -27.31
CA ALA C 195 -38.27 13.95 -26.23
C ALA C 195 -36.87 14.22 -26.78
N MET C 196 -36.34 13.25 -27.53
CA MET C 196 -35.02 13.40 -28.11
C MET C 196 -34.97 14.70 -28.88
N GLY C 197 -36.06 14.98 -29.59
CA GLY C 197 -36.17 16.20 -30.38
C GLY C 197 -35.97 17.46 -29.55
N LEU C 198 -36.79 17.63 -28.52
CA LEU C 198 -36.66 18.79 -27.66
C LEU C 198 -35.23 18.84 -27.16
N SER C 199 -34.76 17.69 -26.70
CA SER C 199 -33.40 17.54 -26.18
C SER C 199 -32.36 18.18 -27.09
N ILE C 200 -32.46 17.89 -28.38
CA ILE C 200 -31.53 18.40 -29.38
C ILE C 200 -31.96 19.76 -29.92
N GLU C 201 -33.24 20.10 -29.74
CA GLU C 201 -33.76 21.37 -30.25
C GLU C 201 -33.68 21.36 -31.77
N SER C 202 -34.15 20.27 -32.37
CA SER C 202 -34.12 20.11 -33.81
C SER C 202 -34.92 18.88 -34.23
N GLU C 203 -35.52 18.94 -35.42
CA GLU C 203 -36.28 17.80 -35.92
C GLU C 203 -35.29 16.66 -36.05
N LEU C 204 -35.77 15.43 -35.90
CA LEU C 204 -34.89 14.27 -35.98
C LEU C 204 -34.59 13.80 -37.38
N VAL C 205 -33.49 13.05 -37.49
CA VAL C 205 -33.05 12.46 -38.75
C VAL C 205 -32.84 10.99 -38.41
N PRO C 206 -33.83 10.14 -38.76
CA PRO C 206 -33.82 8.70 -38.51
C PRO C 206 -32.47 8.00 -38.56
N GLU C 207 -31.56 8.52 -39.38
CA GLU C 207 -30.26 7.91 -39.52
C GLU C 207 -29.24 8.33 -38.46
N ASN C 208 -29.58 9.34 -37.65
CA ASN C 208 -28.66 9.77 -36.61
C ASN C 208 -29.23 9.57 -35.20
N ILE C 209 -30.00 8.49 -35.05
CA ILE C 209 -30.59 8.10 -33.78
C ILE C 209 -30.75 6.59 -33.84
N GLU C 210 -30.45 5.90 -32.74
CA GLU C 210 -30.58 4.45 -32.71
C GLU C 210 -31.67 4.00 -31.76
N VAL C 211 -32.50 3.07 -32.20
CA VAL C 211 -33.59 2.58 -31.36
C VAL C 211 -33.63 1.06 -31.27
N GLY C 212 -33.78 0.56 -30.05
CA GLY C 212 -33.85 -0.86 -29.81
C GLY C 212 -35.01 -1.07 -28.86
N TYR C 213 -35.54 -2.29 -28.77
CA TYR C 213 -36.66 -2.53 -27.88
C TYR C 213 -36.84 -4.01 -27.58
N VAL C 214 -37.70 -4.28 -26.60
CA VAL C 214 -38.02 -5.64 -26.20
C VAL C 214 -39.49 -5.68 -25.81
N LYS C 215 -40.29 -6.41 -26.58
CA LYS C 215 -41.72 -6.51 -26.33
C LYS C 215 -42.07 -7.74 -25.50
N VAL C 216 -43.19 -7.67 -24.80
CA VAL C 216 -43.67 -8.74 -23.95
C VAL C 216 -43.95 -10.04 -24.69
N ASP C 217 -44.35 -9.95 -25.96
CA ASP C 217 -44.65 -11.15 -26.73
C ASP C 217 -43.41 -11.97 -27.09
N ASP C 218 -42.45 -11.34 -27.77
CA ASP C 218 -41.22 -12.02 -28.19
C ASP C 218 -40.19 -12.18 -27.10
N ARG C 219 -40.09 -11.18 -26.21
CA ARG C 219 -39.07 -11.20 -25.16
C ARG C 219 -37.73 -11.30 -25.87
N THR C 220 -37.69 -10.79 -27.09
CA THR C 220 -36.50 -10.83 -27.92
C THR C 220 -36.08 -9.42 -28.33
N PHE C 221 -34.87 -9.04 -27.98
CA PHE C 221 -34.37 -7.71 -28.34
C PHE C 221 -34.14 -7.60 -29.83
N LYS C 222 -34.38 -6.40 -30.35
CA LYS C 222 -34.17 -6.14 -31.76
C LYS C 222 -34.11 -4.64 -32.03
N GLU C 223 -33.23 -4.27 -32.94
CA GLU C 223 -33.01 -2.88 -33.32
C GLU C 223 -33.97 -2.52 -34.45
N VAL C 224 -34.37 -1.25 -34.54
CA VAL C 224 -35.28 -0.84 -35.61
C VAL C 224 -34.49 -0.19 -36.74
N SER C 225 -34.76 -0.64 -37.97
CA SER C 225 -34.09 -0.11 -39.14
C SER C 225 -34.56 1.31 -39.40
N PRO C 226 -33.68 2.16 -39.96
CA PRO C 226 -34.07 3.54 -40.24
C PRO C 226 -35.31 3.64 -41.13
N GLU C 227 -35.58 2.54 -41.84
CA GLU C 227 -36.74 2.49 -42.72
C GLU C 227 -38.01 2.26 -41.90
N GLU C 228 -37.95 1.32 -40.97
CA GLU C 228 -39.10 1.03 -40.11
C GLU C 228 -39.25 2.18 -39.15
N LEU C 229 -38.16 2.94 -38.99
CA LEU C 229 -38.13 4.06 -38.07
C LEU C 229 -38.54 5.39 -38.69
N LYS C 230 -38.39 5.51 -40.01
CA LYS C 230 -38.75 6.77 -40.70
C LYS C 230 -40.18 7.25 -40.43
N PRO C 231 -41.17 6.34 -40.49
CA PRO C 231 -42.54 6.79 -40.24
C PRO C 231 -42.71 7.43 -38.86
N TYR C 232 -42.06 6.84 -37.85
CA TYR C 232 -42.14 7.35 -36.48
C TYR C 232 -41.50 8.72 -36.34
N VAL C 233 -40.38 8.93 -37.05
CA VAL C 233 -39.68 10.21 -37.00
C VAL C 233 -40.55 11.30 -37.61
N GLU C 234 -41.16 10.98 -38.74
CA GLU C 234 -42.02 11.92 -39.44
C GLU C 234 -43.09 12.43 -38.49
N ARG C 235 -43.78 11.51 -37.82
CA ARG C 235 -44.82 11.90 -36.88
C ARG C 235 -44.20 12.68 -35.73
N ALA C 236 -43.07 12.21 -35.25
CA ALA C 236 -42.37 12.85 -34.14
C ALA C 236 -41.97 14.27 -34.50
N ASN C 237 -41.36 14.45 -35.66
CA ASN C 237 -40.93 15.77 -36.10
C ASN C 237 -42.10 16.75 -36.20
N GLU C 238 -43.30 16.22 -36.44
CA GLU C 238 -44.48 17.07 -36.54
C GLU C 238 -44.66 17.83 -35.23
N ARG C 239 -44.77 17.08 -34.14
CA ARG C 239 -44.94 17.67 -32.81
C ARG C 239 -43.72 18.45 -32.34
N ILE C 240 -42.53 17.94 -32.67
CA ILE C 240 -41.30 18.62 -32.28
C ILE C 240 -41.32 19.99 -32.92
N ARG C 241 -41.72 20.02 -34.20
CA ARG C 241 -41.80 21.26 -34.95
C ARG C 241 -42.84 22.17 -34.28
N GLU C 242 -43.98 21.57 -33.95
CA GLU C 242 -45.07 22.29 -33.30
C GLU C 242 -44.70 22.86 -31.94
N LEU C 243 -43.86 22.15 -31.19
CA LEU C 243 -43.44 22.62 -29.87
C LEU C 243 -42.19 23.50 -29.89
N LEU C 244 -41.25 23.16 -30.76
CA LEU C 244 -40.03 23.94 -30.86
C LEU C 244 -40.37 25.35 -31.35
N LYS C 245 -40.21 26.34 -30.49
CA LYS C 245 -40.50 27.72 -30.82
C LYS C 245 -41.86 27.86 -31.53
N LYS C 246 -42.89 28.17 -30.74
CA LYS C 246 -44.23 28.32 -31.26
C LYS C 246 -44.34 29.58 -32.14
N PRO D 4 -14.90 18.85 14.51
CA PRO D 4 -14.91 19.28 13.09
C PRO D 4 -13.67 20.15 12.83
N GLN D 5 -12.50 19.59 13.10
CA GLN D 5 -11.26 20.34 12.90
C GLN D 5 -10.40 19.76 11.78
N MET D 6 -10.12 20.60 10.77
CA MET D 6 -9.31 20.19 9.63
C MET D 6 -7.99 19.64 10.18
N GLY D 7 -7.37 18.74 9.42
CA GLY D 7 -6.12 18.16 9.87
C GLY D 7 -6.32 16.79 10.50
N TYR D 8 -7.51 16.56 11.05
CA TYR D 8 -7.81 15.27 11.66
C TYR D 8 -9.10 14.64 11.12
N ASP D 9 -9.73 15.29 10.13
CA ASP D 9 -11.00 14.79 9.63
C ASP D 9 -11.09 14.21 8.23
N ARG D 10 -9.97 13.84 7.64
CA ARG D 10 -10.06 13.26 6.31
C ARG D 10 -9.41 11.91 6.14
N ALA D 11 -9.32 11.15 7.24
CA ALA D 11 -8.75 9.81 7.24
C ALA D 11 -9.41 9.03 8.37
N ILE D 12 -10.22 8.04 8.01
CA ILE D 12 -10.95 7.23 8.97
C ILE D 12 -10.13 6.64 10.11
N THR D 13 -8.85 6.42 9.86
CA THR D 13 -8.00 5.82 10.86
C THR D 13 -7.36 6.79 11.84
N VAL D 14 -7.60 8.08 11.65
CA VAL D 14 -7.00 9.08 12.52
C VAL D 14 -7.93 9.60 13.62
N PHE D 15 -7.44 9.57 14.85
CA PHE D 15 -8.18 10.09 15.97
C PHE D 15 -7.85 11.58 16.05
N SER D 16 -8.81 12.37 16.50
CA SER D 16 -8.61 13.79 16.65
C SER D 16 -8.01 13.98 18.05
N PRO D 17 -7.51 15.18 18.36
CA PRO D 17 -6.94 15.37 19.70
C PRO D 17 -7.93 15.09 20.84
N ASP D 18 -9.23 15.25 20.58
CA ASP D 18 -10.20 14.96 21.63
C ASP D 18 -10.85 13.58 21.46
N GLY D 19 -10.10 12.65 20.87
CA GLY D 19 -10.55 11.28 20.70
C GLY D 19 -11.78 10.99 19.87
N ARG D 20 -11.85 11.54 18.67
CA ARG D 20 -12.99 11.29 17.82
C ARG D 20 -12.58 10.80 16.43
N LEU D 21 -13.54 10.23 15.73
CA LEU D 21 -13.36 9.72 14.39
C LEU D 21 -14.27 10.55 13.50
N PHE D 22 -13.80 11.74 13.12
CA PHE D 22 -14.61 12.62 12.32
C PHE D 22 -15.18 12.04 11.03
N GLN D 23 -14.46 11.13 10.38
CA GLN D 23 -14.99 10.56 9.14
C GLN D 23 -16.24 9.74 9.45
N VAL D 24 -16.33 9.21 10.67
CA VAL D 24 -17.52 8.45 11.06
C VAL D 24 -18.65 9.46 11.34
N GLU D 25 -18.31 10.57 11.97
CA GLU D 25 -19.32 11.58 12.27
C GLU D 25 -19.83 12.19 10.97
N TYR D 26 -18.93 12.33 9.99
CA TYR D 26 -19.35 12.85 8.70
C TYR D 26 -20.23 11.83 7.98
N ALA D 27 -19.89 10.55 8.09
CA ALA D 27 -20.69 9.51 7.49
C ALA D 27 -22.10 9.62 8.07
N ARG D 28 -22.20 9.91 9.36
CA ARG D 28 -23.50 10.02 9.99
C ARG D 28 -24.32 11.14 9.37
N GLU D 29 -23.63 12.14 8.80
CA GLU D 29 -24.34 13.25 8.17
C GLU D 29 -25.07 12.75 6.93
N ALA D 30 -24.59 11.63 6.37
CA ALA D 30 -25.25 11.09 5.18
C ALA D 30 -26.58 10.45 5.54
N VAL D 31 -26.65 9.72 6.65
CA VAL D 31 -27.93 9.11 6.99
C VAL D 31 -29.00 10.15 7.39
N LYS D 32 -28.55 11.30 7.89
CA LYS D 32 -29.49 12.37 8.27
C LYS D 32 -30.34 12.82 7.09
N ARG D 33 -29.77 12.77 5.89
CA ARG D 33 -30.46 13.19 4.67
C ARG D 33 -31.49 12.22 4.13
N GLY D 34 -31.54 11.00 4.66
CA GLY D 34 -32.49 10.04 4.14
C GLY D 34 -33.93 10.14 4.62
N ALA D 35 -34.84 9.54 3.86
CA ALA D 35 -36.23 9.54 4.25
C ALA D 35 -36.26 8.90 5.63
N THR D 36 -37.10 9.41 6.52
CA THR D 36 -37.14 8.86 7.87
C THR D 36 -37.82 7.51 7.97
N ALA D 37 -37.25 6.63 8.78
CA ALA D 37 -37.80 5.31 8.99
C ALA D 37 -38.01 5.19 10.49
N ILE D 38 -39.19 4.71 10.87
CA ILE D 38 -39.55 4.57 12.28
C ILE D 38 -39.69 3.12 12.72
N GLY D 39 -39.34 2.87 13.97
CA GLY D 39 -39.43 1.54 14.51
C GLY D 39 -40.10 1.63 15.86
N ILE D 40 -41.10 0.79 16.08
CA ILE D 40 -41.80 0.78 17.36
C ILE D 40 -42.15 -0.64 17.75
N LYS D 41 -41.84 -0.96 19.00
CA LYS D 41 -42.08 -2.30 19.52
C LYS D 41 -43.17 -2.26 20.59
N CYS D 42 -43.90 -3.37 20.71
CA CYS D 42 -44.95 -3.48 21.71
C CYS D 42 -44.99 -4.91 22.20
N LYS D 43 -45.99 -5.22 23.01
CA LYS D 43 -46.16 -6.55 23.59
C LYS D 43 -46.28 -7.68 22.55
N GLU D 44 -47.17 -7.48 21.58
CA GLU D 44 -47.44 -8.50 20.57
C GLU D 44 -46.58 -8.49 19.31
N GLY D 45 -45.65 -7.55 19.21
CA GLY D 45 -44.81 -7.51 18.02
C GLY D 45 -44.04 -6.23 17.79
N VAL D 46 -43.39 -6.15 16.62
CA VAL D 46 -42.60 -4.99 16.26
C VAL D 46 -43.04 -4.44 14.91
N ILE D 47 -43.03 -3.11 14.80
CA ILE D 47 -43.47 -2.45 13.58
C ILE D 47 -42.40 -1.53 12.99
N LEU D 48 -42.39 -1.42 11.66
CA LEU D 48 -41.45 -0.58 10.95
C LEU D 48 -42.23 0.28 9.96
N ILE D 49 -42.08 1.60 10.07
CA ILE D 49 -42.79 2.51 9.19
C ILE D 49 -41.79 3.39 8.47
N ALA D 50 -41.91 3.45 7.14
CA ALA D 50 -40.99 4.26 6.35
C ALA D 50 -41.72 5.21 5.41
N ASP D 51 -41.12 6.38 5.20
CA ASP D 51 -41.69 7.38 4.31
C ASP D 51 -41.20 7.09 2.89
N LYS D 52 -42.14 6.88 1.97
CA LYS D 52 -41.75 6.59 0.60
C LYS D 52 -42.20 7.64 -0.42
N ARG D 53 -42.44 8.86 0.05
CA ARG D 53 -42.83 9.94 -0.85
C ARG D 53 -41.70 10.21 -1.85
N VAL D 54 -42.05 10.31 -3.13
CA VAL D 54 -41.07 10.56 -4.17
C VAL D 54 -41.30 11.93 -4.78
N GLY D 55 -40.22 12.52 -5.30
CA GLY D 55 -40.33 13.84 -5.89
C GLY D 55 -40.78 13.83 -7.34
N SER D 56 -40.91 12.65 -7.92
CA SER D 56 -41.33 12.53 -9.31
C SER D 56 -42.30 11.37 -9.57
N LYS D 57 -43.19 11.58 -10.54
CA LYS D 57 -44.18 10.57 -10.90
C LYS D 57 -43.59 9.58 -11.90
N LEU D 58 -42.39 9.87 -12.38
CA LEU D 58 -41.74 9.00 -13.35
C LEU D 58 -41.13 7.78 -12.66
N LEU D 59 -40.94 7.85 -11.35
CA LEU D 59 -40.39 6.73 -10.61
C LEU D 59 -41.47 5.67 -10.45
N GLU D 60 -41.10 4.42 -10.70
CA GLU D 60 -42.03 3.32 -10.55
C GLU D 60 -42.17 3.07 -9.06
N LYS D 61 -42.84 3.99 -8.37
CA LYS D 61 -43.01 3.87 -6.93
C LYS D 61 -43.81 2.62 -6.55
N ASP D 62 -44.52 2.05 -7.51
CA ASP D 62 -45.31 0.85 -7.26
C ASP D 62 -44.37 -0.32 -6.95
N THR D 63 -43.07 -0.08 -7.09
CA THR D 63 -42.08 -1.11 -6.84
C THR D 63 -40.99 -0.61 -5.90
N ILE D 64 -41.21 0.55 -5.29
CA ILE D 64 -40.23 1.10 -4.35
C ILE D 64 -40.35 0.35 -3.02
N GLU D 65 -39.21 -0.02 -2.44
CA GLU D 65 -39.23 -0.75 -1.19
C GLU D 65 -38.36 -0.05 -0.16
N LYS D 66 -38.96 0.30 0.97
CA LYS D 66 -38.25 0.97 2.05
C LYS D 66 -38.05 0.02 3.23
N ILE D 67 -38.88 -1.00 3.31
CA ILE D 67 -38.78 -1.99 4.38
C ILE D 67 -38.44 -3.32 3.73
N TYR D 68 -37.34 -3.94 4.14
CA TYR D 68 -36.90 -5.18 3.52
C TYR D 68 -36.93 -6.42 4.40
N LYS D 69 -37.44 -7.51 3.82
CA LYS D 69 -37.51 -8.77 4.52
C LYS D 69 -36.11 -9.37 4.46
N ILE D 70 -35.60 -9.79 5.62
CA ILE D 70 -34.27 -10.38 5.70
C ILE D 70 -34.42 -11.89 5.77
N ASP D 71 -35.40 -12.31 6.56
CA ASP D 71 -35.72 -13.72 6.74
C ASP D 71 -37.20 -13.74 7.12
N GLU D 72 -37.76 -14.92 7.32
CA GLU D 72 -39.18 -15.02 7.66
C GLU D 72 -39.57 -14.18 8.88
N HIS D 73 -38.68 -14.11 9.87
CA HIS D 73 -38.97 -13.35 11.09
C HIS D 73 -38.15 -12.07 11.27
N ILE D 74 -37.23 -11.79 10.35
CA ILE D 74 -36.42 -10.58 10.49
C ILE D 74 -36.78 -9.54 9.44
N CYS D 75 -36.82 -8.30 9.91
CA CYS D 75 -37.24 -7.14 9.15
C CYS D 75 -36.17 -6.02 9.18
N ALA D 76 -36.17 -5.10 8.21
CA ALA D 76 -35.16 -4.04 8.19
C ALA D 76 -35.46 -2.78 7.37
N ALA D 77 -35.10 -1.62 7.93
CA ALA D 77 -35.29 -0.33 7.25
C ALA D 77 -33.91 0.31 7.02
N THR D 78 -33.87 1.30 6.15
CA THR D 78 -32.61 1.93 5.77
C THR D 78 -32.60 3.46 5.69
N SER D 79 -31.40 4.04 5.85
CA SER D 79 -31.23 5.48 5.72
C SER D 79 -29.77 5.83 5.49
N GLY D 80 -29.53 6.66 4.47
CA GLY D 80 -28.17 7.06 4.10
C GLY D 80 -27.88 6.80 2.62
N LEU D 81 -26.61 6.59 2.28
CA LEU D 81 -26.23 6.33 0.89
C LEU D 81 -26.97 5.11 0.35
N VAL D 82 -27.66 5.29 -0.77
CA VAL D 82 -28.48 4.26 -1.40
C VAL D 82 -27.77 2.96 -1.73
N ALA D 83 -26.74 3.03 -2.56
CA ALA D 83 -25.98 1.85 -2.95
C ALA D 83 -25.41 1.13 -1.72
N ASP D 84 -24.86 1.88 -0.77
CA ASP D 84 -24.30 1.29 0.45
C ASP D 84 -25.38 0.49 1.18
N ALA D 85 -26.58 1.05 1.25
CA ALA D 85 -27.68 0.41 1.96
C ALA D 85 -28.06 -0.93 1.35
N ARG D 86 -28.25 -0.95 0.03
CA ARG D 86 -28.60 -2.17 -0.66
C ARG D 86 -27.58 -3.27 -0.35
N VAL D 87 -26.30 -2.94 -0.45
CA VAL D 87 -25.24 -3.89 -0.19
C VAL D 87 -25.35 -4.47 1.21
N LEU D 88 -25.68 -3.62 2.18
CA LEU D 88 -25.80 -4.05 3.56
C LEU D 88 -26.96 -5.03 3.74
N ILE D 89 -28.09 -4.74 3.07
CA ILE D 89 -29.24 -5.64 3.16
C ILE D 89 -28.98 -7.00 2.52
N ASP D 90 -28.29 -7.02 1.38
CA ASP D 90 -27.99 -8.31 0.74
C ASP D 90 -27.07 -9.08 1.70
N ARG D 91 -26.18 -8.34 2.35
CA ARG D 91 -25.25 -8.94 3.29
C ARG D 91 -26.00 -9.60 4.44
N ALA D 92 -27.06 -8.94 4.90
CA ALA D 92 -27.84 -9.47 6.00
C ALA D 92 -28.54 -10.77 5.57
N ARG D 93 -29.10 -10.74 4.36
CA ARG D 93 -29.79 -11.90 3.84
C ARG D 93 -28.82 -13.07 3.72
N ILE D 94 -27.67 -12.83 3.11
CA ILE D 94 -26.69 -13.89 2.97
C ILE D 94 -26.35 -14.44 4.35
N GLU D 95 -26.19 -13.53 5.30
CA GLU D 95 -25.86 -13.88 6.68
C GLU D 95 -26.97 -14.74 7.29
N ALA D 96 -28.21 -14.47 6.92
CA ALA D 96 -29.34 -15.22 7.44
C ALA D 96 -29.33 -16.66 6.88
N GLN D 97 -28.92 -16.78 5.63
CA GLN D 97 -28.86 -18.09 4.98
C GLN D 97 -27.71 -18.91 5.56
N ILE D 98 -26.55 -18.28 5.72
CA ILE D 98 -25.39 -18.98 6.26
C ILE D 98 -25.73 -19.61 7.61
N ASN D 99 -26.50 -18.89 8.41
CA ASN D 99 -26.88 -19.38 9.73
C ASN D 99 -27.68 -20.68 9.67
N ARG D 100 -28.68 -20.73 8.79
CA ARG D 100 -29.53 -21.92 8.65
C ARG D 100 -28.71 -23.13 8.15
N LEU D 101 -27.60 -22.85 7.48
CA LEU D 101 -26.72 -23.89 6.95
C LEU D 101 -25.79 -24.43 8.04
N THR D 102 -25.11 -23.51 8.71
CA THR D 102 -24.15 -23.83 9.77
C THR D 102 -24.76 -24.40 11.04
N TYR D 103 -25.82 -23.77 11.53
CA TYR D 103 -26.48 -24.21 12.76
C TYR D 103 -27.81 -24.86 12.47
N ASP D 104 -28.12 -24.97 11.18
CA ASP D 104 -29.36 -25.60 10.73
C ASP D 104 -30.58 -25.04 11.47
N ILE D 105 -30.53 -23.75 11.81
CA ILE D 105 -31.63 -23.08 12.49
C ILE D 105 -31.60 -21.59 12.11
N PRO D 106 -32.76 -20.92 12.20
CA PRO D 106 -32.81 -19.49 11.86
C PRO D 106 -31.98 -18.64 12.81
N ILE D 107 -31.37 -17.59 12.26
CA ILE D 107 -30.56 -16.67 13.07
C ILE D 107 -31.51 -15.77 13.86
N THR D 108 -31.06 -15.34 15.03
CA THR D 108 -31.87 -14.44 15.86
C THR D 108 -31.68 -13.02 15.34
N VAL D 109 -32.57 -12.12 15.75
CA VAL D 109 -32.46 -10.71 15.34
C VAL D 109 -31.17 -10.13 15.89
N LYS D 110 -30.90 -10.41 17.16
CA LYS D 110 -29.71 -9.92 17.84
C LYS D 110 -28.43 -10.33 17.11
N GLU D 111 -28.30 -11.62 16.79
CA GLU D 111 -27.13 -12.11 16.09
C GLU D 111 -26.97 -11.52 14.71
N LEU D 112 -28.08 -11.32 14.00
CA LEU D 112 -28.01 -10.75 12.68
C LEU D 112 -27.50 -9.32 12.79
N ALA D 113 -28.18 -8.51 13.59
CA ALA D 113 -27.78 -7.11 13.78
C ALA D 113 -26.32 -7.03 14.20
N LYS D 114 -25.93 -7.94 15.09
CA LYS D 114 -24.58 -8.00 15.60
C LYS D 114 -23.57 -8.31 14.50
N LYS D 115 -23.93 -9.19 13.57
CA LYS D 115 -23.01 -9.54 12.49
C LYS D 115 -22.87 -8.44 11.46
N ILE D 116 -23.96 -7.72 11.18
CA ILE D 116 -23.90 -6.65 10.21
C ILE D 116 -23.11 -5.47 10.81
N CYS D 117 -23.17 -5.32 12.13
CA CYS D 117 -22.45 -4.24 12.80
C CYS D 117 -20.97 -4.53 12.97
N ASP D 118 -20.60 -5.81 13.07
CA ASP D 118 -19.18 -6.14 13.20
C ASP D 118 -18.55 -5.89 11.85
N PHE D 119 -19.35 -6.10 10.81
CA PHE D 119 -18.89 -5.91 9.45
C PHE D 119 -18.66 -4.42 9.23
N LYS D 120 -19.59 -3.59 9.68
CA LYS D 120 -19.45 -2.15 9.52
C LYS D 120 -18.30 -1.61 10.34
N GLN D 121 -18.09 -2.18 11.52
CA GLN D 121 -17.02 -1.73 12.39
C GLN D 121 -15.66 -1.88 11.70
N GLN D 122 -15.49 -2.95 10.93
CA GLN D 122 -14.24 -3.20 10.23
C GLN D 122 -13.95 -2.18 9.14
N TYR D 123 -15.00 -1.61 8.53
CA TYR D 123 -14.82 -0.60 7.49
C TYR D 123 -14.57 0.71 8.18
N THR D 124 -14.10 0.61 9.41
CA THR D 124 -13.84 1.77 10.24
C THR D 124 -12.42 1.85 10.76
N GLN D 125 -11.65 0.75 10.67
CA GLN D 125 -10.30 0.84 11.17
C GLN D 125 -9.16 0.44 10.26
N TYR D 126 -9.38 0.51 8.96
CA TYR D 126 -8.36 0.18 7.97
C TYR D 126 -8.23 1.36 7.00
N GLY D 127 -6.99 1.70 6.67
CA GLY D 127 -6.67 2.82 5.79
C GLY D 127 -7.29 3.03 4.42
N GLY D 128 -7.38 2.00 3.58
CA GLY D 128 -7.93 2.26 2.26
C GLY D 128 -9.39 1.87 2.18
N VAL D 129 -10.12 2.11 3.26
CA VAL D 129 -11.52 1.72 3.30
C VAL D 129 -12.44 2.83 3.78
N ARG D 130 -13.58 2.95 3.10
CA ARG D 130 -14.60 3.95 3.42
C ARG D 130 -15.70 3.30 4.25
N PRO D 131 -16.18 4.00 5.30
CA PRO D 131 -17.24 3.46 6.15
C PRO D 131 -18.58 3.52 5.40
N PHE D 132 -19.50 2.62 5.73
CA PHE D 132 -20.82 2.64 5.09
C PHE D 132 -21.58 3.87 5.58
N GLY D 133 -22.14 4.65 4.66
CA GLY D 133 -22.87 5.84 5.06
C GLY D 133 -24.33 5.53 5.30
N VAL D 134 -24.61 4.62 6.22
CA VAL D 134 -25.99 4.26 6.48
C VAL D 134 -26.26 3.70 7.86
N SER D 135 -27.50 3.90 8.32
CA SER D 135 -27.96 3.36 9.59
C SER D 135 -29.08 2.39 9.26
N LEU D 136 -29.28 1.39 10.09
CA LEU D 136 -30.34 0.43 9.85
C LEU D 136 -31.18 0.20 11.09
N LEU D 137 -32.42 -0.20 10.85
CA LEU D 137 -33.38 -0.56 11.89
C LEU D 137 -33.61 -2.04 11.61
N ILE D 138 -33.13 -2.90 12.48
CA ILE D 138 -33.33 -4.34 12.28
C ILE D 138 -34.42 -4.75 13.26
N ALA D 139 -35.53 -5.25 12.74
CA ALA D 139 -36.66 -5.66 13.59
C ALA D 139 -37.12 -7.10 13.33
N GLY D 140 -37.61 -7.76 14.38
CA GLY D 140 -38.08 -9.12 14.23
C GLY D 140 -38.57 -9.68 15.55
N VAL D 141 -38.78 -11.00 15.57
CA VAL D 141 -39.23 -11.65 16.78
C VAL D 141 -38.48 -12.97 17.01
N ASN D 142 -37.77 -13.03 18.12
CA ASN D 142 -37.04 -14.25 18.49
C ASN D 142 -37.99 -14.91 19.48
N GLU D 143 -37.67 -14.79 20.78
CA GLU D 143 -38.55 -15.32 21.82
C GLU D 143 -39.45 -14.16 22.19
N VAL D 144 -38.95 -12.95 21.99
CA VAL D 144 -39.65 -11.71 22.29
C VAL D 144 -39.40 -10.74 21.13
N PRO D 145 -40.25 -9.72 20.95
CA PRO D 145 -40.01 -8.78 19.85
C PRO D 145 -38.67 -8.05 20.00
N LYS D 146 -38.09 -7.63 18.87
CA LYS D 146 -36.80 -6.94 18.91
C LYS D 146 -36.70 -5.78 17.92
N LEU D 147 -36.09 -4.68 18.39
CA LEU D 147 -35.87 -3.50 17.55
C LEU D 147 -34.44 -3.00 17.76
N TYR D 148 -33.65 -3.02 16.69
CA TYR D 148 -32.26 -2.56 16.77
C TYR D 148 -31.97 -1.39 15.82
N GLU D 149 -31.07 -0.52 16.25
CA GLU D 149 -30.69 0.61 15.44
C GLU D 149 -29.17 0.52 15.25
N THR D 150 -28.72 0.67 14.02
CA THR D 150 -27.29 0.60 13.75
C THR D 150 -26.74 1.97 13.43
N ASP D 151 -25.42 2.05 13.40
CA ASP D 151 -24.71 3.28 13.14
C ASP D 151 -23.59 3.02 12.14
N PRO D 152 -23.16 4.05 11.39
CA PRO D 152 -22.08 3.85 10.41
C PRO D 152 -20.82 3.29 11.06
N SER D 153 -20.58 3.60 12.33
CA SER D 153 -19.40 3.10 13.03
C SER D 153 -19.51 1.62 13.45
N GLY D 154 -20.73 1.08 13.42
CA GLY D 154 -20.92 -0.30 13.82
C GLY D 154 -21.54 -0.45 15.21
N ALA D 155 -21.83 0.69 15.84
CA ALA D 155 -22.45 0.67 17.15
C ALA D 155 -23.82 0.05 16.99
N LEU D 156 -24.28 -0.64 18.04
CA LEU D 156 -25.57 -1.31 18.02
C LEU D 156 -26.33 -0.99 19.31
N LEU D 157 -27.59 -0.61 19.17
CA LEU D 157 -28.42 -0.30 20.31
C LEU D 157 -29.81 -0.89 20.16
N GLU D 158 -30.37 -1.34 21.27
CA GLU D 158 -31.72 -1.90 21.25
C GLU D 158 -32.69 -0.86 21.80
N TYR D 159 -33.77 -0.63 21.08
CA TYR D 159 -34.76 0.35 21.50
C TYR D 159 -36.16 -0.26 21.67
N LYS D 160 -37.08 0.56 22.18
CA LYS D 160 -38.48 0.16 22.35
C LYS D 160 -39.18 0.86 21.20
N ALA D 161 -38.66 2.04 20.87
CA ALA D 161 -39.19 2.86 19.78
C ALA D 161 -38.09 3.85 19.40
N THR D 162 -37.94 4.13 18.11
CA THR D 162 -36.91 5.06 17.66
C THR D 162 -37.06 5.42 16.18
N ALA D 163 -36.05 6.06 15.61
CA ALA D 163 -36.12 6.46 14.21
C ALA D 163 -34.75 6.86 13.63
N ILE D 164 -34.67 6.90 12.31
CA ILE D 164 -33.44 7.28 11.62
C ILE D 164 -33.84 8.13 10.44
N GLY D 165 -32.90 8.95 9.96
CA GLY D 165 -33.19 9.82 8.83
C GLY D 165 -33.58 11.21 9.29
N MET D 166 -33.97 12.06 8.35
CA MET D 166 -34.38 13.44 8.61
C MET D 166 -35.15 13.69 9.88
N GLY D 167 -36.24 12.96 10.08
CA GLY D 167 -37.08 13.17 11.26
C GLY D 167 -36.75 12.47 12.55
N ARG D 168 -35.52 12.01 12.71
CA ARG D 168 -35.15 11.32 13.94
C ARG D 168 -35.47 12.17 15.16
N MET D 169 -35.02 13.43 15.14
CA MET D 169 -35.27 14.33 16.27
C MET D 169 -36.75 14.38 16.64
N ALA D 170 -37.57 14.86 15.70
CA ALA D 170 -38.99 14.97 15.93
C ALA D 170 -39.56 13.68 16.50
N VAL D 171 -39.51 12.61 15.71
CA VAL D 171 -40.02 11.31 16.12
C VAL D 171 -39.54 10.90 17.50
N THR D 172 -38.24 11.09 17.75
CA THR D 172 -37.63 10.71 19.03
C THR D 172 -38.23 11.47 20.21
N GLU D 173 -38.35 12.79 20.08
CA GLU D 173 -38.91 13.59 21.15
C GLU D 173 -40.37 13.22 21.39
N PHE D 174 -41.11 13.00 20.30
CA PHE D 174 -42.51 12.63 20.41
C PHE D 174 -42.63 11.32 21.19
N PHE D 175 -41.94 10.28 20.74
CA PHE D 175 -41.99 9.00 21.44
C PHE D 175 -41.51 9.16 22.88
N GLU D 176 -40.52 10.05 23.04
CA GLU D 176 -39.94 10.32 24.35
C GLU D 176 -40.98 10.86 25.33
N LYS D 177 -42.03 11.47 24.79
CA LYS D 177 -43.07 12.04 25.63
C LYS D 177 -44.35 11.24 25.70
N GLU D 178 -44.59 10.35 24.72
CA GLU D 178 -45.83 9.60 24.74
C GLU D 178 -45.78 8.12 24.42
N TYR D 179 -44.60 7.50 24.50
CA TYR D 179 -44.52 6.08 24.23
C TYR D 179 -44.87 5.32 25.51
N ARG D 180 -45.65 4.26 25.37
CA ARG D 180 -46.04 3.47 26.54
C ARG D 180 -45.49 2.06 26.47
N ASP D 181 -44.86 1.64 27.55
CA ASP D 181 -44.27 0.32 27.65
C ASP D 181 -45.31 -0.79 27.53
N ASP D 182 -46.59 -0.41 27.55
CA ASP D 182 -47.67 -1.39 27.47
C ASP D 182 -48.66 -1.21 26.33
N LEU D 183 -48.32 -0.37 25.36
CA LEU D 183 -49.22 -0.14 24.24
C LEU D 183 -49.62 -1.43 23.53
N SER D 184 -50.68 -1.34 22.73
CA SER D 184 -51.17 -2.50 21.99
C SER D 184 -50.67 -2.37 20.56
N PHE D 185 -50.67 -3.48 19.83
CA PHE D 185 -50.21 -3.45 18.44
C PHE D 185 -50.82 -2.27 17.68
N ASP D 186 -52.14 -2.18 17.70
CA ASP D 186 -52.84 -1.11 17.00
C ASP D 186 -52.50 0.27 17.55
N ASP D 187 -52.22 0.35 18.85
CA ASP D 187 -51.86 1.62 19.45
C ASP D 187 -50.47 2.00 18.97
N ALA D 188 -49.57 1.02 19.04
CA ALA D 188 -48.20 1.21 18.59
C ALA D 188 -48.23 1.65 17.13
N MET D 189 -49.09 1.01 16.34
CA MET D 189 -49.21 1.34 14.92
C MET D 189 -49.59 2.80 14.76
N VAL D 190 -50.68 3.21 15.40
CA VAL D 190 -51.17 4.58 15.30
C VAL D 190 -50.12 5.57 15.81
N LEU D 191 -49.57 5.28 16.99
CA LEU D 191 -48.56 6.15 17.58
C LEU D 191 -47.42 6.34 16.58
N GLY D 192 -47.08 5.26 15.90
CA GLY D 192 -46.03 5.31 14.90
C GLY D 192 -46.38 6.23 13.75
N LEU D 193 -47.60 6.09 13.22
CA LEU D 193 -48.03 6.94 12.12
C LEU D 193 -48.09 8.40 12.53
N VAL D 194 -48.53 8.63 13.77
CA VAL D 194 -48.60 10.00 14.26
C VAL D 194 -47.21 10.61 14.20
N ALA D 195 -46.25 9.88 14.75
CA ALA D 195 -44.86 10.32 14.76
C ALA D 195 -44.44 10.74 13.35
N MET D 196 -44.65 9.85 12.39
CA MET D 196 -44.30 10.14 11.00
C MET D 196 -44.94 11.45 10.61
N GLY D 197 -46.19 11.63 11.05
CA GLY D 197 -46.93 12.84 10.74
C GLY D 197 -46.22 14.09 11.23
N LEU D 198 -45.93 14.16 12.52
CA LEU D 198 -45.24 15.32 13.06
C LEU D 198 -43.97 15.52 12.25
N SER D 199 -43.27 14.41 12.05
CA SER D 199 -42.01 14.40 11.29
C SER D 199 -42.12 15.15 9.97
N ILE D 200 -43.18 14.87 9.24
CA ILE D 200 -43.41 15.50 7.94
C ILE D 200 -44.19 16.81 8.07
N GLU D 201 -44.85 17.01 9.21
CA GLU D 201 -45.65 18.22 9.43
C GLU D 201 -46.78 18.24 8.42
N SER D 202 -47.48 17.12 8.32
CA SER D 202 -48.60 16.98 7.39
C SER D 202 -49.36 15.69 7.65
N GLU D 203 -50.66 15.70 7.38
CA GLU D 203 -51.45 14.49 7.58
C GLU D 203 -50.88 13.46 6.61
N LEU D 204 -51.00 12.19 6.97
CA LEU D 204 -50.46 11.13 6.13
C LEU D 204 -51.36 10.70 4.98
N VAL D 205 -50.73 10.09 3.99
CA VAL D 205 -51.41 9.56 2.81
C VAL D 205 -50.96 8.10 2.73
N PRO D 206 -51.78 7.17 3.21
CA PRO D 206 -51.50 5.73 3.22
C PRO D 206 -50.67 5.18 2.07
N GLU D 207 -50.79 5.81 0.91
CA GLU D 207 -50.06 5.33 -0.26
C GLU D 207 -48.63 5.84 -0.36
N ASN D 208 -48.26 6.81 0.48
CA ASN D 208 -46.89 7.31 0.45
C ASN D 208 -46.12 7.04 1.76
N ILE D 209 -46.40 5.87 2.35
CA ILE D 209 -45.74 5.41 3.57
C ILE D 209 -45.81 3.89 3.53
N GLU D 210 -44.73 3.22 3.90
CA GLU D 210 -44.71 1.76 3.88
C GLU D 210 -44.60 1.19 5.30
N VAL D 211 -45.43 0.19 5.59
CA VAL D 211 -45.42 -0.42 6.91
C VAL D 211 -45.29 -1.93 6.86
N GLY D 212 -44.38 -2.45 7.68
CA GLY D 212 -44.17 -3.89 7.76
C GLY D 212 -44.12 -4.23 9.24
N TYR D 213 -44.31 -5.50 9.58
CA TYR D 213 -44.28 -5.88 10.99
C TYR D 213 -44.06 -7.38 11.20
N VAL D 214 -43.81 -7.75 12.45
CA VAL D 214 -43.61 -9.13 12.82
C VAL D 214 -44.22 -9.32 14.21
N LYS D 215 -45.27 -10.13 14.28
CA LYS D 215 -45.95 -10.38 15.55
C LYS D 215 -45.45 -11.66 16.21
N VAL D 216 -45.58 -11.71 17.53
CA VAL D 216 -45.15 -12.84 18.33
C VAL D 216 -45.84 -14.16 17.99
N ASP D 217 -47.09 -14.08 17.51
CA ASP D 217 -47.83 -15.30 17.17
C ASP D 217 -47.30 -15.98 15.90
N ASP D 218 -47.29 -15.25 14.79
CA ASP D 218 -46.83 -15.79 13.50
C ASP D 218 -45.31 -15.86 13.35
N ARG D 219 -44.61 -14.87 13.90
CA ARG D 219 -43.16 -14.79 13.77
C ARG D 219 -42.89 -14.75 12.28
N THR D 220 -43.85 -14.21 11.54
CA THR D 220 -43.76 -14.11 10.10
C THR D 220 -43.91 -12.66 9.63
N PHE D 221 -42.90 -12.16 8.95
CA PHE D 221 -42.95 -10.79 8.46
C PHE D 221 -43.99 -10.64 7.37
N LYS D 222 -44.63 -9.47 7.34
CA LYS D 222 -45.63 -9.16 6.33
C LYS D 222 -45.88 -7.66 6.25
N GLU D 223 -46.06 -7.19 5.02
CA GLU D 223 -46.29 -5.77 4.74
C GLU D 223 -47.79 -5.51 4.83
N VAL D 224 -48.18 -4.28 5.21
CA VAL D 224 -49.59 -3.95 5.29
C VAL D 224 -50.04 -3.21 4.04
N SER D 225 -51.15 -3.67 3.46
CA SER D 225 -51.68 -3.05 2.26
C SER D 225 -52.26 -1.67 2.60
N PRO D 226 -52.20 -0.73 1.65
CA PRO D 226 -52.72 0.61 1.90
C PRO D 226 -54.20 0.58 2.32
N GLU D 227 -54.87 -0.53 1.99
CA GLU D 227 -56.27 -0.69 2.35
C GLU D 227 -56.39 -1.06 3.83
N GLU D 228 -55.57 -2.01 4.27
CA GLU D 228 -55.58 -2.44 5.67
C GLU D 228 -54.98 -1.31 6.50
N LEU D 229 -54.23 -0.45 5.81
CA LEU D 229 -53.55 0.66 6.44
C LEU D 229 -54.37 1.95 6.51
N LYS D 230 -55.32 2.11 5.59
CA LYS D 230 -56.15 3.31 5.55
C LYS D 230 -56.84 3.65 6.87
N PRO D 231 -57.45 2.66 7.53
CA PRO D 231 -58.11 2.95 8.81
C PRO D 231 -57.17 3.54 9.86
N TYR D 232 -55.95 3.01 9.92
CA TYR D 232 -54.96 3.50 10.87
C TYR D 232 -54.52 4.93 10.56
N VAL D 233 -54.40 5.26 9.28
CA VAL D 233 -53.99 6.60 8.89
C VAL D 233 -55.06 7.61 9.29
N GLU D 234 -56.32 7.24 9.03
CA GLU D 234 -57.44 8.08 9.36
C GLU D 234 -57.38 8.47 10.82
N ARG D 235 -57.24 7.48 11.69
CA ARG D 235 -57.16 7.75 13.12
C ARG D 235 -55.91 8.56 13.44
N ALA D 236 -54.80 8.22 12.79
CA ALA D 236 -53.54 8.92 12.99
C ALA D 236 -53.65 10.38 12.58
N ASN D 237 -54.20 10.63 11.40
CA ASN D 237 -54.37 11.99 10.90
C ASN D 237 -55.20 12.85 11.85
N GLU D 238 -56.10 12.20 12.58
CA GLU D 238 -56.95 12.92 13.52
C GLU D 238 -56.06 13.64 14.54
N ARG D 239 -55.23 12.86 15.24
CA ARG D 239 -54.33 13.42 16.25
C ARG D 239 -53.26 14.31 15.65
N ILE D 240 -52.75 13.94 14.47
CA ILE D 240 -51.73 14.73 13.80
C ILE D 240 -52.32 16.11 13.56
N ARG D 241 -53.56 16.11 13.08
CA ARG D 241 -54.28 17.35 12.80
C ARG D 241 -54.44 18.12 14.10
N GLU D 242 -54.84 17.40 15.15
CA GLU D 242 -55.04 18.00 16.46
C GLU D 242 -53.77 18.59 17.06
N LEU D 243 -52.63 17.97 16.80
CA LEU D 243 -51.36 18.46 17.34
C LEU D 243 -50.66 19.46 16.43
N LEU D 244 -50.74 19.23 15.11
CA LEU D 244 -50.10 20.14 14.18
C LEU D 244 -50.78 21.50 14.26
N LYS D 245 -50.05 22.50 14.76
CA LYS D 245 -50.57 23.86 14.91
C LYS D 245 -51.96 23.85 15.55
N LYS D 246 -51.99 24.04 16.86
CA LYS D 246 -53.25 24.06 17.61
C LYS D 246 -54.07 25.29 17.25
N PRO E 4 1.37 16.67 22.43
CA PRO E 4 0.26 17.15 21.57
C PRO E 4 0.80 18.13 20.55
N GLN E 5 1.79 17.69 19.77
CA GLN E 5 2.39 18.55 18.76
C GLN E 5 2.09 18.09 17.34
N MET E 6 1.49 18.99 16.56
CA MET E 6 1.15 18.71 15.17
C MET E 6 2.42 18.26 14.47
N GLY E 7 2.27 17.46 13.43
CA GLY E 7 3.43 16.97 12.70
C GLY E 7 3.81 15.58 13.12
N TYR E 8 3.49 15.21 14.36
CA TYR E 8 3.81 13.88 14.87
C TYR E 8 2.59 13.17 15.44
N ASP E 9 1.41 13.78 15.36
CA ASP E 9 0.23 13.17 15.95
C ASP E 9 -0.89 12.64 15.06
N ARG E 10 -0.62 12.40 13.78
CA ARG E 10 -1.68 11.86 12.96
C ARG E 10 -1.35 10.58 12.22
N ALA E 11 -0.43 9.80 12.77
CA ALA E 11 -0.02 8.51 12.22
C ALA E 11 0.47 7.63 13.38
N ILE E 12 -0.30 6.58 13.68
CA ILE E 12 0.00 5.67 14.77
C ILE E 12 1.42 5.13 14.80
N THR E 13 2.05 5.04 13.63
CA THR E 13 3.38 4.48 13.56
C THR E 13 4.50 5.47 13.79
N VAL E 14 4.16 6.73 13.99
CA VAL E 14 5.18 7.75 14.20
C VAL E 14 5.41 8.15 15.65
N PHE E 15 6.67 8.10 16.06
CA PHE E 15 7.05 8.51 17.39
C PHE E 15 7.25 10.02 17.32
N SER E 16 6.98 10.71 18.43
CA SER E 16 7.18 12.14 18.52
C SER E 16 8.63 12.34 18.97
N PRO E 17 9.15 13.58 18.93
CA PRO E 17 10.53 13.78 19.35
C PRO E 17 10.79 13.36 20.79
N ASP E 18 9.76 13.38 21.63
CA ASP E 18 9.95 12.97 23.01
C ASP E 18 9.45 11.55 23.27
N GLY E 19 9.52 10.71 22.24
CA GLY E 19 9.14 9.30 22.36
C GLY E 19 7.73 8.93 22.72
N ARG E 20 6.75 9.52 22.06
CA ARG E 20 5.37 9.19 22.35
C ARG E 20 4.59 8.79 21.10
N LEU E 21 3.44 8.17 21.33
CA LEU E 21 2.54 7.73 20.29
C LEU E 21 1.26 8.51 20.52
N PHE E 22 1.21 9.75 20.03
CA PHE E 22 0.05 10.58 20.23
C PHE E 22 -1.29 9.98 19.78
N GLN E 23 -1.30 9.18 18.72
CA GLN E 23 -2.55 8.60 18.28
C GLN E 23 -3.09 7.65 19.35
N VAL E 24 -2.20 7.07 20.14
CA VAL E 24 -2.62 6.19 21.22
C VAL E 24 -3.16 7.07 22.36
N GLU E 25 -2.49 8.19 22.61
CA GLU E 25 -2.96 9.08 23.67
C GLU E 25 -4.31 9.67 23.29
N TYR E 26 -4.49 9.95 22.01
CA TYR E 26 -5.77 10.49 21.55
C TYR E 26 -6.83 9.40 21.67
N ALA E 27 -6.48 8.17 21.37
CA ALA E 27 -7.44 7.08 21.48
C ALA E 27 -7.90 7.02 22.93
N ARG E 28 -6.97 7.22 23.85
CA ARG E 28 -7.32 7.21 25.28
C ARG E 28 -8.36 8.29 25.61
N GLU E 29 -8.38 9.35 24.81
CA GLU E 29 -9.36 10.42 25.06
C GLU E 29 -10.76 9.89 24.78
N ALA E 30 -10.85 8.86 23.94
CA ALA E 30 -12.16 8.31 23.62
C ALA E 30 -12.73 7.54 24.82
N VAL E 31 -11.90 6.78 25.53
CA VAL E 31 -12.43 6.02 26.65
C VAL E 31 -12.83 6.93 27.80
N LYS E 32 -12.20 8.10 27.90
CA LYS E 32 -12.54 9.05 28.97
C LYS E 32 -14.02 9.46 28.90
N ARG E 33 -14.56 9.51 27.69
CA ARG E 33 -15.96 9.92 27.48
C ARG E 33 -17.00 8.89 27.84
N GLY E 34 -16.58 7.65 28.10
CA GLY E 34 -17.56 6.61 28.39
C GLY E 34 -18.10 6.57 29.81
N ALA E 35 -19.25 5.92 29.96
CA ALA E 35 -19.85 5.77 31.28
C ALA E 35 -18.79 5.07 32.12
N THR E 36 -18.66 5.45 33.37
CA THR E 36 -17.64 4.86 34.20
C THR E 36 -17.96 3.45 34.68
N ALA E 37 -16.94 2.60 34.66
CA ALA E 37 -17.06 1.23 35.09
C ALA E 37 -16.04 1.04 36.20
N ILE E 38 -16.48 0.42 37.30
CA ILE E 38 -15.62 0.21 38.44
C ILE E 38 -15.33 -1.27 38.68
N GLY E 39 -14.14 -1.53 39.20
CA GLY E 39 -13.74 -2.89 39.49
C GLY E 39 -13.14 -2.91 40.87
N ILE E 40 -13.59 -3.86 41.69
CA ILE E 40 -13.05 -3.98 43.04
C ILE E 40 -12.93 -5.44 43.42
N LYS E 41 -11.76 -5.78 43.95
CA LYS E 41 -11.47 -7.14 44.35
C LYS E 41 -11.34 -7.25 45.86
N CYS E 42 -11.68 -8.42 46.38
CA CYS E 42 -11.59 -8.67 47.81
C CYS E 42 -11.20 -10.13 48.01
N LYS E 43 -11.16 -10.55 49.27
CA LYS E 43 -10.80 -11.91 49.64
C LYS E 43 -11.64 -12.99 48.95
N GLU E 44 -12.96 -12.86 49.05
CA GLU E 44 -13.88 -13.84 48.50
C GLU E 44 -14.32 -13.70 47.04
N GLY E 45 -13.84 -12.67 46.35
CA GLY E 45 -14.24 -12.52 44.97
C GLY E 45 -13.96 -11.17 44.36
N VAL E 46 -14.43 -10.98 43.13
CA VAL E 46 -14.22 -9.74 42.41
C VAL E 46 -15.56 -9.18 41.93
N ILE E 47 -15.68 -7.86 41.99
CA ILE E 47 -16.91 -7.18 41.59
C ILE E 47 -16.72 -6.15 40.48
N LEU E 48 -17.73 -6.03 39.63
CA LEU E 48 -17.71 -5.06 38.53
C LEU E 48 -18.99 -4.24 38.59
N ILE E 49 -18.85 -2.92 38.67
CA ILE E 49 -20.01 -2.04 38.75
C ILE E 49 -19.96 -1.04 37.60
N ALA E 50 -21.05 -0.93 36.86
CA ALA E 50 -21.10 -0.02 35.72
C ALA E 50 -22.32 0.90 35.77
N ASP E 51 -22.14 2.11 35.29
CA ASP E 51 -23.21 3.09 35.25
C ASP E 51 -23.98 2.89 33.95
N LYS E 52 -25.28 2.64 34.05
CA LYS E 52 -26.09 2.44 32.84
C LYS E 52 -27.19 3.48 32.64
N ARG E 53 -27.03 4.65 33.24
CA ARG E 53 -28.01 5.72 33.10
C ARG E 53 -28.06 6.12 31.62
N VAL E 54 -29.27 6.23 31.08
CA VAL E 54 -29.44 6.62 29.69
C VAL E 54 -30.09 7.99 29.61
N GLY E 55 -29.83 8.71 28.52
CA GLY E 55 -30.41 10.03 28.34
C GLY E 55 -31.80 10.03 27.76
N SER E 56 -32.30 8.86 27.37
CA SER E 56 -33.63 8.77 26.80
C SER E 56 -34.41 7.54 27.27
N LYS E 57 -35.73 7.69 27.34
CA LYS E 57 -36.60 6.60 27.77
C LYS E 57 -36.96 5.70 26.59
N LEU E 58 -36.57 6.12 25.39
CA LEU E 58 -36.87 5.35 24.19
C LEU E 58 -35.91 4.17 24.04
N LEU E 59 -34.80 4.22 24.76
CA LEU E 59 -33.84 3.12 24.71
C LEU E 59 -34.37 1.95 25.53
N GLU E 60 -34.28 0.75 24.96
CA GLU E 60 -34.73 -0.44 25.64
C GLU E 60 -33.67 -0.75 26.68
N LYS E 61 -33.59 0.09 27.72
CA LYS E 61 -32.59 -0.11 28.76
C LYS E 61 -32.76 -1.43 29.49
N ASP E 62 -33.94 -2.04 29.36
CA ASP E 62 -34.21 -3.32 30.01
C ASP E 62 -33.34 -4.40 29.38
N THR E 63 -32.63 -4.03 28.32
CA THR E 63 -31.76 -4.98 27.62
C THR E 63 -30.35 -4.41 27.44
N ILE E 64 -30.07 -3.30 28.11
CA ILE E 64 -28.74 -2.69 28.03
C ILE E 64 -27.77 -3.50 28.89
N GLU E 65 -26.59 -3.78 28.34
CA GLU E 65 -25.61 -4.56 29.08
C GLU E 65 -24.28 -3.82 29.15
N LYS E 66 -23.80 -3.58 30.37
CA LYS E 66 -22.54 -2.89 30.57
C LYS E 66 -21.47 -3.85 31.08
N ILE E 67 -21.91 -4.95 31.67
CA ILE E 67 -20.99 -5.95 32.18
C ILE E 67 -21.23 -7.22 31.37
N TYR E 68 -20.19 -7.75 30.74
CA TYR E 68 -20.36 -8.92 29.89
C TYR E 68 -19.67 -10.19 30.35
N LYS E 69 -20.39 -11.29 30.26
CA LYS E 69 -19.85 -12.59 30.64
C LYS E 69 -18.99 -13.05 29.48
N ILE E 70 -17.77 -13.47 29.78
CA ILE E 70 -16.84 -13.93 28.76
C ILE E 70 -16.83 -15.46 28.79
N ASP E 71 -16.85 -15.99 30.00
CA ASP E 71 -16.86 -17.43 30.21
C ASP E 71 -17.51 -17.60 31.59
N GLU E 72 -17.68 -18.84 32.03
CA GLU E 72 -18.30 -19.08 33.33
C GLU E 72 -17.65 -18.32 34.49
N HIS E 73 -16.33 -18.18 34.45
CA HIS E 73 -15.59 -17.53 35.51
C HIS E 73 -14.98 -16.18 35.13
N ILE E 74 -15.10 -15.78 33.88
CA ILE E 74 -14.53 -14.51 33.45
C ILE E 74 -15.60 -13.46 33.16
N CYS E 75 -15.30 -12.24 33.60
CA CYS E 75 -16.19 -11.10 33.54
C CYS E 75 -15.52 -9.88 32.86
N ALA E 76 -16.30 -8.96 32.32
CA ALA E 76 -15.70 -7.80 31.66
C ALA E 76 -16.57 -6.55 31.50
N ALA E 77 -15.95 -5.38 31.66
CA ALA E 77 -16.63 -4.10 31.49
C ALA E 77 -15.93 -3.31 30.37
N THR E 78 -16.62 -2.30 29.86
CA THR E 78 -16.11 -1.54 28.73
C THR E 78 -16.22 -0.02 28.83
N SER E 79 -15.36 0.68 28.09
CA SER E 79 -15.38 2.14 28.02
C SER E 79 -14.64 2.63 26.77
N GLY E 80 -15.28 3.53 26.02
CA GLY E 80 -14.71 4.05 24.79
C GLY E 80 -15.66 3.86 23.61
N LEU E 81 -15.11 3.81 22.40
CA LEU E 81 -15.94 3.63 21.19
C LEU E 81 -16.79 2.37 21.31
N VAL E 82 -18.09 2.53 21.13
CA VAL E 82 -19.06 1.44 21.25
C VAL E 82 -18.80 0.23 20.37
N ALA E 83 -18.81 0.41 19.06
CA ALA E 83 -18.58 -0.68 18.11
C ALA E 83 -17.24 -1.38 18.39
N ASP E 84 -16.21 -0.59 18.66
CA ASP E 84 -14.89 -1.16 18.95
C ASP E 84 -14.99 -2.10 20.15
N ALA E 85 -15.71 -1.65 21.18
CA ALA E 85 -15.85 -2.43 22.40
C ALA E 85 -16.51 -3.78 22.17
N ARG E 86 -17.64 -3.77 21.46
CA ARG E 86 -18.37 -4.99 21.17
C ARG E 86 -17.45 -6.00 20.48
N VAL E 87 -16.72 -5.55 19.48
CA VAL E 87 -15.80 -6.41 18.74
C VAL E 87 -14.76 -7.04 19.67
N LEU E 88 -14.26 -6.25 20.61
CA LEU E 88 -13.27 -6.75 21.56
C LEU E 88 -13.86 -7.84 22.48
N ILE E 89 -15.09 -7.65 22.91
CA ILE E 89 -15.72 -8.64 23.76
C ILE E 89 -16.03 -9.96 23.03
N ASP E 90 -16.42 -9.88 21.76
CA ASP E 90 -16.68 -11.08 21.01
C ASP E 90 -15.35 -11.79 20.84
N ARG E 91 -14.31 -11.00 20.65
CA ARG E 91 -12.97 -11.54 20.48
C ARG E 91 -12.55 -12.33 21.74
N ALA E 92 -12.88 -11.78 22.90
CA ALA E 92 -12.54 -12.43 24.16
C ALA E 92 -13.28 -13.75 24.30
N ARG E 93 -14.55 -13.74 23.95
CA ARG E 93 -15.36 -14.94 24.03
C ARG E 93 -14.80 -16.01 23.11
N ILE E 94 -14.53 -15.64 21.86
CA ILE E 94 -13.97 -16.60 20.91
C ILE E 94 -12.69 -17.16 21.49
N GLU E 95 -11.88 -16.28 22.05
CA GLU E 95 -10.60 -16.64 22.65
C GLU E 95 -10.81 -17.63 23.80
N ALA E 96 -11.89 -17.46 24.56
CA ALA E 96 -12.19 -18.35 25.67
C ALA E 96 -12.57 -19.75 25.16
N GLN E 97 -13.26 -19.79 24.03
CA GLN E 97 -13.67 -21.06 23.44
C GLN E 97 -12.47 -21.79 22.85
N ILE E 98 -11.63 -21.06 22.12
CA ILE E 98 -10.45 -21.66 21.53
C ILE E 98 -9.63 -22.37 22.58
N ASN E 99 -9.51 -21.75 23.75
CA ASN E 99 -8.73 -22.34 24.83
C ASN E 99 -9.25 -23.70 25.29
N ARG E 100 -10.56 -23.81 25.48
CA ARG E 100 -11.15 -25.07 25.92
C ARG E 100 -10.96 -26.16 24.87
N LEU E 101 -10.78 -25.76 23.62
CA LEU E 101 -10.59 -26.69 22.51
C LEU E 101 -9.14 -27.17 22.44
N THR E 102 -8.23 -26.22 22.44
CA THR E 102 -6.80 -26.48 22.35
C THR E 102 -6.17 -27.14 23.57
N TYR E 103 -6.52 -26.66 24.76
CA TYR E 103 -5.98 -27.19 26.00
C TYR E 103 -7.03 -27.96 26.77
N ASP E 104 -8.21 -28.06 26.18
CA ASP E 104 -9.31 -28.78 26.78
C ASP E 104 -9.54 -28.38 28.24
N ILE E 105 -9.29 -27.11 28.54
CA ILE E 105 -9.50 -26.56 29.89
C ILE E 105 -9.83 -25.07 29.77
N PRO E 106 -10.52 -24.50 30.77
CA PRO E 106 -10.86 -23.08 30.73
C PRO E 106 -9.63 -22.18 30.77
N ILE E 107 -9.70 -21.06 30.06
CA ILE E 107 -8.59 -20.11 30.05
C ILE E 107 -8.62 -19.32 31.36
N THR E 108 -7.44 -18.89 31.82
CA THR E 108 -7.36 -18.11 33.03
C THR E 108 -7.68 -16.65 32.70
N VAL E 109 -7.97 -15.85 33.73
CA VAL E 109 -8.26 -14.44 33.53
C VAL E 109 -7.04 -13.75 32.95
N LYS E 110 -5.87 -14.05 33.52
CA LYS E 110 -4.60 -13.48 33.08
C LYS E 110 -4.34 -13.74 31.61
N GLU E 111 -4.47 -15.00 31.19
CA GLU E 111 -4.24 -15.36 29.80
C GLU E 111 -5.22 -14.70 28.84
N LEU E 112 -6.46 -14.57 29.26
CA LEU E 112 -7.45 -13.96 28.41
C LEU E 112 -7.10 -12.48 28.24
N ALA E 113 -6.91 -11.77 29.35
CA ALA E 113 -6.58 -10.36 29.30
C ALA E 113 -5.33 -10.16 28.45
N LYS E 114 -4.38 -11.07 28.63
CA LYS E 114 -3.12 -11.03 27.92
C LYS E 114 -3.30 -11.19 26.42
N LYS E 115 -4.22 -12.05 26.01
CA LYS E 115 -4.44 -12.27 24.59
C LYS E 115 -5.18 -11.12 23.92
N ILE E 116 -6.13 -10.52 24.63
CA ILE E 116 -6.86 -9.40 24.08
C ILE E 116 -5.94 -8.17 23.98
N CYS E 117 -4.96 -8.09 24.87
CA CYS E 117 -4.03 -6.96 24.86
C CYS E 117 -2.96 -7.12 23.80
N ASP E 118 -2.59 -8.35 23.47
CA ASP E 118 -1.57 -8.55 22.44
C ASP E 118 -2.23 -8.19 21.11
N PHE E 119 -3.53 -8.44 21.05
CA PHE E 119 -4.27 -8.16 19.85
C PHE E 119 -4.34 -6.64 19.68
N LYS E 120 -4.63 -5.92 20.76
CA LYS E 120 -4.71 -4.47 20.69
C LYS E 120 -3.34 -3.86 20.38
N GLN E 121 -2.29 -4.45 20.91
CA GLN E 121 -0.94 -3.94 20.70
C GLN E 121 -0.61 -3.93 19.20
N GLN E 122 -1.05 -4.96 18.48
CA GLN E 122 -0.78 -5.05 17.06
C GLN E 122 -1.47 -3.94 16.25
N TYR E 123 -2.63 -3.48 16.70
CA TYR E 123 -3.34 -2.42 15.99
C TYR E 123 -2.69 -1.11 16.37
N THR E 124 -1.44 -1.21 16.79
CA THR E 124 -0.69 -0.06 17.24
C THR E 124 0.63 0.12 16.50
N GLN E 125 1.07 -0.88 15.75
CA GLN E 125 2.32 -0.69 15.05
C GLN E 125 2.37 -0.95 13.55
N TYR E 126 1.22 -0.87 12.90
CA TYR E 126 1.11 -1.05 11.46
C TYR E 126 0.40 0.17 10.86
N GLY E 127 0.93 0.64 9.73
CA GLY E 127 0.43 1.83 9.05
C GLY E 127 -1.02 2.03 8.66
N GLY E 128 -1.69 1.04 8.08
CA GLY E 128 -3.07 1.30 7.71
C GLY E 128 -4.06 0.79 8.72
N VAL E 129 -3.69 0.90 9.98
CA VAL E 129 -4.54 0.38 11.04
C VAL E 129 -4.80 1.37 12.15
N ARG E 130 -6.04 1.39 12.61
CA ARG E 130 -6.47 2.27 13.67
C ARG E 130 -6.50 1.49 14.98
N PRO E 131 -6.04 2.09 16.08
CA PRO E 131 -6.05 1.42 17.39
C PRO E 131 -7.47 1.39 17.93
N PHE E 132 -7.80 0.40 18.77
CA PHE E 132 -9.13 0.32 19.37
C PHE E 132 -9.26 1.45 20.39
N GLY E 133 -10.36 2.21 20.30
CA GLY E 133 -10.56 3.30 21.22
C GLY E 133 -11.30 2.85 22.46
N VAL E 134 -10.73 1.89 23.18
CA VAL E 134 -11.40 1.41 24.36
C VAL E 134 -10.50 0.76 25.39
N SER E 135 -10.94 0.82 26.65
CA SER E 135 -10.24 0.20 27.77
C SER E 135 -11.21 -0.85 28.32
N LEU E 136 -10.66 -1.91 28.93
CA LEU E 136 -11.49 -2.95 29.48
C LEU E 136 -11.06 -3.30 30.88
N LEU E 137 -12.03 -3.82 31.63
CA LEU E 137 -11.83 -4.31 32.98
C LEU E 137 -12.16 -5.78 32.83
N ILE E 138 -11.15 -6.63 32.93
CA ILE E 138 -11.37 -8.07 32.83
C ILE E 138 -11.30 -8.62 34.27
N ALA E 139 -12.40 -9.21 34.73
CA ALA E 139 -12.44 -9.75 36.09
C ALA E 139 -12.86 -11.23 36.14
N GLY E 140 -12.38 -11.94 37.14
CA GLY E 140 -12.76 -13.34 37.27
C GLY E 140 -12.03 -14.00 38.42
N VAL E 141 -12.12 -15.33 38.47
CA VAL E 141 -11.45 -16.08 39.52
C VAL E 141 -10.76 -17.31 38.96
N ASN E 142 -9.44 -17.36 39.12
CA ASN E 142 -8.66 -18.50 38.69
C ASN E 142 -8.48 -19.28 39.98
N GLU E 143 -7.28 -19.19 40.58
CA GLU E 143 -7.03 -19.84 41.85
C GLU E 143 -7.36 -18.78 42.90
N VAL E 144 -7.23 -17.52 42.50
CA VAL E 144 -7.48 -16.37 43.35
C VAL E 144 -8.25 -15.34 42.51
N PRO E 145 -8.96 -14.39 43.14
CA PRO E 145 -9.69 -13.40 42.34
C PRO E 145 -8.74 -12.55 41.48
N LYS E 146 -9.25 -12.04 40.36
CA LYS E 146 -8.42 -11.24 39.46
C LYS E 146 -9.15 -10.04 38.87
N LEU E 147 -8.43 -8.92 38.78
CA LEU E 147 -8.97 -7.68 38.21
C LEU E 147 -7.90 -7.04 37.31
N TYR E 148 -8.22 -6.96 36.02
CA TYR E 148 -7.30 -6.38 35.05
C TYR E 148 -7.86 -5.15 34.35
N GLU E 149 -6.98 -4.22 34.01
CA GLU E 149 -7.38 -3.02 33.31
C GLU E 149 -6.56 -2.96 32.03
N THR E 150 -7.23 -2.73 30.90
CA THR E 150 -6.53 -2.65 29.64
C THR E 150 -6.46 -1.22 29.15
N ASP E 151 -5.64 -1.03 28.12
CA ASP E 151 -5.42 0.27 27.54
C ASP E 151 -5.47 0.17 26.01
N PRO E 152 -5.82 1.27 25.32
CA PRO E 152 -5.87 1.22 23.85
C PRO E 152 -4.54 0.74 23.24
N SER E 153 -3.43 1.02 23.90
CA SER E 153 -2.13 0.60 23.37
C SER E 153 -1.83 -0.89 23.60
N GLY E 154 -2.61 -1.53 24.46
CA GLY E 154 -2.39 -2.94 24.73
C GLY E 154 -1.72 -3.19 26.06
N ALA E 155 -1.45 -2.11 26.80
CA ALA E 155 -0.84 -2.24 28.12
C ALA E 155 -1.82 -3.00 29.02
N LEU E 156 -1.28 -3.75 29.97
CA LEU E 156 -2.09 -4.54 30.87
C LEU E 156 -1.61 -4.35 32.30
N LEU E 157 -2.54 -4.07 33.20
CA LEU E 157 -2.19 -3.88 34.61
C LEU E 157 -3.18 -4.61 35.53
N GLU E 158 -2.67 -5.15 36.63
CA GLU E 158 -3.52 -5.83 37.58
C GLU E 158 -3.75 -4.91 38.76
N TYR E 159 -5.01 -4.76 39.17
CA TYR E 159 -5.36 -3.89 40.29
C TYR E 159 -6.10 -4.63 41.39
N LYS E 160 -6.30 -3.93 42.51
CA LYS E 160 -7.06 -4.46 43.64
C LYS E 160 -8.41 -3.80 43.51
N ALA E 161 -8.38 -2.56 43.01
CA ALA E 161 -9.58 -1.75 42.79
C ALA E 161 -9.20 -0.65 41.80
N THR E 162 -10.11 -0.31 40.89
CA THR E 162 -9.83 0.74 39.91
C THR E 162 -11.08 1.13 39.12
N ALA E 163 -10.90 1.89 38.05
CA ALA E 163 -12.03 2.32 37.23
C ALA E 163 -11.61 2.87 35.87
N ILE E 164 -12.58 2.96 34.96
CA ILE E 164 -12.33 3.49 33.64
C ILE E 164 -13.51 4.36 33.25
N GLY E 165 -13.30 5.26 32.30
CA GLY E 165 -14.37 6.16 31.89
C GLY E 165 -14.32 7.49 32.63
N MET E 166 -15.33 8.33 32.39
CA MET E 166 -15.44 9.66 33.01
C MET E 166 -14.96 9.79 34.45
N GLY E 167 -15.48 8.95 35.33
CA GLY E 167 -15.13 9.03 36.73
C GLY E 167 -13.90 8.32 37.25
N ARG E 168 -12.98 7.96 36.37
CA ARG E 168 -11.78 7.26 36.80
C ARG E 168 -11.07 8.04 37.92
N MET E 169 -10.83 9.33 37.68
CA MET E 169 -10.15 10.17 38.67
C MET E 169 -10.82 10.08 40.04
N ALA E 170 -12.08 10.49 40.10
CA ALA E 170 -12.81 10.47 41.35
C ALA E 170 -12.67 9.11 42.03
N VAL E 171 -13.22 8.09 41.39
CA VAL E 171 -13.19 6.72 41.92
C VAL E 171 -11.81 6.31 42.38
N THR E 172 -10.81 6.60 41.57
CA THR E 172 -9.43 6.25 41.89
C THR E 172 -8.92 6.88 43.17
N GLU E 173 -9.14 8.20 43.31
CA GLU E 173 -8.69 8.91 44.51
C GLU E 173 -9.44 8.40 45.74
N PHE E 174 -10.74 8.14 45.58
CA PHE E 174 -11.53 7.63 46.69
C PHE E 174 -10.96 6.30 47.15
N PHE E 175 -10.83 5.34 46.23
CA PHE E 175 -10.28 4.03 46.60
C PHE E 175 -8.87 4.19 47.15
N GLU E 176 -8.14 5.15 46.60
CA GLU E 176 -6.78 5.43 47.00
C GLU E 176 -6.71 5.83 48.48
N LYS E 177 -7.81 6.38 48.99
CA LYS E 177 -7.85 6.81 50.38
C LYS E 177 -8.59 5.87 51.32
N GLU E 178 -9.48 5.03 50.79
CA GLU E 178 -10.24 4.15 51.67
C GLU E 178 -10.40 2.70 51.29
N TYR E 179 -9.58 2.19 50.38
CA TYR E 179 -9.68 0.78 50.01
C TYR E 179 -8.90 -0.04 51.01
N ARG E 180 -9.47 -1.17 51.43
CA ARG E 180 -8.79 -2.03 52.40
C ARG E 180 -8.45 -3.39 51.80
N ASP E 181 -7.19 -3.78 51.97
CA ASP E 181 -6.70 -5.04 51.46
C ASP E 181 -7.42 -6.24 52.07
N ASP E 182 -8.23 -5.98 53.09
CA ASP E 182 -8.95 -7.07 53.78
C ASP E 182 -10.46 -6.93 53.84
N LEU E 183 -11.03 -6.03 53.03
CA LEU E 183 -12.47 -5.83 53.01
C LEU E 183 -13.22 -7.14 52.74
N SER E 184 -14.51 -7.14 53.05
CA SER E 184 -15.36 -8.30 52.83
C SER E 184 -16.14 -8.07 51.56
N PHE E 185 -16.69 -9.14 50.99
CA PHE E 185 -17.45 -9.02 49.76
C PHE E 185 -18.46 -7.87 49.85
N ASP E 186 -19.30 -7.90 50.86
CA ASP E 186 -20.32 -6.88 51.06
C ASP E 186 -19.73 -5.49 51.29
N ASP E 187 -18.56 -5.44 51.92
CA ASP E 187 -17.90 -4.16 52.15
C ASP E 187 -17.41 -3.65 50.81
N ALA E 188 -16.74 -4.54 50.07
CA ALA E 188 -16.21 -4.20 48.76
C ALA E 188 -17.37 -3.70 47.90
N MET E 189 -18.50 -4.38 47.98
CA MET E 189 -19.66 -4.02 47.22
C MET E 189 -20.09 -2.59 47.54
N VAL E 190 -20.32 -2.32 48.82
CA VAL E 190 -20.74 -0.99 49.25
C VAL E 190 -19.70 0.06 48.87
N LEU E 191 -18.43 -0.21 49.18
CA LEU E 191 -17.37 0.73 48.87
C LEU E 191 -17.41 1.06 47.38
N GLY E 192 -17.69 0.04 46.57
CA GLY E 192 -17.78 0.24 45.13
C GLY E 192 -18.92 1.16 44.76
N LEU E 193 -20.10 0.93 45.33
CA LEU E 193 -21.25 1.77 45.03
C LEU E 193 -21.02 3.20 45.49
N VAL E 194 -20.36 3.36 46.63
CA VAL E 194 -20.07 4.70 47.14
C VAL E 194 -19.24 5.43 46.10
N ALA E 195 -18.19 4.77 45.65
CA ALA E 195 -17.31 5.34 44.64
C ALA E 195 -18.13 5.84 43.46
N MET E 196 -18.98 4.97 42.91
CA MET E 196 -19.82 5.34 41.79
C MET E 196 -20.59 6.60 42.15
N GLY E 197 -21.05 6.64 43.40
CA GLY E 197 -21.79 7.78 43.91
C GLY E 197 -21.01 9.09 43.79
N LEU E 198 -19.83 9.13 44.40
CA LEU E 198 -19.01 10.34 44.32
C LEU E 198 -18.82 10.68 42.86
N SER E 199 -18.49 9.66 42.08
CA SER E 199 -18.28 9.79 40.64
C SER E 199 -19.39 10.58 39.97
N ILE E 200 -20.63 10.22 40.27
CA ILE E 200 -21.79 10.87 39.69
C ILE E 200 -22.23 12.10 40.49
N GLU E 201 -21.78 12.20 41.72
CA GLU E 201 -22.17 13.31 42.59
C GLU E 201 -23.67 13.26 42.82
N SER E 202 -24.16 12.08 43.18
CA SER E 202 -25.57 11.88 43.42
C SER E 202 -25.81 10.51 44.05
N GLU E 203 -26.85 10.41 44.87
CA GLU E 203 -27.18 9.13 45.48
C GLU E 203 -27.52 8.19 44.34
N LEU E 204 -27.28 6.90 44.54
CA LEU E 204 -27.55 5.93 43.49
C LEU E 204 -28.99 5.45 43.40
N VAL E 205 -29.33 4.94 42.23
CA VAL E 205 -30.65 4.39 41.96
C VAL E 205 -30.37 2.99 41.40
N PRO E 206 -30.50 1.97 42.25
CA PRO E 206 -30.26 0.57 41.90
C PRO E 206 -30.61 0.14 40.48
N GLU E 207 -31.59 0.78 39.89
CA GLU E 207 -32.01 0.42 38.54
C GLU E 207 -31.18 1.07 37.44
N ASN E 208 -30.32 2.04 37.78
CA ASN E 208 -29.50 2.67 36.77
C ASN E 208 -28.01 2.41 36.98
N ILE E 209 -27.69 1.22 37.48
CA ILE E 209 -26.33 0.77 37.70
C ILE E 209 -26.35 -0.75 37.57
N GLU E 210 -25.35 -1.32 36.92
CA GLU E 210 -25.30 -2.77 36.75
C GLU E 210 -24.13 -3.37 37.52
N VAL E 211 -24.38 -4.47 38.22
CA VAL E 211 -23.36 -5.13 39.00
C VAL E 211 -23.26 -6.63 38.72
N GLY E 212 -22.03 -7.09 38.52
CA GLY E 212 -21.79 -8.49 38.26
C GLY E 212 -20.61 -8.88 39.12
N TYR E 213 -20.43 -10.16 39.39
CA TYR E 213 -19.31 -10.59 40.23
C TYR E 213 -18.97 -12.07 40.05
N VAL E 214 -17.84 -12.47 40.63
CA VAL E 214 -17.39 -13.84 40.57
C VAL E 214 -16.70 -14.13 41.91
N LYS E 215 -17.28 -15.04 42.68
CA LYS E 215 -16.72 -15.38 43.97
C LYS E 215 -15.86 -16.63 43.90
N VAL E 216 -14.93 -16.75 44.84
CA VAL E 216 -14.01 -17.87 44.92
C VAL E 216 -14.68 -19.23 45.08
N ASP E 217 -15.83 -19.25 45.75
CA ASP E 217 -16.53 -20.51 45.96
C ASP E 217 -17.15 -21.09 44.70
N ASP E 218 -18.02 -20.33 44.05
CA ASP E 218 -18.68 -20.78 42.83
C ASP E 218 -17.83 -20.70 41.57
N ARG E 219 -16.99 -19.67 41.48
CA ARG E 219 -16.17 -19.46 40.29
C ARG E 219 -17.15 -19.33 39.12
N THR E 220 -18.35 -18.85 39.44
CA THR E 220 -19.41 -18.70 38.46
C THR E 220 -19.91 -17.25 38.43
N PHE E 221 -19.81 -16.63 37.27
CA PHE E 221 -20.25 -15.25 37.12
C PHE E 221 -21.76 -15.16 37.23
N LYS E 222 -22.22 -14.05 37.81
CA LYS E 222 -23.65 -13.81 37.95
C LYS E 222 -23.92 -12.33 38.23
N GLU E 223 -25.00 -11.84 37.65
CA GLU E 223 -25.41 -10.46 37.79
C GLU E 223 -26.31 -10.33 39.02
N VAL E 224 -26.30 -9.16 39.66
CA VAL E 224 -27.15 -8.97 40.83
C VAL E 224 -28.42 -8.22 40.45
N SER E 225 -29.56 -8.76 40.88
CA SER E 225 -30.85 -8.14 40.59
C SER E 225 -30.99 -6.85 41.37
N PRO E 226 -31.73 -5.88 40.81
CA PRO E 226 -31.92 -4.60 41.50
C PRO E 226 -32.53 -4.80 42.88
N GLU E 227 -33.18 -5.93 43.09
CA GLU E 227 -33.79 -6.24 44.37
C GLU E 227 -32.71 -6.66 45.37
N GLU E 228 -31.82 -7.56 44.94
CA GLU E 228 -30.74 -8.03 45.80
C GLU E 228 -29.76 -6.89 45.97
N LEU E 229 -29.83 -5.94 45.05
CA LEU E 229 -28.94 -4.79 45.03
C LEU E 229 -29.45 -3.59 45.83
N LYS E 230 -30.77 -3.48 45.99
CA LYS E 230 -31.36 -2.37 46.72
C LYS E 230 -30.79 -2.14 48.12
N PRO E 231 -30.66 -3.22 48.91
CA PRO E 231 -30.10 -3.04 50.26
C PRO E 231 -28.72 -2.39 50.25
N TYR E 232 -27.87 -2.81 49.30
CA TYR E 232 -26.52 -2.26 49.20
C TYR E 232 -26.52 -0.79 48.82
N VAL E 233 -27.44 -0.41 47.92
CA VAL E 233 -27.54 0.99 47.49
C VAL E 233 -27.95 1.87 48.66
N GLU E 234 -28.94 1.40 49.43
CA GLU E 234 -29.43 2.13 50.58
C GLU E 234 -28.27 2.46 51.51
N ARG E 235 -27.47 1.45 51.85
CA ARG E 235 -26.33 1.67 52.73
C ARG E 235 -25.33 2.59 52.06
N ALA E 236 -25.12 2.37 50.76
CA ALA E 236 -24.18 3.18 50.00
C ALA E 236 -24.60 4.64 49.96
N ASN E 237 -25.87 4.88 49.66
CA ASN E 237 -26.39 6.24 49.60
C ASN E 237 -26.23 6.98 50.92
N GLU E 238 -26.22 6.22 52.02
CA GLU E 238 -26.06 6.83 53.33
C GLU E 238 -24.74 7.58 53.38
N ARG E 239 -23.64 6.87 53.11
CA ARG E 239 -22.30 7.46 53.12
C ARG E 239 -22.11 8.47 51.99
N ILE E 240 -22.67 8.19 50.83
CA ILE E 240 -22.56 9.10 49.70
C ILE E 240 -23.18 10.43 50.13
N ARG E 241 -24.34 10.33 50.77
CA ARG E 241 -25.06 11.50 51.25
C ARG E 241 -24.18 12.21 52.28
N GLU E 242 -23.61 11.43 53.19
CA GLU E 242 -22.74 11.94 54.25
C GLU E 242 -21.49 12.62 53.71
N LEU E 243 -20.95 12.12 52.60
CA LEU E 243 -19.74 12.71 52.02
C LEU E 243 -20.01 13.80 51.01
N LEU E 244 -21.07 13.64 50.21
CA LEU E 244 -21.41 14.63 49.21
C LEU E 244 -21.82 15.92 49.92
N LYS E 245 -21.01 16.96 49.78
CA LYS E 245 -21.28 18.24 50.40
C LYS E 245 -21.68 18.09 51.87
N LYS E 246 -20.69 18.23 52.75
CA LYS E 246 -20.93 18.11 54.18
C LYS E 246 -21.75 19.27 54.72
N PRO F 4 17.67 16.00 15.11
CA PRO F 4 16.28 16.37 15.45
C PRO F 4 15.80 17.44 14.48
N GLN F 5 15.86 17.14 13.19
CA GLN F 5 15.44 18.10 12.19
C GLN F 5 14.18 17.66 11.44
N MET F 6 13.15 18.50 11.51
CA MET F 6 11.88 18.22 10.83
C MET F 6 12.18 17.95 9.36
N GLY F 7 11.32 17.18 8.72
CA GLY F 7 11.55 16.86 7.32
C GLY F 7 12.18 15.51 7.15
N TYR F 8 12.94 15.05 8.14
CA TYR F 8 13.60 13.75 8.07
C TYR F 8 13.30 12.87 9.28
N ASP F 9 12.46 13.35 10.19
CA ASP F 9 12.19 12.59 11.41
C ASP F 9 10.81 11.95 11.62
N ARG F 10 10.02 11.79 10.56
CA ARG F 10 8.74 11.15 10.79
C ARG F 10 8.45 9.94 9.92
N ALA F 11 9.52 9.26 9.49
CA ALA F 11 9.41 8.06 8.67
C ALA F 11 10.65 7.20 8.95
N ILE F 12 10.45 6.07 9.60
CA ILE F 12 11.52 5.17 9.97
C ILE F 12 12.50 4.79 8.86
N THR F 13 12.00 4.80 7.63
CA THR F 13 12.83 4.42 6.50
C THR F 13 13.66 5.55 5.90
N VAL F 14 13.53 6.75 6.42
CA VAL F 14 14.29 7.87 5.88
C VAL F 14 15.53 8.23 6.69
N PHE F 15 16.67 8.33 6.00
CA PHE F 15 17.91 8.75 6.64
C PHE F 15 17.90 10.28 6.62
N SER F 16 18.53 10.89 7.61
CA SER F 16 18.63 12.34 7.67
C SER F 16 19.90 12.67 6.87
N PRO F 17 20.14 13.96 6.58
CA PRO F 17 21.34 14.31 5.83
C PRO F 17 22.64 13.88 6.53
N ASP F 18 22.62 13.80 7.86
CA ASP F 18 23.83 13.36 8.57
C ASP F 18 23.79 11.87 8.94
N GLY F 19 23.06 11.10 8.15
CA GLY F 19 22.97 9.66 8.32
C GLY F 19 22.37 9.07 9.58
N ARG F 20 21.21 9.58 9.98
CA ARG F 20 20.59 9.07 11.17
C ARG F 20 19.15 8.63 10.92
N LEU F 21 18.63 7.85 11.87
CA LEU F 21 17.27 7.34 11.83
C LEU F 21 16.57 7.95 13.03
N PHE F 22 16.11 9.19 12.88
CA PHE F 22 15.46 9.87 13.99
C PHE F 22 14.29 9.13 14.65
N GLN F 23 13.51 8.38 13.88
CA GLN F 23 12.41 7.63 14.50
C GLN F 23 12.95 6.59 15.49
N VAL F 24 14.15 6.10 15.24
CA VAL F 24 14.76 5.15 16.17
C VAL F 24 15.24 5.93 17.41
N GLU F 25 15.79 7.12 17.19
CA GLU F 25 16.25 7.92 18.32
C GLU F 25 15.07 8.35 19.18
N TYR F 26 13.95 8.64 18.52
CA TYR F 26 12.75 9.03 19.25
C TYR F 26 12.21 7.84 20.01
N ALA F 27 12.26 6.66 19.41
CA ALA F 27 11.79 5.47 20.08
C ALA F 27 12.62 5.31 21.37
N ARG F 28 13.91 5.61 21.28
CA ARG F 28 14.77 5.48 22.45
C ARG F 28 14.31 6.41 23.57
N GLU F 29 13.63 7.50 23.22
CA GLU F 29 13.14 8.43 24.22
C GLU F 29 12.05 7.74 25.04
N ALA F 30 11.40 6.75 24.45
CA ALA F 30 10.35 6.04 25.17
C ALA F 30 10.94 5.17 26.28
N VAL F 31 12.05 4.50 26.02
CA VAL F 31 12.61 3.64 27.06
C VAL F 31 13.20 4.45 28.23
N LYS F 32 13.59 5.69 27.96
CA LYS F 32 14.14 6.57 29.00
C LYS F 32 13.13 6.80 30.11
N ARG F 33 11.84 6.83 29.75
CA ARG F 33 10.77 7.07 30.73
C ARG F 33 10.42 5.89 31.62
N GLY F 34 10.96 4.71 31.33
CA GLY F 34 10.63 3.54 32.14
C GLY F 34 11.35 3.38 33.45
N ALA F 35 10.76 2.60 34.35
CA ALA F 35 11.38 2.36 35.65
C ALA F 35 12.72 1.77 35.31
N THR F 36 13.75 2.13 36.07
CA THR F 36 15.08 1.62 35.76
C THR F 36 15.30 0.17 36.13
N ALA F 37 16.00 -0.54 35.27
CA ALA F 37 16.34 -1.94 35.50
C ALA F 37 17.85 -2.03 35.42
N ILE F 38 18.43 -2.73 36.39
CA ILE F 38 19.87 -2.89 36.46
C ILE F 38 20.31 -4.33 36.24
N GLY F 39 21.47 -4.46 35.63
CA GLY F 39 22.04 -5.77 35.36
C GLY F 39 23.48 -5.76 35.80
N ILE F 40 23.87 -6.78 36.55
CA ILE F 40 25.25 -6.87 37.00
C ILE F 40 25.70 -8.32 36.98
N LYS F 41 26.87 -8.54 36.39
CA LYS F 41 27.44 -9.86 36.28
C LYS F 41 28.68 -10.00 37.16
N CYS F 42 28.92 -11.22 37.61
CA CYS F 42 30.08 -11.50 38.44
C CYS F 42 30.58 -12.91 38.11
N LYS F 43 31.58 -13.37 38.86
CA LYS F 43 32.17 -14.68 38.66
C LYS F 43 31.17 -15.84 38.73
N GLU F 44 30.39 -15.87 39.81
CA GLU F 44 29.43 -16.94 40.03
C GLU F 44 28.02 -16.79 39.44
N GLY F 45 27.75 -15.71 38.73
CA GLY F 45 26.43 -15.56 38.15
C GLY F 45 26.07 -14.16 37.70
N VAL F 46 24.81 -14.00 37.29
CA VAL F 46 24.32 -12.72 36.82
C VAL F 46 23.08 -12.31 37.60
N ILE F 47 22.96 -11.01 37.86
CA ILE F 47 21.84 -10.48 38.62
C ILE F 47 21.07 -9.38 37.88
N LEU F 48 19.76 -9.36 38.10
CA LEU F 48 18.90 -8.36 37.49
C LEU F 48 18.07 -7.71 38.59
N ILE F 49 18.15 -6.37 38.69
CA ILE F 49 17.41 -5.65 39.71
C ILE F 49 16.51 -4.61 39.06
N ALA F 50 15.23 -4.63 39.40
CA ALA F 50 14.28 -3.68 38.82
C ALA F 50 13.49 -2.92 39.87
N ASP F 51 13.18 -1.67 39.55
CA ASP F 51 12.40 -0.83 40.45
C ASP F 51 10.92 -1.07 40.17
N LYS F 52 10.18 -1.48 41.20
CA LYS F 52 8.75 -1.75 41.01
C LYS F 52 7.83 -0.84 41.82
N ARG F 53 8.33 0.33 42.22
CA ARG F 53 7.52 1.28 42.98
C ARG F 53 6.33 1.71 42.11
N VAL F 54 5.14 1.70 42.68
CA VAL F 54 3.94 2.10 41.96
C VAL F 54 3.38 3.39 42.56
N GLY F 55 2.68 4.16 41.74
CA GLY F 55 2.11 5.42 42.20
C GLY F 55 0.77 5.26 42.89
N SER F 56 0.22 4.05 42.89
CA SER F 56 -1.07 3.81 43.52
C SER F 56 -1.14 2.49 44.27
N LYS F 57 -1.93 2.47 45.33
CA LYS F 57 -2.11 1.27 46.15
C LYS F 57 -3.19 0.38 45.56
N LEU F 58 -3.89 0.88 44.54
CA LEU F 58 -4.94 0.12 43.90
C LEU F 58 -4.39 -0.93 42.96
N LEU F 59 -3.12 -0.78 42.57
CA LEU F 59 -2.49 -1.75 41.69
C LEU F 59 -2.13 -2.99 42.48
N GLU F 60 -2.45 -4.16 41.92
CA GLU F 60 -2.14 -5.42 42.57
C GLU F 60 -0.65 -5.64 42.40
N LYS F 61 0.13 -4.83 43.10
CA LYS F 61 1.58 -4.94 43.00
C LYS F 61 2.10 -6.29 43.46
N ASP F 62 1.28 -7.02 44.20
CA ASP F 62 1.67 -8.35 44.68
C ASP F 62 1.82 -9.30 43.49
N THR F 63 1.45 -8.81 42.30
CA THR F 63 1.52 -9.62 41.10
C THR F 63 2.24 -8.89 39.98
N ILE F 64 2.88 -7.77 40.31
CA ILE F 64 3.62 -7.01 39.31
C ILE F 64 4.95 -7.72 39.06
N GLU F 65 5.32 -7.85 37.78
CA GLU F 65 6.55 -8.52 37.43
C GLU F 65 7.42 -7.63 36.54
N LYS F 66 8.64 -7.37 37.00
CA LYS F 66 9.57 -6.53 36.24
C LYS F 66 10.69 -7.37 35.66
N ILE F 67 10.93 -8.54 36.25
CA ILE F 67 11.97 -9.44 35.76
C ILE F 67 11.25 -10.69 35.30
N TYR F 68 11.47 -11.08 34.04
CA TYR F 68 10.78 -12.24 33.48
C TYR F 68 11.64 -13.42 33.12
N LYS F 69 11.18 -14.61 33.49
CA LYS F 69 11.88 -15.84 33.19
C LYS F 69 11.57 -16.16 31.73
N ILE F 70 12.62 -16.44 30.96
CA ILE F 70 12.46 -16.75 29.54
C ILE F 70 12.56 -18.26 29.39
N ASP F 71 13.49 -18.84 30.12
CA ASP F 71 13.73 -20.27 30.10
C ASP F 71 14.37 -20.56 31.47
N GLU F 72 14.67 -21.82 31.74
CA GLU F 72 15.27 -22.17 33.03
C GLU F 72 16.53 -21.39 33.35
N HIS F 73 17.35 -21.11 32.34
CA HIS F 73 18.60 -20.39 32.55
C HIS F 73 18.63 -18.96 32.01
N ILE F 74 17.57 -18.53 31.33
CA ILE F 74 17.55 -17.19 30.76
C ILE F 74 16.59 -16.27 31.50
N CYS F 75 17.05 -15.05 31.69
CA CYS F 75 16.36 -14.02 32.45
C CYS F 75 16.20 -12.72 31.63
N ALA F 76 15.23 -11.86 31.98
CA ALA F 76 15.05 -10.62 31.23
C ALA F 76 14.30 -9.48 31.93
N ALA F 77 14.77 -8.24 31.68
CA ALA F 77 14.16 -7.04 32.25
C ALA F 77 13.70 -6.17 31.08
N THR F 78 12.84 -5.20 31.38
CA THR F 78 12.26 -4.35 30.34
C THR F 78 12.19 -2.86 30.66
N SER F 79 12.13 -2.04 29.62
CA SER F 79 11.97 -0.60 29.76
C SER F 79 11.46 0.02 28.45
N GLY F 80 10.42 0.84 28.54
CA GLY F 80 9.82 1.48 27.38
C GLY F 80 8.32 1.23 27.31
N LEU F 81 7.75 1.27 26.10
CA LEU F 81 6.31 1.03 25.93
C LEU F 81 5.93 -0.33 26.52
N VAL F 82 4.93 -0.33 27.40
CA VAL F 82 4.46 -1.52 28.10
C VAL F 82 4.01 -2.68 27.22
N ALA F 83 3.00 -2.43 26.39
CA ALA F 83 2.49 -3.46 25.48
C ALA F 83 3.60 -4.01 24.57
N ASP F 84 4.43 -3.12 24.02
CA ASP F 84 5.52 -3.54 23.16
C ASP F 84 6.45 -4.51 23.91
N ALA F 85 6.74 -4.19 25.16
CA ALA F 85 7.63 -5.02 25.96
C ALA F 85 7.09 -6.43 26.16
N ARG F 86 5.82 -6.54 26.55
CA ARG F 86 5.20 -7.83 26.79
C ARG F 86 5.32 -8.70 25.55
N VAL F 87 5.02 -8.12 24.39
CA VAL F 87 5.08 -8.84 23.13
C VAL F 87 6.47 -9.37 22.86
N LEU F 88 7.47 -8.57 23.19
CA LEU F 88 8.86 -8.97 22.99
C LEU F 88 9.24 -10.15 23.90
N ILE F 89 8.75 -10.13 25.14
CA ILE F 89 9.06 -11.21 26.07
C ILE F 89 8.38 -12.53 25.67
N ASP F 90 7.15 -12.45 25.18
CA ASP F 90 6.47 -13.67 24.76
C ASP F 90 7.25 -14.21 23.56
N ARG F 91 7.73 -13.29 22.72
CA ARG F 91 8.49 -13.66 21.54
C ARG F 91 9.77 -14.42 21.95
N ALA F 92 10.41 -13.95 23.02
CA ALA F 92 11.63 -14.59 23.49
C ALA F 92 11.34 -16.00 23.99
N ARG F 93 10.24 -16.14 24.73
CA ARG F 93 9.85 -17.43 25.26
C ARG F 93 9.58 -18.40 24.12
N ILE F 94 8.75 -17.98 23.16
CA ILE F 94 8.44 -18.82 22.01
C ILE F 94 9.75 -19.24 21.35
N GLU F 95 10.64 -18.27 21.21
CA GLU F 95 11.93 -18.50 20.58
C GLU F 95 12.73 -19.53 21.37
N ALA F 96 12.61 -19.51 22.68
CA ALA F 96 13.32 -20.47 23.53
C ALA F 96 12.75 -21.89 23.34
N GLN F 97 11.46 -21.98 23.12
CA GLN F 97 10.81 -23.27 22.92
C GLN F 97 11.17 -23.83 21.56
N ILE F 98 11.12 -22.99 20.53
CA ILE F 98 11.46 -23.42 19.18
C ILE F 98 12.83 -24.07 19.16
N ASN F 99 13.77 -23.48 19.89
CA ASN F 99 15.13 -23.99 19.94
C ASN F 99 15.23 -25.42 20.46
N ARG F 100 14.53 -25.70 21.57
CA ARG F 100 14.55 -27.03 22.17
C ARG F 100 13.93 -28.06 21.23
N LEU F 101 13.08 -27.59 20.32
CA LEU F 101 12.40 -28.46 19.36
C LEU F 101 13.31 -28.77 18.18
N THR F 102 13.84 -27.72 17.58
CA THR F 102 14.71 -27.80 16.42
C THR F 102 16.08 -28.41 16.65
N TYR F 103 16.73 -28.01 17.73
CA TYR F 103 18.06 -28.52 18.06
C TYR F 103 18.00 -29.43 19.27
N ASP F 104 16.79 -29.66 19.77
CA ASP F 104 16.58 -30.53 20.92
C ASP F 104 17.54 -30.19 22.06
N ILE F 105 17.85 -28.90 22.22
CA ILE F 105 18.71 -28.43 23.30
C ILE F 105 18.35 -26.99 23.64
N PRO F 106 18.63 -26.54 24.88
CA PRO F 106 18.29 -25.17 25.26
C PRO F 106 19.08 -24.12 24.47
N ILE F 107 18.43 -23.00 24.19
CA ILE F 107 19.08 -21.93 23.45
C ILE F 107 20.04 -21.20 24.39
N THR F 108 21.10 -20.63 23.85
CA THR F 108 22.05 -19.89 24.66
C THR F 108 21.52 -18.46 24.85
N VAL F 109 22.08 -17.75 25.81
CA VAL F 109 21.64 -16.37 26.06
C VAL F 109 21.95 -15.51 24.84
N LYS F 110 23.15 -15.70 24.29
CA LYS F 110 23.60 -14.97 23.11
C LYS F 110 22.64 -15.15 21.93
N GLU F 111 22.31 -16.40 21.62
CA GLU F 111 21.42 -16.68 20.51
C GLU F 111 20.03 -16.11 20.70
N LEU F 112 19.53 -16.17 21.93
CA LEU F 112 18.20 -15.64 22.20
C LEU F 112 18.23 -14.12 21.98
N ALA F 113 19.15 -13.43 22.67
CA ALA F 113 19.26 -11.97 22.52
C ALA F 113 19.43 -11.61 21.05
N LYS F 114 20.21 -12.40 20.35
CA LYS F 114 20.48 -12.18 18.94
C LYS F 114 19.22 -12.32 18.09
N LYS F 115 18.37 -13.28 18.42
CA LYS F 115 17.15 -13.48 17.65
C LYS F 115 16.10 -12.41 17.92
N ILE F 116 16.01 -11.94 19.15
CA ILE F 116 15.05 -10.90 19.47
C ILE F 116 15.50 -9.57 18.85
N CYS F 117 16.81 -9.39 18.72
CA CYS F 117 17.35 -8.17 18.12
C CYS F 117 17.25 -8.16 16.60
N ASP F 118 17.29 -9.34 15.98
CA ASP F 118 17.16 -9.39 14.52
C ASP F 118 15.72 -9.07 14.21
N PHE F 119 14.84 -9.46 15.11
CA PHE F 119 13.42 -9.22 14.95
C PHE F 119 13.17 -7.72 15.04
N LYS F 120 13.77 -7.08 16.03
CA LYS F 120 13.58 -5.65 16.21
C LYS F 120 14.18 -4.87 15.05
N GLN F 121 15.31 -5.34 14.54
CA GLN F 121 15.97 -4.66 13.43
C GLN F 121 15.05 -4.56 12.21
N GLN F 122 14.27 -5.62 11.97
CA GLN F 122 13.36 -5.63 10.84
C GLN F 122 12.24 -4.60 10.97
N TYR F 123 11.82 -4.29 12.19
CA TYR F 123 10.76 -3.31 12.39
C TYR F 123 11.39 -1.93 12.29
N THR F 124 12.52 -1.88 11.60
CA THR F 124 13.29 -0.66 11.45
C THR F 124 13.56 -0.32 9.98
N GLN F 125 13.33 -1.25 9.06
CA GLN F 125 13.59 -0.88 7.69
C GLN F 125 12.48 -1.09 6.65
N TYR F 126 11.24 -1.13 7.13
CA TYR F 126 10.06 -1.27 6.27
C TYR F 126 9.09 -0.13 6.54
N GLY F 127 8.54 0.43 5.46
CA GLY F 127 7.63 1.56 5.53
C GLY F 127 6.38 1.61 6.39
N GLY F 128 5.59 0.54 6.44
CA GLY F 128 4.39 0.64 7.25
C GLY F 128 4.56 -0.01 8.60
N VAL F 129 5.76 0.10 9.15
CA VAL F 129 6.04 -0.54 10.42
C VAL F 129 6.66 0.40 11.45
N ARG F 130 6.22 0.24 12.69
CA ARG F 130 6.72 1.04 13.79
C ARG F 130 7.73 0.22 14.59
N PRO F 131 8.85 0.84 14.99
CA PRO F 131 9.88 0.15 15.77
C PRO F 131 9.39 -0.07 17.20
N PHE F 132 9.87 -1.13 17.86
CA PHE F 132 9.48 -1.40 19.25
C PHE F 132 10.11 -0.32 20.14
N GLY F 133 9.31 0.30 20.99
CA GLY F 133 9.83 1.34 21.85
C GLY F 133 10.32 0.78 23.16
N VAL F 134 11.28 -0.14 23.09
CA VAL F 134 11.76 -0.74 24.31
C VAL F 134 13.16 -1.31 24.22
N SER F 135 13.84 -1.34 25.37
CA SER F 135 15.17 -1.92 25.50
C SER F 135 15.03 -3.09 26.46
N LEU F 136 15.89 -4.09 26.30
CA LEU F 136 15.85 -5.24 27.17
C LEU F 136 17.22 -5.59 27.73
N LEU F 137 17.20 -6.23 28.89
CA LEU F 137 18.39 -6.73 29.56
C LEU F 137 18.14 -8.22 29.54
N ILE F 138 18.91 -8.96 28.75
CA ILE F 138 18.77 -10.41 28.70
C ILE F 138 19.94 -10.98 29.50
N ALA F 139 19.62 -11.73 30.56
CA ALA F 139 20.66 -12.32 31.40
C ALA F 139 20.50 -13.82 31.61
N GLY F 140 21.61 -14.51 31.78
CA GLY F 140 21.54 -15.94 31.99
C GLY F 140 22.92 -16.55 32.12
N VAL F 141 22.96 -17.88 32.08
CA VAL F 141 24.23 -18.58 32.17
C VAL F 141 24.32 -19.71 31.14
N ASN F 142 25.29 -19.59 30.24
CA ASN F 142 25.53 -20.62 29.23
C ASN F 142 26.68 -21.42 29.84
N GLU F 143 27.89 -21.18 29.35
CA GLU F 143 29.07 -21.84 29.88
C GLU F 143 29.60 -20.87 30.93
N VAL F 144 29.32 -19.59 30.72
CA VAL F 144 29.74 -18.51 31.58
C VAL F 144 28.55 -17.55 31.74
N PRO F 145 28.53 -16.72 32.79
CA PRO F 145 27.39 -15.80 32.94
C PRO F 145 27.31 -14.83 31.77
N LYS F 146 26.11 -14.33 31.49
CA LYS F 146 25.90 -13.41 30.37
C LYS F 146 24.91 -12.27 30.67
N LEU F 147 25.25 -11.08 30.21
CA LEU F 147 24.41 -9.90 30.38
C LEU F 147 24.36 -9.13 29.07
N TYR F 148 23.16 -9.02 28.48
CA TYR F 148 22.99 -8.31 27.23
C TYR F 148 22.01 -7.14 27.33
N GLU F 149 22.27 -6.10 26.55
CA GLU F 149 21.41 -4.93 26.54
C GLU F 149 20.95 -4.73 25.10
N THR F 150 19.66 -4.56 24.90
CA THR F 150 19.16 -4.35 23.56
C THR F 150 18.75 -2.89 23.36
N ASP F 151 18.49 -2.56 22.11
CA ASP F 151 18.12 -1.23 21.71
C ASP F 151 16.92 -1.29 20.74
N PRO F 152 16.11 -0.21 20.67
CA PRO F 152 14.96 -0.23 19.76
C PRO F 152 15.36 -0.53 18.31
N SER F 153 16.55 -0.14 17.92
CA SER F 153 17.02 -0.39 16.55
C SER F 153 17.46 -1.83 16.32
N GLY F 154 17.68 -2.59 17.38
CA GLY F 154 18.09 -3.97 17.19
C GLY F 154 19.54 -4.18 17.54
N ALA F 155 20.22 -3.12 17.95
CA ALA F 155 21.63 -3.23 18.32
C ALA F 155 21.70 -4.11 19.56
N LEU F 156 22.82 -4.81 19.69
CA LEU F 156 23.03 -5.73 20.81
C LEU F 156 24.43 -5.52 21.38
N LEU F 157 24.52 -5.40 22.69
CA LEU F 157 25.81 -5.20 23.36
C LEU F 157 25.90 -6.08 24.60
N GLU F 158 27.10 -6.58 24.88
CA GLU F 158 27.32 -7.41 26.06
C GLU F 158 28.03 -6.56 27.10
N TYR F 159 27.51 -6.56 28.32
CA TYR F 159 28.10 -5.78 29.41
C TYR F 159 28.50 -6.64 30.60
N LYS F 160 29.18 -6.00 31.55
CA LYS F 160 29.59 -6.64 32.79
C LYS F 160 28.57 -6.15 33.81
N ALA F 161 28.15 -4.90 33.61
CA ALA F 161 27.18 -4.23 34.47
C ALA F 161 26.61 -3.07 33.68
N THR F 162 25.31 -2.82 33.80
CA THR F 162 24.69 -1.72 33.07
C THR F 162 23.25 -1.46 33.55
N ALA F 163 22.53 -0.62 32.82
CA ALA F 163 21.15 -0.30 33.18
C ALA F 163 20.35 0.33 32.05
N ILE F 164 19.03 0.33 32.21
CA ILE F 164 18.14 0.92 31.22
C ILE F 164 17.04 1.64 31.97
N GLY F 165 16.42 2.62 31.31
CA GLY F 165 15.35 3.38 31.95
C GLY F 165 15.88 4.68 32.55
N MET F 166 15.01 5.41 33.24
CA MET F 166 15.33 6.69 33.87
C MET F 166 16.73 6.85 34.45
N GLY F 167 17.12 5.91 35.31
CA GLY F 167 18.42 6.01 35.95
C GLY F 167 19.64 5.42 35.28
N ARG F 168 19.57 5.19 33.97
CA ARG F 168 20.72 4.63 33.27
C ARG F 168 21.98 5.45 33.53
N MET F 169 21.89 6.77 33.36
CA MET F 169 23.04 7.66 33.57
C MET F 169 23.65 7.44 34.95
N ALA F 170 22.86 7.70 35.98
CA ALA F 170 23.35 7.55 37.34
C ALA F 170 24.02 6.19 37.54
N VAL F 171 23.23 5.13 37.42
CA VAL F 171 23.74 3.77 37.58
C VAL F 171 25.00 3.51 36.78
N THR F 172 25.01 3.95 35.53
CA THR F 172 26.15 3.75 34.66
C THR F 172 27.43 4.41 35.18
N GLU F 173 27.33 5.66 35.57
CA GLU F 173 28.48 6.39 36.09
C GLU F 173 28.97 5.75 37.39
N PHE F 174 28.03 5.36 38.23
CA PHE F 174 28.40 4.72 39.49
C PHE F 174 29.19 3.45 39.22
N PHE F 175 28.63 2.55 38.41
CA PHE F 175 29.33 1.30 38.09
C PHE F 175 30.64 1.62 37.41
N GLU F 176 30.64 2.67 36.60
CA GLU F 176 31.82 3.09 35.86
C GLU F 176 32.95 3.45 36.81
N LYS F 177 32.62 3.84 38.03
CA LYS F 177 33.62 4.23 39.01
C LYS F 177 33.92 3.19 40.08
N GLU F 178 32.99 2.26 40.30
CA GLU F 178 33.23 1.27 41.34
C GLU F 178 32.90 -0.19 41.06
N TYR F 179 32.78 -0.57 39.79
CA TYR F 179 32.50 -1.95 39.47
C TYR F 179 33.82 -2.71 39.45
N ARG F 180 33.84 -3.91 40.01
CA ARG F 180 35.05 -4.72 40.02
C ARG F 180 34.88 -6.01 39.23
N ASP F 181 35.83 -6.25 38.34
CA ASP F 181 35.83 -7.43 37.48
C ASP F 181 35.89 -8.72 38.30
N ASP F 182 36.14 -8.60 39.60
CA ASP F 182 36.27 -9.78 40.46
C ASP F 182 35.31 -9.83 41.66
N LEU F 183 34.30 -8.97 41.67
CA LEU F 183 33.36 -8.95 42.79
C LEU F 183 32.74 -10.33 43.03
N SER F 184 32.13 -10.48 44.21
CA SER F 184 31.48 -11.74 44.58
C SER F 184 29.99 -11.57 44.37
N PHE F 185 29.27 -12.69 44.30
CA PHE F 185 27.83 -12.61 44.10
C PHE F 185 27.18 -11.60 45.03
N ASP F 186 27.43 -11.77 46.33
CA ASP F 186 26.87 -10.87 47.33
C ASP F 186 27.35 -9.44 47.18
N ASP F 187 28.58 -9.26 46.71
CA ASP F 187 29.11 -7.92 46.51
C ASP F 187 28.37 -7.31 45.33
N ALA F 188 28.28 -8.09 44.25
CA ALA F 188 27.60 -7.65 43.05
C ALA F 188 26.17 -7.26 43.42
N MET F 189 25.55 -8.08 44.25
CA MET F 189 24.19 -7.83 44.68
C MET F 189 24.08 -6.49 45.38
N VAL F 190 24.91 -6.28 46.39
CA VAL F 190 24.90 -5.03 47.14
C VAL F 190 25.22 -3.84 46.24
N LEU F 191 26.27 -3.97 45.45
CA LEU F 191 26.67 -2.90 44.54
C LEU F 191 25.48 -2.53 43.67
N GLY F 192 24.75 -3.56 43.23
CA GLY F 192 23.58 -3.32 42.39
C GLY F 192 22.50 -2.54 43.12
N LEU F 193 22.21 -2.93 44.36
CA LEU F 193 21.20 -2.22 45.13
C LEU F 193 21.62 -0.78 45.39
N VAL F 194 22.91 -0.59 45.67
CA VAL F 194 23.41 0.76 45.94
C VAL F 194 23.10 1.61 44.71
N ALA F 195 23.48 1.12 43.54
CA ALA F 195 23.24 1.82 42.29
C ALA F 195 21.78 2.25 42.21
N MET F 196 20.87 1.30 42.40
CA MET F 196 19.44 1.61 42.36
C MET F 196 19.17 2.74 43.31
N GLY F 197 19.83 2.69 44.47
CA GLY F 197 19.67 3.73 45.47
C GLY F 197 20.01 5.11 44.97
N LEU F 198 21.23 5.28 44.47
CA LEU F 198 21.63 6.57 43.94
C LEU F 198 20.61 6.99 42.90
N SER F 199 20.29 6.03 42.02
CA SER F 199 19.33 6.23 40.94
C SER F 199 18.06 6.91 41.43
N ILE F 200 17.52 6.40 42.53
CA ILE F 200 16.29 6.92 43.11
C ILE F 200 16.54 8.05 44.09
N GLU F 201 17.78 8.17 44.57
CA GLU F 201 18.13 9.21 45.53
C GLU F 201 17.34 8.97 46.82
N SER F 202 17.37 7.73 47.28
CA SER F 202 16.66 7.34 48.50
C SER F 202 17.04 5.94 48.92
N GLU F 203 17.00 5.68 50.22
CA GLU F 203 17.32 4.36 50.72
C GLU F 203 16.29 3.43 50.14
N LEU F 204 16.67 2.17 49.94
CA LEU F 204 15.74 1.21 49.35
C LEU F 204 14.77 0.57 50.33
N VAL F 205 13.69 0.06 49.78
CA VAL F 205 12.65 -0.64 50.53
C VAL F 205 12.49 -1.97 49.81
N PRO F 206 13.11 -3.04 50.34
CA PRO F 206 13.08 -4.39 49.78
C PRO F 206 11.79 -4.81 49.08
N GLU F 207 10.67 -4.26 49.52
CA GLU F 207 9.40 -4.63 48.93
C GLU F 207 9.04 -3.86 47.66
N ASN F 208 9.80 -2.81 47.35
CA ASN F 208 9.53 -2.05 46.13
C ASN F 208 10.66 -2.14 45.10
N ILE F 209 11.31 -3.30 45.06
CA ILE F 209 12.39 -3.58 44.12
C ILE F 209 12.35 -5.09 43.90
N GLU F 210 12.53 -5.52 42.65
CA GLU F 210 12.52 -6.94 42.33
C GLU F 210 13.89 -7.42 41.88
N VAL F 211 14.32 -8.56 42.41
CA VAL F 211 15.62 -9.12 42.05
C VAL F 211 15.54 -10.58 41.63
N GLY F 212 16.20 -10.89 40.53
CA GLY F 212 16.24 -12.25 40.04
C GLY F 212 17.67 -12.53 39.65
N TYR F 213 18.05 -13.79 39.52
CA TYR F 213 19.44 -14.10 39.17
C TYR F 213 19.60 -15.51 38.63
N VAL F 214 20.79 -15.78 38.11
CA VAL F 214 21.12 -17.09 37.57
C VAL F 214 22.59 -17.35 37.88
N LYS F 215 22.85 -18.35 38.71
CA LYS F 215 24.22 -18.68 39.09
C LYS F 215 24.78 -19.81 38.25
N VAL F 216 26.11 -19.82 38.13
CA VAL F 216 26.82 -20.83 37.36
C VAL F 216 26.59 -22.27 37.83
N ASP F 217 26.36 -22.44 39.12
CA ASP F 217 26.15 -23.79 39.65
C ASP F 217 24.81 -24.40 39.24
N ASP F 218 23.72 -23.72 39.56
CA ASP F 218 22.38 -24.22 39.23
C ASP F 218 21.96 -23.99 37.78
N ARG F 219 22.38 -22.87 37.20
CA ARG F 219 21.98 -22.51 35.85
C ARG F 219 20.47 -22.47 35.86
N THR F 220 19.91 -22.15 37.03
CA THR F 220 18.47 -22.08 37.20
C THR F 220 18.04 -20.72 37.72
N PHE F 221 17.19 -20.04 36.96
CA PHE F 221 16.71 -18.74 37.36
C PHE F 221 15.82 -18.82 38.58
N LYS F 222 15.90 -17.80 39.43
CA LYS F 222 15.08 -17.74 40.62
C LYS F 222 15.05 -16.31 41.17
N GLU F 223 13.88 -15.94 41.68
CA GLU F 223 13.65 -14.62 42.23
C GLU F 223 13.99 -14.64 43.71
N VAL F 224 14.43 -13.50 44.26
CA VAL F 224 14.77 -13.45 45.67
C VAL F 224 13.62 -12.86 46.47
N SER F 225 13.25 -13.53 47.55
CA SER F 225 12.16 -13.07 48.40
C SER F 225 12.59 -11.84 49.17
N PRO F 226 11.64 -10.93 49.46
CA PRO F 226 11.98 -9.70 50.20
C PRO F 226 12.66 -10.00 51.53
N GLU F 227 12.47 -11.23 52.02
CA GLU F 227 13.06 -11.65 53.28
C GLU F 227 14.55 -11.98 53.06
N GLU F 228 14.83 -12.74 52.01
CA GLU F 228 16.21 -13.11 51.69
C GLU F 228 16.91 -11.85 51.19
N LEU F 229 16.10 -10.90 50.76
CA LEU F 229 16.60 -9.64 50.20
C LEU F 229 16.81 -8.54 51.24
N LYS F 230 16.08 -8.60 52.34
CA LYS F 230 16.19 -7.58 53.38
C LYS F 230 17.61 -7.34 53.89
N PRO F 231 18.37 -8.42 54.17
CA PRO F 231 19.74 -8.20 54.65
C PRO F 231 20.59 -7.40 53.67
N TYR F 232 20.44 -7.68 52.38
CA TYR F 232 21.21 -6.98 51.35
C TYR F 232 20.83 -5.51 51.27
N VAL F 233 19.54 -5.21 51.44
CA VAL F 233 19.07 -3.84 51.39
C VAL F 233 19.66 -3.04 52.54
N GLU F 234 19.63 -3.64 53.73
CA GLU F 234 20.16 -3.02 54.92
C GLU F 234 21.60 -2.58 54.68
N ARG F 235 22.42 -3.49 54.19
CA ARG F 235 23.81 -3.18 53.92
C ARG F 235 23.89 -2.11 52.83
N ALA F 236 23.06 -2.26 51.80
CA ALA F 236 23.03 -1.33 50.69
C ALA F 236 22.65 0.07 51.16
N ASN F 237 21.59 0.17 51.94
CA ASN F 237 21.14 1.46 52.44
C ASN F 237 22.21 2.16 53.26
N GLU F 238 23.09 1.38 53.89
CA GLU F 238 24.17 1.96 54.68
C GLU F 238 25.02 2.87 53.80
N ARG F 239 25.56 2.30 52.71
CA ARG F 239 26.39 3.05 51.77
C ARG F 239 25.60 4.11 51.02
N ILE F 240 24.36 3.80 50.67
CA ILE F 240 23.53 4.75 49.95
C ILE F 240 23.38 5.98 50.84
N ARG F 241 23.13 5.72 52.12
CA ARG F 241 22.98 6.78 53.10
C ARG F 241 24.29 7.56 53.18
N GLU F 242 25.40 6.83 53.25
CA GLU F 242 26.73 7.41 53.34
C GLU F 242 27.09 8.27 52.12
N LEU F 243 26.63 7.87 50.94
CA LEU F 243 26.93 8.61 49.71
C LEU F 243 25.91 9.69 49.40
N LEU F 244 24.64 9.41 49.66
CA LEU F 244 23.60 10.39 49.38
C LEU F 244 23.81 11.59 50.30
N LYS F 245 24.16 12.73 49.70
CA LYS F 245 24.40 13.96 50.46
C LYS F 245 25.28 13.72 51.68
N LYS F 246 26.57 13.95 51.51
CA LYS F 246 27.53 13.76 52.59
C LYS F 246 27.33 14.80 53.69
N PRO G 4 21.82 17.54 -2.28
CA PRO G 4 21.21 17.72 -0.95
C PRO G 4 20.07 18.73 -1.05
N GLN G 5 19.11 18.46 -1.93
CA GLN G 5 17.99 19.38 -2.13
C GLN G 5 16.67 18.78 -1.67
N MET G 6 16.03 19.47 -0.73
CA MET G 6 14.73 19.04 -0.20
C MET G 6 13.79 18.84 -1.38
N GLY G 7 12.80 17.97 -1.20
CA GLY G 7 11.88 17.71 -2.29
C GLY G 7 12.24 16.45 -3.05
N TYR G 8 13.51 16.08 -3.06
CA TYR G 8 13.96 14.88 -3.78
C TYR G 8 14.79 13.95 -2.89
N ASP G 9 14.94 14.29 -1.62
CA ASP G 9 15.79 13.50 -0.73
C ASP G 9 15.15 12.67 0.39
N ARG G 10 13.85 12.42 0.33
CA ARG G 10 13.27 11.62 1.40
C ARG G 10 12.49 10.38 0.94
N ALA G 11 12.86 9.87 -0.23
CA ALA G 11 12.25 8.67 -0.81
C ALA G 11 13.29 7.98 -1.69
N ILE G 12 13.75 6.82 -1.25
CA ILE G 12 14.78 6.06 -1.95
C ILE G 12 14.52 5.84 -3.44
N THR G 13 13.26 5.81 -3.82
CA THR G 13 12.92 5.56 -5.21
C THR G 13 12.90 6.79 -6.11
N VAL G 14 13.15 7.96 -5.55
CA VAL G 14 13.12 9.18 -6.34
C VAL G 14 14.48 9.69 -6.74
N PHE G 15 14.63 9.96 -8.04
CA PHE G 15 15.87 10.52 -8.57
C PHE G 15 15.74 12.04 -8.41
N SER G 16 16.87 12.71 -8.21
CA SER G 16 16.87 14.16 -8.09
C SER G 16 17.01 14.68 -9.52
N PRO G 17 16.84 15.99 -9.73
CA PRO G 17 16.97 16.50 -11.09
C PRO G 17 18.34 16.23 -11.70
N ASP G 18 19.38 16.12 -10.88
CA ASP G 18 20.70 15.84 -11.42
C ASP G 18 21.08 14.35 -11.33
N GLY G 19 20.06 13.48 -11.37
CA GLY G 19 20.26 12.04 -11.35
C GLY G 19 20.89 11.37 -10.15
N ARG G 20 20.47 11.72 -8.95
CA ARG G 20 21.05 11.11 -7.78
C ARG G 20 19.99 10.49 -6.88
N LEU G 21 20.46 9.64 -5.98
CA LEU G 21 19.62 8.96 -5.00
C LEU G 21 20.10 9.45 -3.64
N PHE G 22 19.62 10.62 -3.24
CA PHE G 22 20.05 11.19 -1.96
C PHE G 22 19.89 10.29 -0.74
N GLN G 23 18.87 9.43 -0.71
CA GLN G 23 18.71 8.55 0.44
C GLN G 23 19.88 7.59 0.54
N VAL G 24 20.47 7.26 -0.61
CA VAL G 24 21.64 6.39 -0.61
C VAL G 24 22.85 7.20 -0.12
N GLU G 25 22.94 8.45 -0.53
CA GLU G 25 24.04 9.29 -0.12
C GLU G 25 23.95 9.54 1.38
N TYR G 26 22.73 9.70 1.88
CA TYR G 26 22.53 9.92 3.31
C TYR G 26 22.90 8.63 4.06
N ALA G 27 22.52 7.49 3.49
CA ALA G 27 22.86 6.23 4.14
C ALA G 27 24.38 6.16 4.29
N ARG G 28 25.09 6.63 3.27
CA ARG G 28 26.55 6.63 3.33
C ARG G 28 27.07 7.48 4.49
N GLU G 29 26.28 8.46 4.91
CA GLU G 29 26.70 9.30 6.03
C GLU G 29 26.72 8.47 7.31
N ALA G 30 25.95 7.40 7.33
CA ALA G 30 25.91 6.54 8.51
C ALA G 30 27.19 5.75 8.65
N VAL G 31 27.73 5.23 7.54
CA VAL G 31 28.95 4.44 7.67
C VAL G 31 30.17 5.31 8.02
N LYS G 32 30.11 6.59 7.68
CA LYS G 32 31.20 7.51 8.00
C LYS G 32 31.43 7.58 9.52
N ARG G 33 30.36 7.44 10.28
CA ARG G 33 30.43 7.53 11.75
C ARG G 33 31.00 6.31 12.44
N GLY G 34 31.19 5.21 11.71
CA GLY G 34 31.69 4.00 12.36
C GLY G 34 33.19 3.92 12.59
N ALA G 35 33.59 3.06 13.51
CA ALA G 35 35.00 2.87 13.80
C ALA G 35 35.61 2.48 12.45
N THR G 36 36.81 2.96 12.17
CA THR G 36 37.44 2.66 10.89
C THR G 36 37.98 1.24 10.80
N ALA G 37 37.79 0.63 9.63
CA ALA G 37 38.25 -0.71 9.36
C ALA G 37 39.13 -0.61 8.13
N ILE G 38 40.31 -1.24 8.21
CA ILE G 38 41.27 -1.19 7.12
C ILE G 38 41.47 -2.54 6.46
N GLY G 39 41.73 -2.50 5.16
CA GLY G 39 41.95 -3.72 4.41
C GLY G 39 43.18 -3.53 3.56
N ILE G 40 44.08 -4.51 3.60
CA ILE G 40 45.29 -4.43 2.81
C ILE G 40 45.66 -5.79 2.28
N LYS G 41 45.95 -5.83 1.00
CA LYS G 41 46.30 -7.08 0.33
C LYS G 41 47.75 -7.06 -0.11
N CYS G 42 48.36 -8.24 -0.15
CA CYS G 42 49.75 -8.38 -0.57
C CYS G 42 49.89 -9.70 -1.31
N LYS G 43 51.12 -10.04 -1.67
CA LYS G 43 51.44 -11.25 -2.40
C LYS G 43 50.96 -12.53 -1.71
N GLU G 44 51.32 -12.68 -0.44
CA GLU G 44 50.98 -13.88 0.32
C GLU G 44 49.63 -13.92 1.06
N GLY G 45 48.84 -12.87 0.95
CA GLY G 45 47.56 -12.88 1.63
C GLY G 45 46.87 -11.54 1.79
N VAL G 46 45.77 -11.55 2.53
CA VAL G 46 45.01 -10.32 2.76
C VAL G 46 44.81 -10.10 4.25
N ILE G 47 44.86 -8.85 4.66
CA ILE G 47 44.72 -8.49 6.07
C ILE G 47 43.59 -7.49 6.32
N LEU G 48 42.94 -7.63 7.48
CA LEU G 48 41.86 -6.75 7.89
C LEU G 48 42.17 -6.23 9.30
N ILE G 49 42.20 -4.92 9.44
CA ILE G 49 42.49 -4.31 10.73
C ILE G 49 41.34 -3.40 11.13
N ALA G 50 40.82 -3.58 12.35
CA ALA G 50 39.71 -2.76 12.83
C ALA G 50 40.00 -2.14 14.18
N ASP G 51 39.48 -0.93 14.37
CA ASP G 51 39.64 -0.21 15.62
C ASP G 51 38.52 -0.66 16.57
N LYS G 52 38.89 -1.18 17.74
CA LYS G 52 37.88 -1.62 18.70
C LYS G 52 37.89 -0.87 20.02
N ARG G 53 38.42 0.35 20.01
CA ARG G 53 38.45 1.17 21.22
C ARG G 53 37.00 1.46 21.65
N VAL G 54 36.71 1.28 22.93
CA VAL G 54 35.38 1.53 23.46
C VAL G 54 35.41 2.71 24.42
N GLY G 55 34.28 3.39 24.52
CA GLY G 55 34.21 4.55 25.40
C GLY G 55 33.93 4.21 26.86
N SER G 56 33.68 2.94 27.14
CA SER G 56 33.38 2.52 28.50
C SER G 56 34.01 1.19 28.88
N LYS G 57 34.36 1.05 30.15
CA LYS G 57 34.97 -0.17 30.66
C LYS G 57 33.92 -1.19 31.03
N LEU G 58 32.65 -0.78 31.00
CA LEU G 58 31.55 -1.67 31.33
C LEU G 58 31.23 -2.63 30.20
N LEU G 59 31.69 -2.29 28.99
CA LEU G 59 31.46 -3.16 27.84
C LEU G 59 32.39 -4.35 27.92
N GLU G 60 31.85 -5.53 27.68
CA GLU G 60 32.63 -6.75 27.71
C GLU G 60 33.44 -6.76 26.42
N LYS G 61 34.43 -5.87 26.33
CA LYS G 61 35.25 -5.78 25.14
C LYS G 61 36.02 -7.06 24.86
N ASP G 62 36.14 -7.91 25.88
CA ASP G 62 36.85 -9.17 25.71
C ASP G 62 36.07 -10.08 24.76
N THR G 63 34.89 -9.62 24.36
CA THR G 63 34.04 -10.39 23.46
C THR G 63 33.56 -9.55 22.28
N ILE G 64 34.14 -8.37 22.12
CA ILE G 64 33.77 -7.51 21.01
C ILE G 64 34.43 -8.02 19.74
N GLU G 65 33.67 -8.08 18.65
CA GLU G 65 34.21 -8.57 17.40
C GLU G 65 33.99 -7.56 16.28
N LYS G 66 35.07 -7.14 15.65
CA LYS G 66 35.00 -6.18 14.55
C LYS G 66 35.31 -6.85 13.22
N ILE G 67 35.97 -7.99 13.27
CA ILE G 67 36.31 -8.74 12.07
C ILE G 67 35.60 -10.08 12.18
N TYR G 68 34.77 -10.40 11.19
CA TYR G 68 34.00 -11.64 11.24
C TYR G 68 34.34 -12.69 10.20
N LYS G 69 34.42 -13.94 10.66
CA LYS G 69 34.71 -15.05 9.79
C LYS G 69 33.41 -15.39 9.09
N ILE G 70 33.46 -15.51 7.77
CA ILE G 70 32.27 -15.82 6.98
C ILE G 70 32.32 -17.29 6.63
N ASP G 71 33.51 -17.76 6.30
CA ASP G 71 33.75 -19.14 5.94
C ASP G 71 35.23 -19.37 6.24
N GLU G 72 35.72 -20.58 6.02
CA GLU G 72 37.12 -20.87 6.31
C GLU G 72 38.11 -19.94 5.64
N HIS G 73 37.79 -19.51 4.42
CA HIS G 73 38.68 -18.64 3.66
C HIS G 73 38.16 -17.22 3.45
N ILE G 74 36.94 -16.93 3.89
CA ILE G 74 36.39 -15.59 3.72
C ILE G 74 36.31 -14.82 5.04
N CYS G 75 36.65 -13.55 4.94
CA CYS G 75 36.76 -12.64 6.06
C CYS G 75 35.94 -11.35 5.83
N ALA G 76 35.55 -10.64 6.90
CA ALA G 76 34.77 -9.41 6.72
C ALA G 76 34.76 -8.41 7.87
N ALA G 77 34.78 -7.13 7.51
CA ALA G 77 34.74 -6.02 8.47
C ALA G 77 33.48 -5.20 8.20
N THR G 78 33.10 -4.37 9.16
CA THR G 78 31.87 -3.59 9.05
C THR G 78 31.96 -2.12 9.50
N SER G 79 31.06 -1.29 8.98
CA SER G 79 30.97 0.10 9.35
C SER G 79 29.59 0.66 9.00
N GLY G 80 28.96 1.33 9.96
CA GLY G 80 27.63 1.90 9.77
C GLY G 80 26.67 1.43 10.85
N LEU G 81 25.37 1.43 10.57
CA LEU G 81 24.36 1.01 11.55
C LEU G 81 24.68 -0.39 12.05
N VAL G 82 24.77 -0.53 13.38
CA VAL G 82 25.11 -1.78 14.01
C VAL G 82 24.22 -2.97 13.68
N ALA G 83 22.93 -2.87 13.98
CA ALA G 83 21.98 -3.93 13.70
C ALA G 83 21.98 -4.30 12.22
N ASP G 84 22.03 -3.31 11.34
CA ASP G 84 22.04 -3.57 9.90
C ASP G 84 23.26 -4.42 9.55
N ALA G 85 24.40 -4.09 10.14
CA ALA G 85 25.63 -4.79 9.87
C ALA G 85 25.56 -6.27 10.24
N ARG G 86 25.10 -6.55 11.45
CA ARG G 86 25.00 -7.92 11.92
C ARG G 86 24.14 -8.75 10.96
N VAL G 87 23.01 -8.18 10.54
CA VAL G 87 22.11 -8.88 9.63
C VAL G 87 22.81 -9.21 8.32
N LEU G 88 23.63 -8.28 7.84
CA LEU G 88 24.36 -8.49 6.60
C LEU G 88 25.39 -9.62 6.73
N ILE G 89 26.07 -9.68 7.87
CA ILE G 89 27.06 -10.73 8.08
C ILE G 89 26.42 -12.12 8.21
N ASP G 90 25.25 -12.20 8.87
CA ASP G 90 24.59 -13.49 8.99
C ASP G 90 24.17 -13.91 7.59
N ARG G 91 23.75 -12.93 6.81
CA ARG G 91 23.33 -13.18 5.44
C ARG G 91 24.49 -13.76 4.62
N ALA G 92 25.69 -13.23 4.84
CA ALA G 92 26.86 -13.70 4.12
C ALA G 92 27.15 -15.15 4.49
N ARG G 93 27.07 -15.45 5.78
CA ARG G 93 27.33 -16.79 6.26
C ARG G 93 26.33 -17.77 5.67
N ILE G 94 25.05 -17.42 5.75
CA ILE G 94 24.03 -18.29 5.18
C ILE G 94 24.36 -18.52 3.72
N GLU G 95 24.71 -17.44 3.03
CA GLU G 95 25.05 -17.49 1.61
C GLU G 95 26.24 -18.42 1.36
N ALA G 96 27.18 -18.44 2.29
CA ALA G 96 28.36 -19.31 2.16
C ALA G 96 27.97 -20.78 2.32
N GLN G 97 26.99 -21.05 3.18
CA GLN G 97 26.53 -22.41 3.40
C GLN G 97 25.72 -22.89 2.20
N ILE G 98 24.82 -22.05 1.71
CA ILE G 98 24.00 -22.41 0.56
C ILE G 98 24.87 -22.87 -0.60
N ASN G 99 25.99 -22.17 -0.80
CA ASN G 99 26.91 -22.49 -1.88
C ASN G 99 27.47 -23.91 -1.80
N ARG G 100 27.93 -24.29 -0.60
CA ARG G 100 28.51 -25.62 -0.39
C ARG G 100 27.45 -26.71 -0.60
N LEU G 101 26.19 -26.34 -0.45
CA LEU G 101 25.08 -27.28 -0.62
C LEU G 101 24.71 -27.45 -2.09
N THR G 102 24.52 -26.32 -2.76
CA THR G 102 24.15 -26.27 -4.17
C THR G 102 25.23 -26.72 -5.15
N TYR G 103 26.46 -26.24 -4.94
CA TYR G 103 27.56 -26.57 -5.83
C TYR G 103 28.55 -27.50 -5.14
N ASP G 104 28.20 -27.89 -3.92
CA ASP G 104 29.03 -28.79 -3.14
C ASP G 104 30.49 -28.34 -3.12
N ILE G 105 30.72 -27.04 -3.14
CA ILE G 105 32.06 -26.46 -3.07
C ILE G 105 31.99 -25.09 -2.41
N PRO G 106 33.12 -24.63 -1.83
CA PRO G 106 33.12 -23.32 -1.18
C PRO G 106 32.90 -22.17 -2.15
N ILE G 107 32.20 -21.13 -1.70
CA ILE G 107 31.94 -19.96 -2.53
C ILE G 107 33.21 -19.13 -2.59
N THR G 108 33.41 -18.42 -3.69
CA THR G 108 34.58 -17.58 -3.84
C THR G 108 34.29 -16.24 -3.14
N VAL G 109 35.34 -15.47 -2.88
CA VAL G 109 35.19 -14.16 -2.25
C VAL G 109 34.34 -13.27 -3.16
N LYS G 110 34.68 -13.27 -4.45
CA LYS G 110 33.98 -12.46 -5.44
C LYS G 110 32.48 -12.75 -5.46
N GLU G 111 32.13 -14.03 -5.55
CA GLU G 111 30.72 -14.42 -5.58
C GLU G 111 29.98 -14.05 -4.30
N LEU G 112 30.64 -14.17 -3.17
CA LEU G 112 30.00 -13.83 -1.91
C LEU G 112 29.72 -12.33 -1.90
N ALA G 113 30.76 -11.53 -2.11
CA ALA G 113 30.61 -10.07 -2.11
C ALA G 113 29.54 -9.67 -3.10
N LYS G 114 29.55 -10.34 -4.25
CA LYS G 114 28.59 -10.07 -5.30
C LYS G 114 27.15 -10.36 -4.88
N LYS G 115 26.96 -11.42 -4.10
CA LYS G 115 25.61 -11.78 -3.66
C LYS G 115 25.09 -10.87 -2.56
N ILE G 116 25.97 -10.44 -1.66
CA ILE G 116 25.57 -9.54 -0.60
C ILE G 116 25.26 -8.15 -1.19
N CYS G 117 25.94 -7.80 -2.28
CA CYS G 117 25.72 -6.50 -2.93
C CYS G 117 24.45 -6.48 -3.77
N ASP G 118 24.07 -7.63 -4.33
CA ASP G 118 22.87 -7.67 -5.13
C ASP G 118 21.70 -7.55 -4.18
N PHE G 119 21.91 -8.07 -2.99
CA PHE G 119 20.89 -8.03 -1.96
C PHE G 119 20.70 -6.58 -1.53
N LYS G 120 21.80 -5.88 -1.31
CA LYS G 120 21.72 -4.48 -0.90
C LYS G 120 21.13 -3.61 -2.00
N GLN G 121 21.43 -3.93 -3.24
CA GLN G 121 20.93 -3.14 -4.36
C GLN G 121 19.40 -3.14 -4.38
N GLN G 122 18.82 -4.28 -4.06
CA GLN G 122 17.37 -4.41 -4.06
C GLN G 122 16.69 -3.55 -2.98
N TYR G 123 17.38 -3.30 -1.87
CA TYR G 123 16.80 -2.47 -0.82
C TYR G 123 17.01 -1.03 -1.22
N THR G 124 17.18 -0.83 -2.52
CA THR G 124 17.44 0.49 -3.06
C THR G 124 16.44 0.91 -4.13
N GLN G 125 15.64 -0.03 -4.64
CA GLN G 125 14.70 0.38 -5.66
C GLN G 125 13.22 0.06 -5.46
N TYR G 126 12.82 -0.15 -4.21
CA TYR G 126 11.44 -0.45 -3.86
C TYR G 126 10.96 0.55 -2.80
N GLY G 127 9.74 1.05 -2.98
CA GLY G 127 9.14 2.04 -2.11
C GLY G 127 9.06 1.90 -0.60
N GLY G 128 8.66 0.74 -0.08
CA GLY G 128 8.58 0.67 1.37
C GLY G 128 9.79 0.02 2.00
N VAL G 129 10.95 0.29 1.43
CA VAL G 129 12.17 -0.32 1.91
C VAL G 129 13.30 0.66 2.18
N ARG G 130 14.00 0.44 3.26
CA ARG G 130 15.11 1.29 3.65
C ARG G 130 16.40 0.60 3.27
N PRO G 131 17.37 1.35 2.74
CA PRO G 131 18.67 0.78 2.34
C PRO G 131 19.49 0.46 3.60
N PHE G 132 20.39 -0.51 3.51
CA PHE G 132 21.25 -0.85 4.65
C PHE G 132 22.26 0.29 4.83
N GLY G 133 22.37 0.79 6.07
CA GLY G 133 23.30 1.87 6.33
C GLY G 133 24.69 1.33 6.69
N VAL G 134 25.28 0.56 5.79
CA VAL G 134 26.59 0.00 6.10
C VAL G 134 27.43 -0.36 4.89
N SER G 135 28.74 -0.31 5.08
CA SER G 135 29.71 -0.71 4.06
C SER G 135 30.46 -1.90 4.61
N LEU G 136 30.94 -2.76 3.74
CA LEU G 136 31.68 -3.93 4.19
C LEU G 136 32.98 -4.09 3.44
N LEU G 137 33.93 -4.75 4.11
CA LEU G 137 35.22 -5.10 3.53
C LEU G 137 35.17 -6.62 3.55
N ILE G 138 35.08 -7.23 2.37
CA ILE G 138 35.05 -8.68 2.28
C ILE G 138 36.44 -9.09 1.82
N ALA G 139 37.12 -9.90 2.62
CA ALA G 139 38.47 -10.36 2.27
C ALA G 139 38.63 -11.86 2.36
N GLY G 140 39.52 -12.39 1.54
CA GLY G 140 39.74 -13.82 1.54
C GLY G 140 40.73 -14.26 0.49
N VAL G 141 40.80 -15.56 0.26
CA VAL G 141 41.72 -16.09 -0.74
C VAL G 141 41.06 -17.17 -1.57
N ASN G 142 40.94 -16.91 -2.87
CA ASN G 142 40.38 -17.88 -3.80
C ASN G 142 41.63 -18.53 -4.40
N GLU G 143 41.96 -18.13 -5.63
CA GLU G 143 43.17 -18.64 -6.27
C GLU G 143 44.25 -17.62 -5.93
N VAL G 144 43.81 -16.39 -5.69
CA VAL G 144 44.67 -15.26 -5.35
C VAL G 144 43.98 -14.48 -4.23
N PRO G 145 44.74 -13.68 -3.45
CA PRO G 145 44.08 -12.91 -2.38
C PRO G 145 43.04 -11.94 -2.94
N LYS G 146 42.04 -11.62 -2.11
CA LYS G 146 40.98 -10.71 -2.55
C LYS G 146 40.52 -9.72 -1.47
N LEU G 147 40.29 -8.47 -1.88
CA LEU G 147 39.81 -7.43 -0.99
C LEU G 147 38.68 -6.64 -1.66
N TYR G 148 37.48 -6.70 -1.09
CA TYR G 148 36.34 -6.00 -1.66
C TYR G 148 35.75 -4.98 -0.70
N GLU G 149 35.23 -3.90 -1.25
CA GLU G 149 34.60 -2.86 -0.45
C GLU G 149 33.19 -2.69 -0.98
N THR G 150 32.21 -2.70 -0.09
CA THR G 150 30.83 -2.55 -0.50
C THR G 150 30.31 -1.16 -0.14
N ASP G 151 29.15 -0.85 -0.69
CA ASP G 151 28.51 0.43 -0.49
C ASP G 151 27.02 0.22 -0.17
N PRO G 152 26.39 1.18 0.54
CA PRO G 152 24.97 1.03 0.87
C PRO G 152 24.10 0.79 -0.38
N SER G 153 24.51 1.35 -1.51
CA SER G 153 23.75 1.20 -2.75
C SER G 153 23.92 -0.18 -3.40
N GLY G 154 24.94 -0.93 -2.98
CA GLY G 154 25.18 -2.23 -3.56
C GLY G 154 26.35 -2.25 -4.54
N ALA G 155 27.02 -1.11 -4.67
CA ALA G 155 28.18 -1.02 -5.54
C ALA G 155 29.26 -1.91 -4.95
N LEU G 156 30.10 -2.46 -5.81
CA LEU G 156 31.16 -3.34 -5.38
C LEU G 156 32.45 -2.96 -6.08
N LEU G 157 33.53 -2.83 -5.31
CA LEU G 157 34.83 -2.50 -5.88
C LEU G 157 35.93 -3.36 -5.29
N GLU G 158 36.91 -3.71 -6.11
CA GLU G 158 38.03 -4.50 -5.64
C GLU G 158 39.22 -3.58 -5.43
N TYR G 159 39.87 -3.68 -4.27
CA TYR G 159 41.02 -2.85 -3.96
C TYR G 159 42.27 -3.65 -3.64
N LYS G 160 43.39 -2.95 -3.50
CA LYS G 160 44.65 -3.55 -3.13
C LYS G 160 44.80 -3.21 -1.65
N ALA G 161 44.29 -2.03 -1.31
CA ALA G 161 44.31 -1.51 0.05
C ALA G 161 43.26 -0.40 0.14
N THR G 162 42.54 -0.33 1.25
CA THR G 162 41.50 0.68 1.42
C THR G 162 40.97 0.75 2.86
N ALA G 163 39.88 1.46 3.06
CA ALA G 163 39.30 1.60 4.39
C ALA G 163 37.87 2.15 4.38
N ILE G 164 37.17 1.96 5.50
CA ILE G 164 35.81 2.43 5.64
C ILE G 164 35.68 3.00 7.04
N GLY G 165 34.70 3.88 7.23
CA GLY G 165 34.50 4.49 8.54
C GLY G 165 35.18 5.83 8.64
N MET G 166 35.15 6.41 9.83
CA MET G 166 35.74 7.73 10.12
C MET G 166 37.05 8.05 9.41
N GLY G 167 38.04 7.17 9.56
CA GLY G 167 39.34 7.41 8.97
C GLY G 167 39.60 7.01 7.53
N ARG G 168 38.55 6.80 6.74
CA ARG G 168 38.75 6.41 5.35
C ARG G 168 39.67 7.40 4.63
N MET G 169 39.37 8.69 4.73
CA MET G 169 40.18 9.72 4.09
C MET G 169 41.66 9.57 4.43
N ALA G 170 41.98 9.72 5.71
CA ALA G 170 43.36 9.60 6.16
C ALA G 170 44.01 8.34 5.61
N VAL G 171 43.50 7.19 6.02
CA VAL G 171 44.04 5.90 5.58
C VAL G 171 44.23 5.83 4.07
N THR G 172 43.21 6.28 3.34
CA THR G 172 43.25 6.24 1.87
C THR G 172 44.40 7.07 1.30
N GLU G 173 44.55 8.31 1.77
CA GLU G 173 45.62 9.17 1.28
C GLU G 173 46.98 8.58 1.63
N PHE G 174 47.10 8.03 2.84
CA PHE G 174 48.35 7.45 3.26
C PHE G 174 48.72 6.29 2.33
N PHE G 175 47.80 5.34 2.17
CA PHE G 175 48.07 4.21 1.28
C PHE G 175 48.33 4.71 -0.13
N GLU G 176 47.62 5.77 -0.50
CA GLU G 176 47.73 6.35 -1.83
C GLU G 176 49.15 6.85 -2.09
N LYS G 177 49.88 7.17 -1.02
CA LYS G 177 51.23 7.68 -1.14
C LYS G 177 52.33 6.67 -0.82
N GLU G 178 52.01 5.61 -0.09
CA GLU G 178 53.04 4.65 0.27
C GLU G 178 52.72 3.16 0.18
N TYR G 179 51.67 2.79 -0.56
CA TYR G 179 51.35 1.38 -0.69
C TYR G 179 52.19 0.82 -1.82
N ARG G 180 52.74 -0.39 -1.62
CA ARG G 180 53.55 -1.02 -2.64
C ARG G 180 52.92 -2.30 -3.15
N ASP G 181 52.83 -2.41 -4.47
CA ASP G 181 52.25 -3.56 -5.13
C ASP G 181 53.02 -4.85 -4.82
N ASP G 182 54.18 -4.71 -4.21
CA ASP G 182 55.02 -5.87 -3.89
C ASP G 182 55.38 -6.06 -2.43
N LEU G 183 54.70 -5.36 -1.52
CA LEU G 183 54.98 -5.48 -0.10
C LEU G 183 54.89 -6.93 0.37
N SER G 184 55.46 -7.18 1.55
CA SER G 184 55.43 -8.52 2.14
C SER G 184 54.33 -8.55 3.19
N PHE G 185 53.90 -9.74 3.58
CA PHE G 185 52.85 -9.87 4.57
C PHE G 185 53.13 -8.97 5.77
N ASP G 186 54.30 -9.11 6.36
CA ASP G 186 54.67 -8.32 7.53
C ASP G 186 54.75 -6.84 7.22
N ASP G 187 55.13 -6.49 6.00
CA ASP G 187 55.20 -5.08 5.63
C ASP G 187 53.79 -4.56 5.53
N ALA G 188 52.94 -5.32 4.84
CA ALA G 188 51.54 -4.96 4.66
C ALA G 188 50.92 -4.78 6.05
N MET G 189 51.24 -5.69 6.95
CA MET G 189 50.72 -5.63 8.32
C MET G 189 51.11 -4.31 8.97
N VAL G 190 52.40 -4.02 8.99
CA VAL G 190 52.89 -2.79 9.61
C VAL G 190 52.29 -1.56 8.93
N LEU G 191 52.33 -1.54 7.61
CA LEU G 191 51.80 -0.42 6.86
C LEU G 191 50.35 -0.18 7.28
N GLY G 192 49.62 -1.29 7.46
CA GLY G 192 48.23 -1.21 7.87
C GLY G 192 48.08 -0.58 9.24
N LEU G 193 48.89 -1.02 10.21
CA LEU G 193 48.82 -0.47 11.56
C LEU G 193 49.21 1.00 11.55
N VAL G 194 50.18 1.36 10.74
CA VAL G 194 50.61 2.75 10.68
C VAL G 194 49.41 3.57 10.26
N ALA G 195 48.75 3.15 9.18
CA ALA G 195 47.57 3.83 8.67
C ALA G 195 46.59 4.07 9.80
N MET G 196 46.23 3.01 10.51
CA MET G 196 45.30 3.11 11.62
C MET G 196 45.79 4.20 12.56
N GLY G 197 47.11 4.22 12.77
CA GLY G 197 47.73 5.19 13.63
C GLY G 197 47.45 6.62 13.21
N LEU G 198 47.80 6.97 11.98
CA LEU G 198 47.54 8.31 11.49
C LEU G 198 46.06 8.59 11.68
N SER G 199 45.24 7.61 11.28
CA SER G 199 43.79 7.70 11.37
C SER G 199 43.34 8.20 12.73
N ILE G 200 43.89 7.60 13.77
CA ILE G 200 43.55 7.95 15.15
C ILE G 200 44.40 9.09 15.70
N GLU G 201 45.53 9.37 15.05
CA GLU G 201 46.42 10.42 15.49
C GLU G 201 46.97 10.07 16.86
N SER G 202 47.43 8.83 17.00
CA SER G 202 47.97 8.34 18.25
C SER G 202 48.65 6.99 18.06
N GLU G 203 49.67 6.71 18.87
CA GLU G 203 50.35 5.43 18.77
C GLU G 203 49.32 4.37 19.12
N LEU G 204 49.49 3.18 18.55
CA LEU G 204 48.53 2.12 18.79
C LEU G 204 48.75 1.33 20.08
N VAL G 205 47.68 0.68 20.52
CA VAL G 205 47.68 -0.15 21.72
C VAL G 205 47.11 -1.49 21.24
N PRO G 206 47.98 -2.46 20.97
CA PRO G 206 47.62 -3.79 20.49
C PRO G 206 46.32 -4.38 21.00
N GLU G 207 45.91 -3.98 22.20
CA GLU G 207 44.68 -4.52 22.77
C GLU G 207 43.42 -3.78 22.35
N ASN G 208 43.56 -2.63 21.69
CA ASN G 208 42.39 -1.89 21.24
C ASN G 208 42.30 -1.81 19.71
N ILE G 209 42.74 -2.87 19.05
CA ILE G 209 42.70 -3.00 17.60
C ILE G 209 42.61 -4.50 17.30
N GLU G 210 41.77 -4.88 16.34
CA GLU G 210 41.62 -6.29 16.00
C GLU G 210 42.15 -6.58 14.60
N VAL G 211 42.91 -7.66 14.46
CA VAL G 211 43.47 -8.01 13.18
C VAL G 211 43.21 -9.47 12.80
N GLY G 212 42.76 -9.68 11.57
CA GLY G 212 42.49 -11.01 11.08
C GLY G 212 43.10 -11.08 9.69
N TYR G 213 43.35 -12.28 9.18
CA TYR G 213 43.93 -12.41 7.85
C TYR G 213 43.72 -13.77 7.23
N VAL G 214 44.05 -13.86 5.95
CA VAL G 214 43.93 -15.11 5.21
C VAL G 214 45.09 -15.17 4.23
N LYS G 215 45.99 -16.12 4.44
CA LYS G 215 47.15 -16.28 3.57
C LYS G 215 46.91 -17.31 2.47
N VAL G 216 47.66 -17.16 1.39
CA VAL G 216 47.57 -18.05 0.23
C VAL G 216 47.90 -19.51 0.53
N ASP G 217 48.78 -19.74 1.49
CA ASP G 217 49.15 -21.11 1.84
C ASP G 217 48.04 -21.88 2.54
N ASP G 218 47.56 -21.37 3.68
CA ASP G 218 46.52 -22.02 4.45
C ASP G 218 45.11 -21.83 3.91
N ARG G 219 44.84 -20.66 3.34
CA ARG G 219 43.50 -20.35 2.85
C ARG G 219 42.57 -20.51 4.03
N THR G 220 43.11 -20.29 5.22
CA THR G 220 42.37 -20.41 6.46
C THR G 220 42.41 -19.12 7.27
N PHE G 221 41.24 -18.56 7.54
CA PHE G 221 41.16 -17.34 8.30
C PHE G 221 41.58 -17.56 9.74
N LYS G 222 42.23 -16.55 10.32
CA LYS G 222 42.65 -16.61 11.71
C LYS G 222 42.96 -15.22 12.24
N GLU G 223 42.60 -15.01 13.50
CA GLU G 223 42.78 -13.73 14.16
C GLU G 223 44.17 -13.73 14.82
N VAL G 224 44.78 -12.55 14.96
CA VAL G 224 46.10 -12.48 15.58
C VAL G 224 45.98 -12.06 17.03
N SER G 225 46.63 -12.80 17.92
CA SER G 225 46.59 -12.51 19.35
C SER G 225 47.37 -11.23 19.63
N PRO G 226 46.95 -10.46 20.65
CA PRO G 226 47.65 -9.22 20.98
C PRO G 226 49.13 -9.45 21.25
N GLU G 227 49.48 -10.69 21.56
CA GLU G 227 50.86 -11.05 21.84
C GLU G 227 51.64 -11.18 20.52
N GLU G 228 51.05 -11.87 19.56
CA GLU G 228 51.68 -12.04 18.25
C GLU G 228 51.62 -10.70 17.53
N LEU G 229 50.72 -9.85 18.00
CA LEU G 229 50.50 -8.53 17.41
C LEU G 229 51.36 -7.43 18.02
N LYS G 230 51.78 -7.61 19.27
CA LYS G 230 52.59 -6.59 19.95
C LYS G 230 53.85 -6.17 19.17
N PRO G 231 54.62 -7.14 18.65
CA PRO G 231 55.82 -6.75 17.90
C PRO G 231 55.52 -5.83 16.72
N TYR G 232 54.43 -6.10 16.01
CA TYR G 232 54.04 -5.29 14.86
C TYR G 232 53.63 -3.88 15.27
N VAL G 233 52.96 -3.77 16.41
CA VAL G 233 52.53 -2.46 16.90
C VAL G 233 53.74 -1.61 17.25
N GLU G 234 54.70 -2.23 17.94
CA GLU G 234 55.93 -1.56 18.35
C GLU G 234 56.60 -0.94 17.14
N ARG G 235 56.78 -1.72 16.09
CA ARG G 235 57.40 -1.20 14.88
C ARG G 235 56.52 -0.14 14.25
N ALA G 236 55.20 -0.38 14.25
CA ALA G 236 54.26 0.56 13.69
C ALA G 236 54.29 1.89 14.43
N ASN G 237 54.25 1.83 15.75
CA ASN G 237 54.27 3.04 16.57
C ASN G 237 55.52 3.88 16.32
N GLU G 238 56.60 3.21 15.92
CA GLU G 238 57.84 3.92 15.65
C GLU G 238 57.60 4.95 14.55
N ARG G 239 57.13 4.47 13.40
CA ARG G 239 56.86 5.35 12.26
C ARG G 239 55.70 6.30 12.52
N ILE G 240 54.68 5.83 13.24
CA ILE G 240 53.54 6.67 13.55
C ILE G 240 54.06 7.85 14.34
N ARG G 241 54.93 7.55 15.30
CA ARG G 241 55.53 8.57 16.15
C ARG G 241 56.34 9.51 15.27
N GLU G 242 57.14 8.92 14.38
CA GLU G 242 57.98 9.69 13.47
C GLU G 242 57.19 10.60 12.53
N LEU G 243 56.01 10.15 12.11
CA LEU G 243 55.19 10.94 11.20
C LEU G 243 54.23 11.88 11.91
N LEU G 244 53.66 11.44 13.03
CA LEU G 244 52.74 12.27 13.78
C LEU G 244 53.50 13.49 14.32
N LYS G 245 53.17 14.66 13.80
CA LYS G 245 53.81 15.90 14.23
C LYS G 245 55.33 15.76 14.28
N LYS G 246 56.00 16.17 13.20
CA LYS G 246 57.44 16.07 13.11
C LYS G 246 58.11 17.08 14.06
#